data_2LVS
#
_entry.id   2LVS
#
_entity_poly.entity_id   1
_entity_poly.type   'polypeptide(L)'
_entity_poly.pdbx_seq_one_letter_code
;MPSVNDSLDIVEKLYKDGVPVKEIAKRSNNSMSTVYKALEKLEAMGRIKRRKGRYRQHRRLTEEELATIRELYLKGATVY
EIARQLGRPESTIYYALKKLGLKLE
;
_entity_poly.pdbx_strand_id   A
#
# COMPACT_ATOMS: atom_id res chain seq x y z
N MET A 1 1.13 -3.22 27.46
CA MET A 1 0.77 -3.40 26.06
C MET A 1 1.33 -4.70 25.52
N PRO A 2 0.71 -5.20 24.44
CA PRO A 2 1.13 -6.46 23.80
C PRO A 2 2.47 -6.32 23.09
N SER A 3 3.30 -7.36 23.17
CA SER A 3 4.60 -7.35 22.53
C SER A 3 4.56 -8.10 21.20
N VAL A 4 3.84 -9.21 21.17
CA VAL A 4 3.73 -10.02 19.97
C VAL A 4 3.09 -9.22 18.83
N ASN A 5 2.16 -8.33 19.19
CA ASN A 5 1.48 -7.50 18.20
C ASN A 5 2.41 -6.42 17.65
N ASP A 6 3.34 -5.98 18.49
CA ASP A 6 4.30 -4.95 18.08
C ASP A 6 5.09 -5.41 16.85
N SER A 7 5.73 -6.57 16.96
CA SER A 7 6.53 -7.11 15.87
C SER A 7 5.68 -7.27 14.61
N LEU A 8 4.40 -7.58 14.80
CA LEU A 8 3.49 -7.78 13.67
C LEU A 8 3.47 -6.54 12.77
N ASP A 9 3.69 -5.37 13.38
CA ASP A 9 3.71 -4.13 12.62
C ASP A 9 4.98 -4.02 11.78
N ILE A 10 6.06 -4.60 12.28
CA ILE A 10 7.34 -4.57 11.59
C ILE A 10 7.36 -5.57 10.43
N VAL A 11 7.05 -6.82 10.74
CA VAL A 11 7.03 -7.87 9.73
C VAL A 11 6.15 -7.49 8.55
N GLU A 12 4.96 -6.98 8.85
CA GLU A 12 4.02 -6.57 7.82
C GLU A 12 4.49 -5.31 7.11
N LYS A 13 5.17 -4.44 7.86
CA LYS A 13 5.69 -3.20 7.29
C LYS A 13 6.69 -3.49 6.17
N LEU A 14 7.39 -4.60 6.29
CA LEU A 14 8.39 -4.99 5.29
C LEU A 14 7.70 -5.45 4.00
N TYR A 15 6.78 -6.40 4.14
CA TYR A 15 6.06 -6.93 2.98
C TYR A 15 5.41 -5.80 2.19
N LYS A 16 4.59 -5.00 2.86
CA LYS A 16 3.91 -3.88 2.21
C LYS A 16 4.91 -2.89 1.62
N ASP A 17 6.09 -2.83 2.24
CA ASP A 17 7.14 -1.92 1.77
C ASP A 17 7.76 -2.43 0.48
N GLY A 18 7.60 -3.73 0.21
CA GLY A 18 8.15 -4.32 -0.99
C GLY A 18 9.22 -5.35 -0.70
N VAL A 19 8.92 -6.27 0.22
CA VAL A 19 9.86 -7.31 0.59
C VAL A 19 9.27 -8.69 0.37
N PRO A 20 10.05 -9.58 -0.26
CA PRO A 20 9.64 -10.95 -0.56
C PRO A 20 9.52 -11.81 0.71
N VAL A 21 8.62 -12.78 0.66
CA VAL A 21 8.40 -13.67 1.81
C VAL A 21 9.72 -14.25 2.30
N LYS A 22 10.53 -14.75 1.37
CA LYS A 22 11.82 -15.32 1.71
C LYS A 22 12.65 -14.37 2.56
N GLU A 23 12.60 -13.09 2.22
CA GLU A 23 13.33 -12.07 2.96
C GLU A 23 12.64 -11.74 4.27
N ILE A 24 11.33 -11.54 4.22
CA ILE A 24 10.55 -11.22 5.41
C ILE A 24 10.77 -12.25 6.50
N ALA A 25 10.87 -13.51 6.10
CA ALA A 25 11.09 -14.60 7.05
C ALA A 25 12.34 -14.36 7.88
N LYS A 26 13.41 -13.93 7.22
CA LYS A 26 14.67 -13.66 7.89
C LYS A 26 14.57 -12.42 8.78
N ARG A 27 14.06 -11.34 8.21
CA ARG A 27 13.90 -10.09 8.94
C ARG A 27 13.05 -10.29 10.20
N SER A 28 11.90 -10.93 10.04
CA SER A 28 11.01 -11.19 11.15
C SER A 28 11.48 -12.39 11.97
N ASN A 29 12.46 -13.12 11.43
CA ASN A 29 13.00 -14.28 12.10
C ASN A 29 11.94 -15.37 12.27
N ASN A 30 11.00 -15.42 11.33
CA ASN A 30 9.93 -16.40 11.37
C ASN A 30 10.07 -17.41 10.23
N SER A 31 9.12 -18.34 10.16
CA SER A 31 9.14 -19.37 9.12
C SER A 31 8.27 -18.94 7.94
N MET A 32 8.53 -19.54 6.78
CA MET A 32 7.76 -19.23 5.57
C MET A 32 6.27 -19.41 5.81
N SER A 33 5.92 -20.39 6.63
CA SER A 33 4.52 -20.67 6.94
C SER A 33 3.99 -19.69 7.98
N THR A 34 4.90 -19.07 8.73
CA THR A 34 4.52 -18.11 9.75
C THR A 34 4.33 -16.72 9.15
N VAL A 35 5.31 -16.26 8.39
CA VAL A 35 5.24 -14.95 7.76
C VAL A 35 4.09 -14.88 6.76
N TYR A 36 4.08 -15.79 5.80
CA TYR A 36 3.03 -15.82 4.78
C TYR A 36 1.66 -15.84 5.43
N LYS A 37 1.53 -16.58 6.52
CA LYS A 37 0.26 -16.69 7.24
C LYS A 37 -0.18 -15.32 7.76
N ALA A 38 0.79 -14.46 8.06
CA ALA A 38 0.48 -13.13 8.55
C ALA A 38 0.07 -12.20 7.41
N LEU A 39 0.79 -12.27 6.30
CA LEU A 39 0.49 -11.44 5.14
C LEU A 39 -0.96 -11.62 4.70
N GLU A 40 -1.37 -12.87 4.54
CA GLU A 40 -2.74 -13.18 4.12
C GLU A 40 -3.75 -12.60 5.10
N LYS A 41 -3.35 -12.51 6.36
CA LYS A 41 -4.22 -11.97 7.40
C LYS A 41 -4.25 -10.45 7.34
N LEU A 42 -3.09 -9.85 7.09
CA LEU A 42 -2.98 -8.40 7.02
C LEU A 42 -3.68 -7.86 5.77
N GLU A 43 -3.36 -8.44 4.63
CA GLU A 43 -3.96 -8.03 3.37
C GLU A 43 -5.48 -8.07 3.44
N ALA A 44 -6.00 -9.04 4.20
CA ALA A 44 -7.44 -9.19 4.36
C ALA A 44 -8.03 -8.02 5.14
N MET A 45 -7.20 -7.37 5.95
CA MET A 45 -7.65 -6.24 6.75
C MET A 45 -7.30 -4.92 6.06
N GLY A 46 -6.28 -4.95 5.22
CA GLY A 46 -5.86 -3.75 4.51
C GLY A 46 -4.69 -3.05 5.19
N ARG A 47 -3.90 -3.82 5.93
CA ARG A 47 -2.74 -3.27 6.62
C ARG A 47 -1.55 -3.16 5.68
N ILE A 48 -1.31 -4.20 4.91
CA ILE A 48 -0.20 -4.21 3.96
C ILE A 48 -0.65 -3.75 2.58
N LYS A 49 -1.94 -3.90 2.30
CA LYS A 49 -2.50 -3.50 1.01
C LYS A 49 -2.70 -1.99 0.96
N ARG A 50 -2.94 -1.46 -0.24
CA ARG A 50 -3.15 -0.04 -0.43
C ARG A 50 -1.96 0.76 0.09
N ARG A 51 -0.76 0.35 -0.31
CA ARG A 51 0.46 1.03 0.10
C ARG A 51 1.47 1.12 -1.04
N LYS A 52 1.76 2.35 -1.45
CA LYS A 52 2.71 2.58 -2.54
C LYS A 52 3.57 3.80 -2.26
N GLY A 53 4.61 3.99 -3.08
CA GLY A 53 5.50 5.12 -2.91
C GLY A 53 6.93 4.80 -3.24
N ARG A 54 7.86 5.53 -2.65
CA ARG A 54 9.29 5.31 -2.89
C ARG A 54 9.98 4.79 -1.64
N TYR A 55 10.64 3.65 -1.77
CA TYR A 55 11.35 3.04 -0.66
C TYR A 55 12.58 2.27 -1.13
N ARG A 56 13.67 2.39 -0.38
CA ARG A 56 14.91 1.70 -0.73
C ARG A 56 14.86 0.24 -0.29
N GLN A 57 15.57 -0.61 -1.04
CA GLN A 57 15.62 -2.03 -0.72
C GLN A 57 17.02 -2.59 -0.91
N HIS A 58 17.26 -3.78 -0.37
CA HIS A 58 18.56 -4.42 -0.49
C HIS A 58 18.59 -5.42 -1.65
N ARG A 59 18.01 -5.01 -2.77
CA ARG A 59 17.96 -5.86 -3.96
C ARG A 59 18.52 -5.13 -5.18
N ARG A 60 19.54 -5.70 -5.79
CA ARG A 60 20.16 -5.09 -6.97
C ARG A 60 20.53 -6.16 -8.00
N LEU A 61 20.21 -5.90 -9.26
CA LEU A 61 20.50 -6.84 -10.34
C LEU A 61 19.83 -8.19 -10.08
N THR A 62 18.78 -8.17 -9.26
CA THR A 62 18.05 -9.39 -8.94
C THR A 62 17.16 -9.81 -10.10
N GLU A 63 16.64 -11.05 -10.03
CA GLU A 63 15.78 -11.57 -11.07
C GLU A 63 14.62 -10.61 -11.36
N GLU A 64 14.15 -9.92 -10.32
CA GLU A 64 13.06 -8.98 -10.47
C GLU A 64 13.52 -7.72 -11.20
N GLU A 65 14.73 -7.26 -10.88
CA GLU A 65 15.28 -6.07 -11.52
C GLU A 65 15.65 -6.35 -12.97
N LEU A 66 16.16 -7.55 -13.22
CA LEU A 66 16.55 -7.94 -14.57
C LEU A 66 15.38 -7.91 -15.53
N ALA A 67 14.18 -8.16 -14.99
CA ALA A 67 12.96 -8.15 -15.79
C ALA A 67 12.47 -6.72 -16.03
N THR A 68 12.81 -5.83 -15.10
CA THR A 68 12.40 -4.43 -15.20
C THR A 68 13.35 -3.64 -16.09
N ILE A 69 14.64 -3.94 -15.99
CA ILE A 69 15.65 -3.26 -16.79
C ILE A 69 15.45 -3.53 -18.28
N ARG A 70 15.07 -4.78 -18.59
CA ARG A 70 14.84 -5.17 -19.98
C ARG A 70 13.81 -4.26 -20.64
N GLU A 71 12.97 -3.64 -19.84
CA GLU A 71 11.93 -2.75 -20.35
C GLU A 71 12.54 -1.68 -21.24
N LEU A 72 13.77 -1.29 -20.95
CA LEU A 72 14.47 -0.28 -21.74
C LEU A 72 14.46 -0.63 -23.22
N TYR A 73 14.27 -1.92 -23.51
CA TYR A 73 14.24 -2.38 -24.89
C TYR A 73 12.90 -2.07 -25.54
N LEU A 74 11.82 -2.26 -24.80
CA LEU A 74 10.47 -1.99 -25.30
C LEU A 74 10.23 -0.49 -25.42
N LYS A 75 10.66 0.26 -24.42
CA LYS A 75 10.49 1.71 -24.41
C LYS A 75 11.58 2.39 -25.23
N GLY A 76 12.69 1.67 -25.45
CA GLY A 76 13.79 2.22 -26.21
C GLY A 76 14.65 3.17 -25.40
N ALA A 77 14.47 3.13 -24.08
CA ALA A 77 15.25 3.99 -23.18
C ALA A 77 16.74 3.76 -23.36
N THR A 78 17.54 4.65 -22.76
CA THR A 78 18.99 4.55 -22.85
C THR A 78 19.60 4.21 -21.49
N VAL A 79 20.93 4.05 -21.46
CA VAL A 79 21.63 3.73 -20.22
C VAL A 79 21.33 4.77 -19.15
N TYR A 80 21.15 6.02 -19.56
CA TYR A 80 20.86 7.10 -18.62
C TYR A 80 19.45 6.96 -18.06
N GLU A 81 18.56 6.36 -18.83
CA GLU A 81 17.18 6.17 -18.41
C GLU A 81 17.08 5.06 -17.37
N ILE A 82 17.60 3.89 -17.71
CA ILE A 82 17.58 2.75 -16.80
C ILE A 82 18.21 3.10 -15.45
N ALA A 83 19.19 3.99 -15.49
CA ALA A 83 19.88 4.41 -14.27
C ALA A 83 18.90 4.96 -13.24
N ARG A 84 18.02 5.85 -13.68
CA ARG A 84 17.03 6.44 -12.80
C ARG A 84 15.94 5.44 -12.45
N GLN A 85 15.67 4.51 -13.37
CA GLN A 85 14.66 3.49 -13.16
C GLN A 85 15.08 2.52 -12.05
N LEU A 86 16.25 1.92 -12.21
CA LEU A 86 16.76 0.97 -11.23
C LEU A 86 17.19 1.69 -9.95
N GLY A 87 17.39 3.00 -10.06
CA GLY A 87 17.79 3.78 -8.90
C GLY A 87 19.29 3.78 -8.69
N ARG A 88 20.03 3.45 -9.75
CA ARG A 88 21.48 3.41 -9.69
C ARG A 88 22.10 4.55 -10.50
N PRO A 89 23.30 4.98 -10.10
CA PRO A 89 24.02 6.06 -10.77
C PRO A 89 24.51 5.65 -12.17
N GLU A 90 25.20 4.52 -12.24
CA GLU A 90 25.71 4.02 -13.51
C GLU A 90 26.53 2.75 -13.31
N SER A 91 27.36 2.74 -12.27
CA SER A 91 28.20 1.59 -11.96
C SER A 91 27.37 0.31 -11.92
N THR A 92 26.31 0.33 -11.11
CA THR A 92 25.44 -0.83 -10.98
C THR A 92 24.96 -1.32 -12.33
N ILE A 93 24.47 -0.40 -13.15
CA ILE A 93 23.98 -0.75 -14.49
C ILE A 93 25.03 -1.54 -15.27
N TYR A 94 26.29 -1.13 -15.16
CA TYR A 94 27.38 -1.80 -15.85
C TYR A 94 27.44 -3.27 -15.45
N TYR A 95 27.20 -3.56 -14.17
CA TYR A 95 27.23 -4.93 -13.67
C TYR A 95 26.09 -5.75 -14.27
N ALA A 96 24.95 -5.10 -14.47
CA ALA A 96 23.78 -5.77 -15.03
C ALA A 96 24.10 -6.35 -16.40
N LEU A 97 24.54 -5.50 -17.32
CA LEU A 97 24.87 -5.93 -18.68
C LEU A 97 26.12 -6.81 -18.67
N LYS A 98 27.16 -6.35 -17.98
CA LYS A 98 28.41 -7.10 -17.89
C LYS A 98 28.15 -8.53 -17.43
N LYS A 99 27.56 -8.67 -16.24
CA LYS A 99 27.26 -9.97 -15.68
C LYS A 99 26.40 -10.80 -16.63
N LEU A 100 25.64 -10.11 -17.47
CA LEU A 100 24.77 -10.77 -18.44
C LEU A 100 25.59 -11.36 -19.60
N GLY A 101 26.76 -10.76 -19.84
CA GLY A 101 27.61 -11.24 -20.91
C GLY A 101 27.33 -10.55 -22.24
N LEU A 102 26.73 -9.36 -22.16
CA LEU A 102 26.41 -8.60 -23.36
C LEU A 102 27.40 -7.45 -23.56
N LYS A 103 27.13 -6.62 -24.56
CA LYS A 103 27.99 -5.48 -24.85
C LYS A 103 27.42 -4.19 -24.27
N LEU A 104 28.30 -3.31 -23.81
CA LEU A 104 27.88 -2.04 -23.23
C LEU A 104 28.99 -1.00 -23.32
N GLU A 105 28.69 0.23 -22.92
CA GLU A 105 29.66 1.30 -22.95
C GLU A 105 29.32 2.39 -21.93
N MET A 1 -4.97 -4.92 23.31
CA MET A 1 -3.65 -4.31 23.35
C MET A 1 -2.57 -5.37 23.53
N PRO A 2 -2.35 -6.17 22.48
CA PRO A 2 -1.35 -7.24 22.47
C PRO A 2 0.08 -6.70 22.48
N SER A 3 1.04 -7.56 22.74
CA SER A 3 2.45 -7.17 22.77
C SER A 3 3.20 -7.75 21.58
N VAL A 4 2.98 -9.03 21.31
CA VAL A 4 3.63 -9.70 20.19
C VAL A 4 3.27 -9.06 18.87
N ASN A 5 2.06 -8.50 18.80
CA ASN A 5 1.60 -7.84 17.59
C ASN A 5 2.50 -6.67 17.21
N ASP A 6 3.14 -6.07 18.22
CA ASP A 6 4.04 -4.95 17.99
C ASP A 6 5.11 -5.30 16.97
N SER A 7 5.70 -6.49 17.12
CA SER A 7 6.73 -6.94 16.20
C SER A 7 6.16 -7.20 14.81
N LEU A 8 4.95 -7.75 14.76
CA LEU A 8 4.29 -8.04 13.50
C LEU A 8 4.17 -6.79 12.63
N ASP A 9 3.95 -5.65 13.29
CA ASP A 9 3.82 -4.38 12.58
C ASP A 9 5.06 -4.10 11.74
N ILE A 10 6.23 -4.54 12.23
CA ILE A 10 7.47 -4.33 11.52
C ILE A 10 7.66 -5.37 10.41
N VAL A 11 7.44 -6.63 10.76
CA VAL A 11 7.57 -7.73 9.79
C VAL A 11 6.71 -7.48 8.56
N GLU A 12 5.43 -7.20 8.78
CA GLU A 12 4.51 -6.94 7.69
C GLU A 12 4.93 -5.71 6.90
N LYS A 13 5.51 -4.73 7.59
CA LYS A 13 5.95 -3.51 6.95
C LYS A 13 6.86 -3.81 5.77
N LEU A 14 7.59 -4.92 5.85
CA LEU A 14 8.49 -5.32 4.78
C LEU A 14 7.71 -5.76 3.54
N TYR A 15 6.71 -6.60 3.75
CA TYR A 15 5.88 -7.11 2.66
C TYR A 15 5.15 -5.95 1.97
N LYS A 16 4.42 -5.17 2.75
CA LYS A 16 3.67 -4.04 2.21
C LYS A 16 4.60 -3.03 1.55
N ASP A 17 5.89 -3.11 1.88
CA ASP A 17 6.88 -2.21 1.30
C ASP A 17 7.40 -2.76 -0.02
N GLY A 18 7.38 -4.08 -0.16
CA GLY A 18 7.86 -4.71 -1.38
C GLY A 18 8.94 -5.73 -1.12
N VAL A 19 8.80 -6.47 -0.03
CA VAL A 19 9.78 -7.50 0.34
C VAL A 19 9.18 -8.89 0.23
N PRO A 20 9.93 -9.81 -0.42
CA PRO A 20 9.49 -11.19 -0.61
C PRO A 20 9.46 -11.98 0.69
N VAL A 21 8.58 -12.97 0.76
CA VAL A 21 8.46 -13.80 1.95
C VAL A 21 9.81 -14.36 2.38
N LYS A 22 10.55 -14.89 1.41
CA LYS A 22 11.86 -15.46 1.68
C LYS A 22 12.75 -14.46 2.42
N GLU A 23 12.65 -13.20 2.03
CA GLU A 23 13.45 -12.14 2.67
C GLU A 23 12.86 -11.76 4.03
N ILE A 24 11.54 -11.60 4.07
CA ILE A 24 10.86 -11.25 5.31
C ILE A 24 11.11 -12.27 6.39
N ALA A 25 11.13 -13.55 6.02
CA ALA A 25 11.36 -14.62 6.96
C ALA A 25 12.69 -14.44 7.69
N LYS A 26 13.74 -14.13 6.94
CA LYS A 26 15.05 -13.92 7.52
C LYS A 26 15.10 -12.63 8.33
N ARG A 27 14.31 -11.65 7.91
CA ARG A 27 14.26 -10.37 8.60
C ARG A 27 13.59 -10.51 9.96
N SER A 28 12.41 -11.14 9.98
CA SER A 28 11.66 -11.33 11.21
C SER A 28 12.11 -12.62 11.91
N ASN A 29 13.08 -13.31 11.32
CA ASN A 29 13.59 -14.54 11.89
C ASN A 29 12.47 -15.58 12.03
N ASN A 30 11.47 -15.49 11.16
CA ASN A 30 10.34 -16.41 11.18
C ASN A 30 10.40 -17.36 9.99
N SER A 31 9.42 -18.25 9.91
CA SER A 31 9.36 -19.23 8.82
C SER A 31 8.39 -18.75 7.74
N MET A 32 8.56 -19.30 6.53
CA MET A 32 7.70 -18.94 5.41
C MET A 32 6.23 -19.14 5.76
N SER A 33 5.96 -20.14 6.59
CA SER A 33 4.59 -20.44 6.99
C SER A 33 4.13 -19.48 8.09
N THR A 34 5.09 -18.90 8.79
CA THR A 34 4.78 -17.96 9.87
C THR A 34 4.56 -16.56 9.32
N VAL A 35 5.50 -16.09 8.52
CA VAL A 35 5.40 -14.75 7.93
C VAL A 35 4.20 -14.64 7.01
N TYR A 36 4.14 -15.52 6.02
CA TYR A 36 3.03 -15.53 5.06
C TYR A 36 1.69 -15.55 5.78
N LYS A 37 1.61 -16.33 6.85
CA LYS A 37 0.39 -16.44 7.64
C LYS A 37 -0.01 -15.09 8.21
N ALA A 38 0.99 -14.25 8.49
CA ALA A 38 0.73 -12.93 9.04
C ALA A 38 0.26 -11.96 7.97
N LEU A 39 0.88 -12.03 6.80
CA LEU A 39 0.53 -11.16 5.68
C LEU A 39 -0.93 -11.38 5.28
N GLU A 40 -1.31 -12.64 5.07
CA GLU A 40 -2.66 -12.98 4.68
C GLU A 40 -3.67 -12.42 5.68
N LYS A 41 -3.24 -12.24 6.92
CA LYS A 41 -4.10 -11.72 7.97
C LYS A 41 -4.24 -10.20 7.86
N LEU A 42 -3.10 -9.52 7.76
CA LEU A 42 -3.10 -8.07 7.64
C LEU A 42 -3.77 -7.62 6.34
N GLU A 43 -3.37 -8.25 5.23
CA GLU A 43 -3.94 -7.92 3.94
C GLU A 43 -5.46 -8.00 3.96
N ALA A 44 -5.98 -9.06 4.57
CA ALA A 44 -7.42 -9.26 4.67
C ALA A 44 -8.09 -8.09 5.39
N MET A 45 -7.30 -7.39 6.21
CA MET A 45 -7.82 -6.25 6.96
C MET A 45 -7.51 -4.94 6.24
N GLY A 46 -6.49 -4.95 5.40
CA GLY A 46 -6.10 -3.76 4.66
C GLY A 46 -5.02 -2.97 5.37
N ARG A 47 -4.14 -3.66 6.07
CA ARG A 47 -3.05 -3.02 6.79
C ARG A 47 -1.80 -2.93 5.92
N ILE A 48 -1.56 -3.98 5.14
CA ILE A 48 -0.39 -4.01 4.26
C ILE A 48 -0.74 -3.54 2.85
N LYS A 49 -1.79 -2.73 2.76
CA LYS A 49 -2.24 -2.21 1.47
C LYS A 49 -2.61 -0.73 1.59
N ARG A 50 -2.53 -0.01 0.47
CA ARG A 50 -2.86 1.41 0.45
C ARG A 50 -4.19 1.64 -0.26
N ARG A 51 -4.52 0.77 -1.21
CA ARG A 51 -5.75 0.88 -1.97
C ARG A 51 -5.82 2.22 -2.70
N LYS A 52 -5.10 2.31 -3.81
CA LYS A 52 -5.07 3.54 -4.61
C LYS A 52 -5.77 3.33 -5.94
N GLY A 53 -5.89 4.40 -6.72
CA GLY A 53 -6.53 4.31 -8.02
C GLY A 53 -5.55 4.39 -9.16
N ARG A 54 -5.21 3.25 -9.74
CA ARG A 54 -4.26 3.21 -10.86
C ARG A 54 -4.23 1.82 -11.49
N TYR A 55 -4.67 1.74 -12.75
CA TYR A 55 -4.70 0.46 -13.46
C TYR A 55 -4.56 0.68 -14.97
N ARG A 56 -5.50 1.44 -15.53
CA ARG A 56 -5.49 1.72 -16.96
C ARG A 56 -5.59 0.44 -17.77
N GLN A 57 -6.82 0.12 -18.20
CA GLN A 57 -7.05 -1.08 -18.99
C GLN A 57 -7.28 -0.74 -20.46
N HIS A 58 -8.04 0.31 -20.71
CA HIS A 58 -8.33 0.75 -22.07
C HIS A 58 -8.38 2.28 -22.15
N ARG A 59 -9.35 2.87 -21.45
CA ARG A 59 -9.51 4.31 -21.45
C ARG A 59 -9.73 4.84 -22.86
N ARG A 60 -10.98 4.81 -23.31
CA ARG A 60 -11.32 5.28 -24.64
C ARG A 60 -12.83 5.29 -24.85
N LEU A 61 -13.55 5.90 -23.90
CA LEU A 61 -15.00 5.97 -23.97
C LEU A 61 -15.62 4.59 -23.96
N THR A 62 -14.85 3.59 -23.53
CA THR A 62 -15.33 2.22 -23.47
C THR A 62 -16.34 2.03 -22.35
N GLU A 63 -17.09 0.93 -22.40
CA GLU A 63 -18.10 0.64 -21.38
C GLU A 63 -17.49 0.73 -19.99
N GLU A 64 -16.26 0.24 -19.85
CA GLU A 64 -15.56 0.26 -18.56
C GLU A 64 -15.41 1.69 -18.05
N GLU A 65 -15.16 2.62 -18.97
CA GLU A 65 -14.99 4.01 -18.61
C GLU A 65 -16.32 4.65 -18.22
N LEU A 66 -17.38 4.30 -18.94
CA LEU A 66 -18.71 4.83 -18.67
C LEU A 66 -19.10 4.58 -17.22
N ALA A 67 -18.61 3.48 -16.66
CA ALA A 67 -18.91 3.13 -15.27
C ALA A 67 -18.05 3.93 -14.30
N THR A 68 -16.89 4.37 -14.78
CA THR A 68 -15.97 5.16 -13.96
C THR A 68 -16.36 6.63 -13.94
N ILE A 69 -16.71 7.15 -15.11
CA ILE A 69 -17.10 8.55 -15.23
C ILE A 69 -18.35 8.84 -14.41
N ARG A 70 -19.28 7.89 -14.40
CA ARG A 70 -20.53 8.04 -13.65
C ARG A 70 -20.24 8.32 -12.17
N GLU A 71 -19.06 7.92 -11.72
CA GLU A 71 -18.68 8.13 -10.32
C GLU A 71 -18.84 9.59 -9.93
N LEU A 72 -18.63 10.48 -10.89
CA LEU A 72 -18.76 11.91 -10.64
C LEU A 72 -20.10 12.25 -10.01
N TYR A 73 -21.07 11.36 -10.20
CA TYR A 73 -22.41 11.56 -9.65
C TYR A 73 -22.44 11.21 -8.17
N LEU A 74 -21.67 10.18 -7.79
CA LEU A 74 -21.62 9.74 -6.40
C LEU A 74 -20.88 10.76 -5.54
N LYS A 75 -19.75 11.24 -6.04
CA LYS A 75 -18.95 12.22 -5.32
C LYS A 75 -19.45 13.64 -5.58
N GLY A 76 -20.19 13.80 -6.67
CA GLY A 76 -20.72 15.11 -7.01
C GLY A 76 -19.74 15.94 -7.80
N ALA A 77 -18.70 15.30 -8.33
CA ALA A 77 -17.68 16.00 -9.11
C ALA A 77 -18.31 16.76 -10.27
N THR A 78 -17.51 17.60 -10.92
CA THR A 78 -17.99 18.39 -12.05
C THR A 78 -17.32 17.95 -13.35
N VAL A 79 -17.73 18.56 -14.46
CA VAL A 79 -17.18 18.24 -15.77
C VAL A 79 -15.66 18.34 -15.76
N TYR A 80 -15.14 19.24 -14.92
CA TYR A 80 -13.69 19.44 -14.82
C TYR A 80 -13.03 18.26 -14.12
N GLU A 81 -13.74 17.65 -13.17
CA GLU A 81 -13.22 16.52 -12.42
C GLU A 81 -13.05 15.30 -13.34
N ILE A 82 -14.14 14.91 -13.98
CA ILE A 82 -14.12 13.76 -14.89
C ILE A 82 -13.03 13.91 -15.94
N ALA A 83 -12.76 15.16 -16.32
CA ALA A 83 -11.74 15.44 -17.33
C ALA A 83 -10.37 14.90 -16.89
N ARG A 84 -9.99 15.21 -15.66
CA ARG A 84 -8.71 14.76 -15.11
C ARG A 84 -8.74 13.27 -14.82
N GLN A 85 -9.91 12.77 -14.44
CA GLN A 85 -10.07 11.35 -14.12
C GLN A 85 -9.90 10.50 -15.37
N LEU A 86 -10.68 10.79 -16.39
CA LEU A 86 -10.61 10.04 -17.64
C LEU A 86 -9.31 10.33 -18.38
N GLY A 87 -8.66 11.43 -18.01
CA GLY A 87 -7.41 11.80 -18.65
C GLY A 87 -7.62 12.53 -19.96
N ARG A 88 -8.70 13.30 -20.05
CA ARG A 88 -9.01 14.05 -21.26
C ARG A 88 -9.16 15.54 -20.96
N PRO A 89 -8.89 16.37 -21.97
CA PRO A 89 -9.00 17.83 -21.84
C PRO A 89 -10.44 18.30 -21.70
N GLU A 90 -11.30 17.86 -22.60
CA GLU A 90 -12.71 18.23 -22.58
C GLU A 90 -13.45 17.64 -23.77
N SER A 91 -12.80 17.68 -24.94
CA SER A 91 -13.41 17.16 -26.17
C SER A 91 -13.94 15.75 -25.95
N THR A 92 -13.07 14.87 -25.47
CA THR A 92 -13.45 13.48 -25.22
C THR A 92 -14.66 13.40 -24.30
N ILE A 93 -14.60 14.12 -23.18
CA ILE A 93 -15.70 14.12 -22.22
C ILE A 93 -17.02 14.44 -22.91
N TYR A 94 -17.00 15.43 -23.79
CA TYR A 94 -18.20 15.83 -24.52
C TYR A 94 -18.74 14.69 -25.37
N TYR A 95 -17.82 13.92 -25.94
CA TYR A 95 -18.20 12.79 -26.79
C TYR A 95 -18.86 11.69 -25.96
N ALA A 96 -18.36 11.49 -24.74
CA ALA A 96 -18.90 10.47 -23.85
C ALA A 96 -20.38 10.72 -23.58
N LEU A 97 -20.70 11.91 -23.10
CA LEU A 97 -22.09 12.26 -22.80
C LEU A 97 -22.91 12.37 -24.08
N LYS A 98 -22.40 13.13 -25.05
CA LYS A 98 -23.08 13.31 -26.32
C LYS A 98 -23.45 11.97 -26.94
N LYS A 99 -22.43 11.14 -27.19
CA LYS A 99 -22.66 9.82 -27.78
C LYS A 99 -23.64 9.01 -26.94
N LEU A 100 -23.70 9.32 -25.65
CA LEU A 100 -24.60 8.60 -24.75
C LEU A 100 -26.05 9.04 -24.97
N GLY A 101 -26.23 10.26 -25.48
CA GLY A 101 -27.56 10.76 -25.73
C GLY A 101 -27.95 11.87 -24.77
N LEU A 102 -26.96 12.50 -24.17
CA LEU A 102 -27.21 13.58 -23.21
C LEU A 102 -27.38 14.92 -23.94
N LYS A 103 -26.76 15.03 -25.12
CA LYS A 103 -26.85 16.24 -25.91
C LYS A 103 -26.22 17.42 -25.17
N LEU A 104 -24.99 17.24 -24.70
CA LEU A 104 -24.27 18.29 -23.98
C LEU A 104 -24.19 19.56 -24.81
N GLU A 105 -23.75 19.42 -26.06
CA GLU A 105 -23.63 20.56 -26.95
C GLU A 105 -24.89 20.75 -27.78
N MET A 1 -1.17 -3.00 25.13
CA MET A 1 0.22 -2.85 24.74
C MET A 1 0.93 -4.20 24.72
N PRO A 2 0.55 -5.06 23.75
CA PRO A 2 1.13 -6.39 23.60
C PRO A 2 2.58 -6.34 23.13
N SER A 3 3.21 -7.51 23.06
CA SER A 3 4.60 -7.60 22.63
C SER A 3 4.71 -8.35 21.31
N VAL A 4 4.16 -9.56 21.27
CA VAL A 4 4.20 -10.38 20.05
C VAL A 4 3.61 -9.63 18.87
N ASN A 5 2.60 -8.80 19.14
CA ASN A 5 1.94 -8.02 18.09
C ASN A 5 2.87 -6.95 17.56
N ASP A 6 3.79 -6.50 18.40
CA ASP A 6 4.75 -5.47 18.01
C ASP A 6 5.57 -5.91 16.80
N SER A 7 5.86 -7.21 16.73
CA SER A 7 6.64 -7.76 15.64
C SER A 7 5.86 -7.70 14.32
N LEU A 8 4.54 -7.86 14.42
CA LEU A 8 3.68 -7.82 13.25
C LEU A 8 3.82 -6.50 12.51
N ASP A 9 4.00 -5.42 13.27
CA ASP A 9 4.15 -4.09 12.70
C ASP A 9 5.30 -4.06 11.70
N ILE A 10 6.33 -4.84 11.98
CA ILE A 10 7.51 -4.90 11.10
C ILE A 10 7.26 -5.84 9.93
N VAL A 11 6.74 -7.03 10.22
CA VAL A 11 6.47 -8.02 9.19
C VAL A 11 5.57 -7.45 8.10
N GLU A 12 4.47 -6.83 8.52
CA GLU A 12 3.53 -6.24 7.57
C GLU A 12 4.14 -5.02 6.89
N LYS A 13 4.98 -4.29 7.62
CA LYS A 13 5.64 -3.11 7.08
C LYS A 13 6.65 -3.48 6.00
N LEU A 14 7.31 -4.61 6.19
CA LEU A 14 8.29 -5.09 5.22
C LEU A 14 7.62 -5.53 3.93
N TYR A 15 6.61 -6.40 4.06
CA TYR A 15 5.89 -6.91 2.91
C TYR A 15 5.18 -5.78 2.17
N LYS A 16 4.41 -4.98 2.90
CA LYS A 16 3.68 -3.86 2.32
C LYS A 16 4.64 -2.87 1.68
N ASP A 17 5.90 -2.93 2.08
CA ASP A 17 6.93 -2.03 1.54
C ASP A 17 7.51 -2.59 0.25
N GLY A 18 7.40 -3.90 0.08
CA GLY A 18 7.92 -4.53 -1.12
C GLY A 18 9.02 -5.54 -0.82
N VAL A 19 8.77 -6.39 0.18
CA VAL A 19 9.75 -7.40 0.57
C VAL A 19 9.15 -8.80 0.46
N PRO A 20 9.92 -9.72 -0.15
CA PRO A 20 9.49 -11.11 -0.34
C PRO A 20 9.43 -11.88 0.98
N VAL A 21 8.54 -12.86 1.04
CA VAL A 21 8.39 -13.67 2.24
C VAL A 21 9.73 -14.23 2.72
N LYS A 22 10.50 -14.77 1.77
CA LYS A 22 11.81 -15.32 2.09
C LYS A 22 12.67 -14.32 2.85
N GLU A 23 12.58 -13.06 2.44
CA GLU A 23 13.35 -11.99 3.09
C GLU A 23 12.72 -11.60 4.42
N ILE A 24 11.40 -11.46 4.41
CA ILE A 24 10.66 -11.07 5.62
C ILE A 24 10.89 -12.08 6.74
N ALA A 25 10.92 -13.37 6.37
CA ALA A 25 11.14 -14.42 7.35
C ALA A 25 12.44 -14.21 8.12
N LYS A 26 13.49 -13.85 7.41
CA LYS A 26 14.79 -13.62 8.02
C LYS A 26 14.78 -12.35 8.87
N ARG A 27 14.00 -11.36 8.42
CA ARG A 27 13.89 -10.09 9.13
C ARG A 27 13.14 -10.27 10.45
N SER A 28 11.98 -10.91 10.38
CA SER A 28 11.17 -11.14 11.57
C SER A 28 11.60 -12.42 12.28
N ASN A 29 12.64 -13.07 11.75
CA ASN A 29 13.14 -14.31 12.34
C ASN A 29 12.03 -15.35 12.45
N ASN A 30 11.08 -15.29 11.53
CA ASN A 30 9.96 -16.23 11.51
C ASN A 30 10.10 -17.22 10.37
N SER A 31 9.13 -18.13 10.26
CA SER A 31 9.15 -19.14 9.21
C SER A 31 8.24 -18.73 8.05
N MET A 32 8.47 -19.32 6.88
CA MET A 32 7.66 -19.03 5.71
C MET A 32 6.18 -19.24 5.99
N SER A 33 5.87 -20.21 6.84
CA SER A 33 4.50 -20.50 7.19
C SER A 33 3.96 -19.51 8.20
N THR A 34 4.87 -18.88 8.94
CA THR A 34 4.49 -17.89 9.94
C THR A 34 4.30 -16.52 9.32
N VAL A 35 5.28 -16.07 8.54
CA VAL A 35 5.22 -14.78 7.88
C VAL A 35 4.09 -14.74 6.87
N TYR A 36 4.13 -15.65 5.91
CA TYR A 36 3.12 -15.73 4.86
C TYR A 36 1.72 -15.76 5.47
N LYS A 37 1.57 -16.50 6.56
CA LYS A 37 0.28 -16.62 7.25
C LYS A 37 -0.19 -15.26 7.73
N ALA A 38 0.76 -14.39 8.06
CA ALA A 38 0.43 -13.05 8.54
C ALA A 38 0.02 -12.14 7.39
N LEU A 39 0.75 -12.22 6.29
CA LEU A 39 0.46 -11.39 5.11
C LEU A 39 -0.98 -11.60 4.64
N GLU A 40 -1.36 -12.87 4.49
CA GLU A 40 -2.71 -13.21 4.04
C GLU A 40 -3.76 -12.64 5.00
N LYS A 41 -3.40 -12.55 6.28
CA LYS A 41 -4.30 -12.02 7.29
C LYS A 41 -4.35 -10.50 7.25
N LEU A 42 -3.20 -9.88 7.01
CA LEU A 42 -3.11 -8.43 6.94
C LEU A 42 -3.79 -7.90 5.69
N GLU A 43 -3.45 -8.49 4.54
CA GLU A 43 -4.03 -8.08 3.27
C GLU A 43 -5.55 -8.14 3.32
N ALA A 44 -6.08 -9.15 4.02
CA ALA A 44 -7.52 -9.31 4.15
C ALA A 44 -8.14 -8.15 4.92
N MET A 45 -7.32 -7.45 5.70
CA MET A 45 -7.79 -6.32 6.48
C MET A 45 -7.42 -5.00 5.81
N GLY A 46 -6.37 -5.04 4.99
CA GLY A 46 -5.94 -3.83 4.30
C GLY A 46 -4.80 -3.13 5.02
N ARG A 47 -4.04 -3.88 5.81
CA ARG A 47 -2.93 -3.31 6.56
C ARG A 47 -1.69 -3.16 5.67
N ILE A 48 -1.45 -4.16 4.84
CA ILE A 48 -0.30 -4.15 3.93
C ILE A 48 -0.69 -3.61 2.56
N LYS A 49 -1.59 -2.64 2.55
CA LYS A 49 -2.05 -2.03 1.30
C LYS A 49 -2.20 -0.52 1.44
N ARG A 50 -1.51 0.23 0.60
CA ARG A 50 -1.57 1.69 0.64
C ARG A 50 -2.01 2.24 -0.71
N ARG A 51 -1.49 1.67 -1.79
CA ARG A 51 -1.82 2.11 -3.14
C ARG A 51 -1.49 3.59 -3.32
N LYS A 52 -0.53 4.06 -2.56
CA LYS A 52 -0.11 5.47 -2.63
C LYS A 52 -1.25 6.39 -2.27
N GLY A 53 -0.96 7.69 -2.15
CA GLY A 53 -1.97 8.67 -1.81
C GLY A 53 -1.91 9.90 -2.69
N ARG A 54 -2.97 10.13 -3.46
CA ARG A 54 -3.03 11.29 -4.35
C ARG A 54 -4.06 12.30 -3.85
N TYR A 55 -5.12 11.81 -3.22
CA TYR A 55 -6.17 12.67 -2.71
C TYR A 55 -5.74 13.33 -1.39
N ARG A 56 -5.70 12.53 -0.33
CA ARG A 56 -5.32 13.03 0.98
C ARG A 56 -6.16 14.23 1.38
N GLN A 57 -5.78 14.89 2.47
CA GLN A 57 -6.50 16.05 2.95
C GLN A 57 -5.78 17.34 2.58
N HIS A 58 -4.61 17.56 3.18
CA HIS A 58 -3.82 18.75 2.90
C HIS A 58 -3.03 18.59 1.61
N ARG A 59 -3.19 19.55 0.70
CA ARG A 59 -2.49 19.50 -0.58
C ARG A 59 -1.96 20.89 -0.95
N ARG A 60 -1.64 21.69 0.06
CA ARG A 60 -1.12 23.03 -0.16
C ARG A 60 -0.39 23.53 1.08
N LEU A 61 0.07 24.78 1.02
CA LEU A 61 0.79 25.39 2.13
C LEU A 61 -0.10 25.50 3.36
N THR A 62 -1.09 26.39 3.30
CA THR A 62 -2.01 26.60 4.40
C THR A 62 -3.36 25.96 4.12
N GLU A 63 -4.25 25.98 5.11
CA GLU A 63 -5.58 25.40 4.96
C GLU A 63 -6.41 26.20 3.96
N GLU A 64 -6.14 27.50 3.89
CA GLU A 64 -6.86 28.38 2.98
C GLU A 64 -6.39 28.18 1.54
N GLU A 65 -5.12 27.83 1.38
CA GLU A 65 -4.55 27.60 0.06
C GLU A 65 -5.12 26.35 -0.58
N LEU A 66 -5.21 25.28 0.21
CA LEU A 66 -5.74 24.01 -0.28
C LEU A 66 -7.23 24.13 -0.59
N ALA A 67 -7.92 25.00 0.15
CA ALA A 67 -9.35 25.22 -0.05
C ALA A 67 -9.60 26.14 -1.25
N THR A 68 -8.66 27.02 -1.51
CA THR A 68 -8.79 27.97 -2.61
C THR A 68 -8.33 27.34 -3.93
N ILE A 69 -7.18 26.68 -3.89
CA ILE A 69 -6.63 26.03 -5.07
C ILE A 69 -7.62 25.03 -5.66
N ARG A 70 -8.34 24.33 -4.78
CA ARG A 70 -9.32 23.34 -5.22
C ARG A 70 -10.34 23.98 -6.15
N GLU A 71 -10.52 25.28 -6.04
CA GLU A 71 -11.47 26.01 -6.87
C GLU A 71 -11.22 25.73 -8.36
N LEU A 72 -9.96 25.48 -8.70
CA LEU A 72 -9.58 25.20 -10.08
C LEU A 72 -10.41 24.05 -10.65
N TYR A 73 -10.96 23.24 -9.76
CA TYR A 73 -11.78 22.10 -10.17
C TYR A 73 -13.18 22.55 -10.57
N LEU A 74 -13.75 23.45 -9.77
CA LEU A 74 -15.09 23.96 -10.04
C LEU A 74 -15.07 24.94 -11.21
N LYS A 75 -14.10 25.84 -11.22
CA LYS A 75 -13.96 26.83 -12.28
C LYS A 75 -13.27 26.23 -13.50
N GLY A 76 -12.56 25.12 -13.29
CA GLY A 76 -11.87 24.47 -14.37
C GLY A 76 -10.56 25.15 -14.72
N ALA A 77 -10.08 25.99 -13.81
CA ALA A 77 -8.82 26.70 -14.03
C ALA A 77 -7.65 25.73 -14.14
N THR A 78 -6.49 26.26 -14.49
CA THR A 78 -5.29 25.44 -14.64
C THR A 78 -4.22 25.84 -13.65
N VAL A 79 -3.09 25.14 -13.67
CA VAL A 79 -1.99 25.43 -12.77
C VAL A 79 -1.56 26.89 -12.88
N TYR A 80 -1.67 27.45 -14.07
CA TYR A 80 -1.30 28.84 -14.31
C TYR A 80 -2.32 29.79 -13.69
N GLU A 81 -3.55 29.31 -13.54
CA GLU A 81 -4.62 30.11 -12.97
C GLU A 81 -4.49 30.19 -11.46
N ILE A 82 -4.37 29.05 -10.81
CA ILE A 82 -4.24 28.99 -9.36
C ILE A 82 -3.08 29.87 -8.88
N ALA A 83 -2.06 29.99 -9.72
CA ALA A 83 -0.89 30.80 -9.39
C ALA A 83 -1.27 32.27 -9.19
N ARG A 84 -1.99 32.82 -10.17
CA ARG A 84 -2.42 34.20 -10.11
C ARG A 84 -3.55 34.39 -9.10
N GLN A 85 -4.38 33.35 -8.95
CA GLN A 85 -5.49 33.40 -8.02
C GLN A 85 -5.00 33.43 -6.58
N LEU A 86 -4.19 32.44 -6.21
CA LEU A 86 -3.64 32.35 -4.87
C LEU A 86 -2.64 33.47 -4.61
N GLY A 87 -2.15 34.07 -5.69
CA GLY A 87 -1.18 35.15 -5.57
C GLY A 87 0.21 34.65 -5.27
N ARG A 88 0.57 33.51 -5.87
CA ARG A 88 1.89 32.92 -5.66
C ARG A 88 2.53 32.55 -6.99
N PRO A 89 3.87 32.53 -7.01
CA PRO A 89 4.64 32.19 -8.22
C PRO A 89 4.51 30.72 -8.59
N GLU A 90 4.89 30.40 -9.83
CA GLU A 90 4.81 29.02 -10.31
C GLU A 90 5.60 28.08 -9.39
N SER A 91 6.58 28.63 -8.69
CA SER A 91 7.40 27.84 -7.79
C SER A 91 6.60 27.39 -6.57
N THR A 92 5.96 28.34 -5.91
CA THR A 92 5.15 28.05 -4.74
C THR A 92 4.13 26.95 -5.03
N ILE A 93 3.37 27.13 -6.10
CA ILE A 93 2.36 26.15 -6.49
C ILE A 93 3.00 24.79 -6.76
N TYR A 94 4.07 24.78 -7.54
CA TYR A 94 4.77 23.55 -7.87
C TYR A 94 5.26 22.84 -6.62
N TYR A 95 5.77 23.62 -5.66
CA TYR A 95 6.28 23.07 -4.42
C TYR A 95 5.14 22.51 -3.57
N ALA A 96 3.97 23.13 -3.68
CA ALA A 96 2.81 22.69 -2.92
C ALA A 96 2.47 21.24 -3.20
N LEU A 97 2.20 20.93 -4.47
CA LEU A 97 1.86 19.57 -4.87
C LEU A 97 3.08 18.66 -4.76
N LYS A 98 4.22 19.14 -5.27
CA LYS A 98 5.46 18.37 -5.22
C LYS A 98 5.76 17.90 -3.81
N LYS A 99 5.77 18.84 -2.87
CA LYS A 99 6.05 18.52 -1.48
C LYS A 99 5.08 17.46 -0.95
N LEU A 100 3.91 17.39 -1.57
CA LEU A 100 2.90 16.42 -1.17
C LEU A 100 3.28 15.01 -1.63
N GLY A 101 4.07 14.95 -2.72
CA GLY A 101 4.50 13.67 -3.24
C GLY A 101 3.87 13.37 -4.59
N LEU A 102 3.34 14.40 -5.24
CA LEU A 102 2.71 14.23 -6.55
C LEU A 102 3.77 14.21 -7.66
N LYS A 103 4.90 14.85 -7.40
CA LYS A 103 5.98 14.91 -8.39
C LYS A 103 5.54 15.65 -9.65
N LEU A 104 5.32 16.95 -9.52
CA LEU A 104 4.88 17.77 -10.64
C LEU A 104 6.06 18.06 -11.58
N GLU A 105 5.84 17.87 -12.87
CA GLU A 105 6.88 18.11 -13.87
C GLU A 105 7.27 19.59 -13.91
N MET A 1 -1.26 -4.36 26.70
CA MET A 1 -1.21 -4.59 25.26
C MET A 1 -0.33 -5.80 24.94
N PRO A 2 -0.52 -6.37 23.74
CA PRO A 2 0.26 -7.52 23.29
C PRO A 2 1.72 -7.17 23.00
N SER A 3 2.56 -8.20 22.92
CA SER A 3 3.98 -8.00 22.67
C SER A 3 4.35 -8.47 21.26
N VAL A 4 4.03 -9.73 20.96
CA VAL A 4 4.32 -10.31 19.66
C VAL A 4 3.76 -9.45 18.54
N ASN A 5 2.68 -8.73 18.84
CA ASN A 5 2.04 -7.86 17.85
C ASN A 5 3.02 -6.81 17.34
N ASP A 6 3.93 -6.37 18.20
CA ASP A 6 4.92 -5.38 17.84
C ASP A 6 5.74 -5.83 16.63
N SER A 7 6.00 -7.13 16.56
CA SER A 7 6.77 -7.69 15.46
C SER A 7 5.97 -7.66 14.16
N LEU A 8 4.66 -7.84 14.28
CA LEU A 8 3.78 -7.83 13.12
C LEU A 8 3.87 -6.51 12.37
N ASP A 9 4.01 -5.42 13.13
CA ASP A 9 4.12 -4.09 12.53
C ASP A 9 5.27 -4.03 11.54
N ILE A 10 6.32 -4.79 11.81
CA ILE A 10 7.49 -4.82 10.94
C ILE A 10 7.26 -5.74 9.74
N VAL A 11 6.81 -6.96 10.02
CA VAL A 11 6.54 -7.93 8.97
C VAL A 11 5.60 -7.37 7.92
N GLU A 12 4.52 -6.73 8.38
CA GLU A 12 3.54 -6.14 7.48
C GLU A 12 4.12 -4.94 6.73
N LYS A 13 5.01 -4.22 7.41
CA LYS A 13 5.65 -3.05 6.80
C LYS A 13 6.64 -3.46 5.72
N LEU A 14 7.30 -4.60 5.95
CA LEU A 14 8.28 -5.11 4.98
C LEU A 14 7.59 -5.60 3.71
N TYR A 15 6.58 -6.43 3.88
CA TYR A 15 5.84 -6.98 2.75
C TYR A 15 5.13 -5.86 1.98
N LYS A 16 4.36 -5.04 2.70
CA LYS A 16 3.64 -3.94 2.10
C LYS A 16 4.59 -2.96 1.41
N ASP A 17 5.86 -3.02 1.80
CA ASP A 17 6.87 -2.14 1.22
C ASP A 17 7.44 -2.74 -0.05
N GLY A 18 7.36 -4.06 -0.17
CA GLY A 18 7.87 -4.74 -1.34
C GLY A 18 8.99 -5.71 -1.01
N VAL A 19 8.77 -6.53 0.01
CA VAL A 19 9.77 -7.51 0.44
C VAL A 19 9.20 -8.93 0.35
N PRO A 20 9.99 -9.84 -0.22
CA PRO A 20 9.60 -11.24 -0.38
C PRO A 20 9.57 -11.99 0.95
N VAL A 21 8.72 -13.01 1.03
CA VAL A 21 8.59 -13.80 2.25
C VAL A 21 9.94 -14.32 2.71
N LYS A 22 10.76 -14.77 1.77
CA LYS A 22 12.08 -15.29 2.07
C LYS A 22 12.88 -14.30 2.90
N GLU A 23 12.77 -13.02 2.55
CA GLU A 23 13.49 -11.96 3.25
C GLU A 23 12.78 -11.61 4.56
N ILE A 24 11.47 -11.42 4.49
CA ILE A 24 10.68 -11.08 5.66
C ILE A 24 10.87 -12.11 6.78
N ALA A 25 11.00 -13.37 6.37
CA ALA A 25 11.19 -14.46 7.33
C ALA A 25 12.44 -14.23 8.18
N LYS A 26 13.53 -13.82 7.53
CA LYS A 26 14.77 -13.57 8.23
C LYS A 26 14.67 -12.31 9.09
N ARG A 27 14.18 -11.23 8.51
CA ARG A 27 14.03 -9.97 9.23
C ARG A 27 13.15 -10.15 10.46
N SER A 28 11.99 -10.78 10.27
CA SER A 28 11.06 -11.00 11.37
C SER A 28 11.48 -12.21 12.18
N ASN A 29 12.49 -12.93 11.70
CA ASN A 29 12.98 -14.12 12.38
C ASN A 29 11.88 -15.15 12.56
N ASN A 30 10.97 -15.22 11.59
CA ASN A 30 9.86 -16.16 11.63
C ASN A 30 10.00 -17.23 10.56
N SER A 31 9.05 -18.14 10.51
CA SER A 31 9.07 -19.22 9.52
C SER A 31 8.29 -18.84 8.27
N MET A 32 8.59 -19.50 7.16
CA MET A 32 7.91 -19.23 5.90
C MET A 32 6.40 -19.33 6.06
N SER A 33 5.96 -20.33 6.82
CA SER A 33 4.54 -20.54 7.05
C SER A 33 4.00 -19.55 8.07
N THR A 34 4.90 -18.94 8.84
CA THR A 34 4.52 -17.97 9.85
C THR A 34 4.35 -16.58 9.26
N VAL A 35 5.34 -16.14 8.49
CA VAL A 35 5.29 -14.83 7.86
C VAL A 35 4.13 -14.73 6.88
N TYR A 36 4.10 -15.65 5.92
CA TYR A 36 3.03 -15.66 4.92
C TYR A 36 1.66 -15.66 5.58
N LYS A 37 1.54 -16.39 6.69
CA LYS A 37 0.28 -16.46 7.43
C LYS A 37 -0.14 -15.08 7.92
N ALA A 38 0.84 -14.24 8.19
CA ALA A 38 0.57 -12.88 8.67
C ALA A 38 0.12 -11.97 7.53
N LEU A 39 0.76 -12.13 6.37
CA LEU A 39 0.42 -11.32 5.21
C LEU A 39 -1.04 -11.51 4.81
N GLU A 40 -1.45 -12.77 4.68
CA GLU A 40 -2.82 -13.09 4.31
C GLU A 40 -3.81 -12.48 5.30
N LYS A 41 -3.40 -12.40 6.56
CA LYS A 41 -4.25 -11.84 7.60
C LYS A 41 -4.24 -10.32 7.56
N LEU A 42 -3.09 -9.74 7.23
CA LEU A 42 -2.95 -8.29 7.14
C LEU A 42 -3.71 -7.75 5.94
N GLU A 43 -3.45 -8.33 4.77
CA GLU A 43 -4.10 -7.91 3.54
C GLU A 43 -5.63 -7.95 3.69
N ALA A 44 -6.12 -9.00 4.33
CA ALA A 44 -7.56 -9.15 4.54
C ALA A 44 -8.13 -7.99 5.34
N MET A 45 -7.26 -7.31 6.09
CA MET A 45 -7.68 -6.18 6.90
C MET A 45 -7.33 -4.86 6.20
N GLY A 46 -6.32 -4.90 5.34
CA GLY A 46 -5.91 -3.71 4.63
C GLY A 46 -4.74 -3.01 5.29
N ARG A 47 -3.94 -3.78 6.01
CA ARG A 47 -2.77 -3.23 6.69
C ARG A 47 -1.58 -3.10 5.74
N ILE A 48 -1.39 -4.11 4.91
CA ILE A 48 -0.29 -4.11 3.95
C ILE A 48 -0.75 -3.61 2.59
N LYS A 49 -1.65 -2.62 2.60
CA LYS A 49 -2.17 -2.04 1.37
C LYS A 49 -2.11 -0.52 1.43
N ARG A 50 -1.69 0.09 0.33
CA ARG A 50 -1.58 1.55 0.24
C ARG A 50 -2.95 2.17 -0.03
N ARG A 51 -3.77 1.46 -0.81
CA ARG A 51 -5.10 1.95 -1.16
C ARG A 51 -6.15 0.87 -0.92
N LYS A 52 -7.00 1.09 0.07
CA LYS A 52 -8.06 0.13 0.39
C LYS A 52 -9.43 0.77 0.25
N GLY A 53 -9.95 0.78 -0.98
CA GLY A 53 -11.26 1.36 -1.23
C GLY A 53 -11.26 2.87 -1.07
N ARG A 54 -10.24 3.52 -1.62
CA ARG A 54 -10.14 4.97 -1.52
C ARG A 54 -10.06 5.43 -0.07
N TYR A 55 -9.55 4.55 0.79
CA TYR A 55 -9.43 4.85 2.21
C TYR A 55 -8.01 4.58 2.70
N ARG A 56 -7.17 5.60 2.63
CA ARG A 56 -5.78 5.48 3.06
C ARG A 56 -5.54 6.27 4.35
N GLN A 57 -4.29 6.29 4.80
CA GLN A 57 -3.94 7.01 6.02
C GLN A 57 -4.71 6.47 7.21
N HIS A 58 -4.13 5.51 7.91
CA HIS A 58 -4.77 4.91 9.08
C HIS A 58 -3.72 4.24 9.98
N ARG A 59 -2.61 4.91 10.19
CA ARG A 59 -1.54 4.38 11.02
C ARG A 59 -0.48 5.44 11.30
N ARG A 60 -0.13 6.20 10.27
CA ARG A 60 0.87 7.26 10.39
C ARG A 60 2.23 6.67 10.75
N LEU A 61 3.28 7.45 10.54
CA LEU A 61 4.64 7.00 10.85
C LEU A 61 4.98 5.73 10.08
N THR A 62 4.30 5.51 8.96
CA THR A 62 4.53 4.33 8.14
C THR A 62 5.83 4.45 7.36
N GLU A 63 6.27 3.33 6.78
CA GLU A 63 7.50 3.32 6.01
C GLU A 63 7.50 4.42 4.96
N GLU A 64 6.33 4.67 4.37
CA GLU A 64 6.20 5.70 3.34
C GLU A 64 6.44 7.09 3.93
N GLU A 65 6.02 7.27 5.18
CA GLU A 65 6.19 8.55 5.85
C GLU A 65 7.66 8.80 6.20
N LEU A 66 8.35 7.74 6.61
CA LEU A 66 9.75 7.84 6.97
C LEU A 66 10.58 8.37 5.82
N ALA A 67 10.15 8.07 4.59
CA ALA A 67 10.85 8.53 3.40
C ALA A 67 10.53 9.99 3.10
N THR A 68 9.36 10.45 3.56
CA THR A 68 8.94 11.83 3.35
C THR A 68 9.55 12.76 4.39
N ILE A 69 9.58 12.31 5.64
CA ILE A 69 10.13 13.10 6.72
C ILE A 69 11.61 13.40 6.49
N ARG A 70 12.33 12.43 5.94
CA ARG A 70 13.75 12.59 5.66
C ARG A 70 13.99 13.79 4.76
N GLU A 71 12.97 14.18 4.00
CA GLU A 71 13.07 15.32 3.11
C GLU A 71 13.58 16.56 3.85
N LEU A 72 13.23 16.65 5.13
CA LEU A 72 13.65 17.79 5.95
C LEU A 72 15.15 17.98 5.88
N TYR A 73 15.87 16.92 5.53
CA TYR A 73 17.32 16.97 5.43
C TYR A 73 17.76 17.65 4.13
N LEU A 74 17.05 17.33 3.05
CA LEU A 74 17.36 17.90 1.74
C LEU A 74 17.08 19.39 1.72
N LYS A 75 15.93 19.79 2.26
CA LYS A 75 15.54 21.19 2.31
C LYS A 75 16.15 21.89 3.52
N GLY A 76 16.54 21.09 4.52
CA GLY A 76 17.13 21.65 5.72
C GLY A 76 16.09 22.10 6.72
N ALA A 77 14.85 21.67 6.52
CA ALA A 77 13.75 22.03 7.41
C ALA A 77 14.06 21.62 8.85
N THR A 78 13.23 22.08 9.78
CA THR A 78 13.41 21.76 11.19
C THR A 78 12.27 20.88 11.71
N VAL A 79 12.36 20.50 12.98
CA VAL A 79 11.34 19.66 13.59
C VAL A 79 9.97 20.31 13.51
N TYR A 80 9.95 21.64 13.51
CA TYR A 80 8.70 22.40 13.44
C TYR A 80 8.09 22.31 12.05
N GLU A 81 8.95 22.11 11.06
CA GLU A 81 8.49 22.01 9.66
C GLU A 81 7.86 20.64 9.39
N ILE A 82 8.60 19.59 9.73
CA ILE A 82 8.11 18.23 9.53
C ILE A 82 6.77 18.01 10.23
N ALA A 83 6.57 18.71 11.34
CA ALA A 83 5.33 18.59 12.10
C ALA A 83 4.13 18.87 11.22
N ARG A 84 4.18 19.97 10.47
CA ARG A 84 3.08 20.35 9.59
C ARG A 84 3.03 19.43 8.37
N GLN A 85 4.19 18.92 7.98
CA GLN A 85 4.27 18.03 6.82
C GLN A 85 3.58 16.70 7.10
N LEU A 86 4.00 16.03 8.16
CA LEU A 86 3.41 14.75 8.54
C LEU A 86 1.99 14.94 9.08
N GLY A 87 1.68 16.16 9.47
CA GLY A 87 0.35 16.45 10.00
C GLY A 87 0.25 16.18 11.49
N ARG A 88 1.40 16.15 12.16
CA ARG A 88 1.43 15.89 13.60
C ARG A 88 1.86 17.15 14.36
N PRO A 89 1.42 17.25 15.62
CA PRO A 89 1.74 18.39 16.48
C PRO A 89 3.21 18.42 16.89
N GLU A 90 3.70 17.29 17.41
CA GLU A 90 5.09 17.19 17.84
C GLU A 90 5.36 15.82 18.46
N SER A 91 4.44 15.36 19.30
CA SER A 91 4.59 14.06 19.95
C SER A 91 4.92 12.97 18.94
N THR A 92 4.09 12.86 17.91
CA THR A 92 4.29 11.86 16.87
C THR A 92 5.71 11.92 16.32
N ILE A 93 6.14 13.12 15.95
CA ILE A 93 7.49 13.32 15.41
C ILE A 93 8.54 12.70 16.31
N TYR A 94 8.37 12.89 17.62
CA TYR A 94 9.32 12.35 18.60
C TYR A 94 9.35 10.82 18.54
N TYR A 95 8.19 10.23 18.29
CA TYR A 95 8.09 8.77 18.21
C TYR A 95 8.92 8.23 17.06
N ALA A 96 8.99 8.99 15.97
CA ALA A 96 9.76 8.59 14.80
C ALA A 96 11.24 8.47 15.13
N LEU A 97 11.81 9.53 15.67
CA LEU A 97 13.23 9.55 16.03
C LEU A 97 13.50 8.61 17.22
N LYS A 98 12.59 8.64 18.19
CA LYS A 98 12.73 7.80 19.38
C LYS A 98 12.70 6.32 19.00
N LYS A 99 11.60 5.89 18.37
CA LYS A 99 11.46 4.50 17.95
C LYS A 99 12.62 4.07 17.06
N LEU A 100 13.23 5.04 16.38
CA LEU A 100 14.36 4.76 15.50
C LEU A 100 15.61 4.44 16.31
N GLY A 101 15.68 4.94 17.53
CA GLY A 101 16.82 4.69 18.38
C GLY A 101 17.74 5.90 18.49
N LEU A 102 17.21 7.07 18.19
CA LEU A 102 17.98 8.30 18.25
C LEU A 102 17.91 8.92 19.65
N LYS A 103 18.97 9.63 20.04
CA LYS A 103 19.03 10.26 21.34
C LYS A 103 18.10 11.47 21.40
N LEU A 104 16.84 11.23 21.76
CA LEU A 104 15.85 12.29 21.85
C LEU A 104 15.34 12.44 23.29
N GLU A 105 16.05 13.25 24.07
CA GLU A 105 15.67 13.47 25.46
C GLU A 105 14.55 14.51 25.56
N MET A 1 -3.01 -3.53 24.27
CA MET A 1 -1.56 -3.42 24.20
C MET A 1 -0.90 -4.80 24.11
N PRO A 2 -1.06 -5.46 22.95
CA PRO A 2 -0.50 -6.79 22.71
C PRO A 2 1.03 -6.76 22.60
N SER A 3 1.62 -7.95 22.50
CA SER A 3 3.07 -8.05 22.39
C SER A 3 3.47 -8.62 21.03
N VAL A 4 2.83 -9.71 20.64
CA VAL A 4 3.12 -10.35 19.36
C VAL A 4 2.93 -9.36 18.20
N ASN A 5 1.99 -8.45 18.36
CA ASN A 5 1.72 -7.45 17.32
C ASN A 5 2.94 -6.57 17.09
N ASP A 6 3.78 -6.44 18.11
CA ASP A 6 4.99 -5.63 18.01
C ASP A 6 5.81 -6.02 16.78
N SER A 7 6.10 -7.31 16.66
CA SER A 7 6.88 -7.81 15.54
C SER A 7 6.08 -7.76 14.25
N LEU A 8 4.77 -7.97 14.36
CA LEU A 8 3.89 -7.94 13.21
C LEU A 8 3.96 -6.59 12.49
N ASP A 9 4.08 -5.52 13.27
CA ASP A 9 4.17 -4.18 12.72
C ASP A 9 5.34 -4.07 11.74
N ILE A 10 6.40 -4.82 12.01
CA ILE A 10 7.59 -4.81 11.18
C ILE A 10 7.41 -5.72 9.96
N VAL A 11 6.99 -6.95 10.22
CA VAL A 11 6.78 -7.92 9.15
C VAL A 11 5.84 -7.37 8.09
N GLU A 12 4.74 -6.76 8.54
CA GLU A 12 3.76 -6.19 7.62
C GLU A 12 4.34 -4.98 6.89
N LYS A 13 5.20 -4.24 7.56
CA LYS A 13 5.83 -3.05 6.98
C LYS A 13 6.79 -3.45 5.87
N LEU A 14 7.46 -4.58 6.04
CA LEU A 14 8.42 -5.07 5.05
C LEU A 14 7.70 -5.56 3.80
N TYR A 15 6.72 -6.43 3.98
CA TYR A 15 5.95 -6.97 2.87
C TYR A 15 5.23 -5.86 2.11
N LYS A 16 4.47 -5.05 2.85
CA LYS A 16 3.74 -3.94 2.25
C LYS A 16 4.69 -2.97 1.56
N ASP A 17 5.95 -3.01 1.94
CA ASP A 17 6.96 -2.13 1.35
C ASP A 17 7.48 -2.70 0.04
N GLY A 18 7.48 -4.02 -0.07
CA GLY A 18 7.95 -4.67 -1.28
C GLY A 18 9.00 -5.73 -1.00
N VAL A 19 8.87 -6.41 0.14
CA VAL A 19 9.80 -7.45 0.53
C VAL A 19 9.17 -8.83 0.40
N PRO A 20 9.92 -9.77 -0.22
CA PRO A 20 9.45 -11.15 -0.42
C PRO A 20 9.38 -11.93 0.88
N VAL A 21 8.49 -12.92 0.93
CA VAL A 21 8.33 -13.74 2.12
C VAL A 21 9.66 -14.35 2.56
N LYS A 22 10.45 -14.79 1.59
CA LYS A 22 11.75 -15.40 1.89
C LYS A 22 12.64 -14.42 2.65
N GLU A 23 12.57 -13.15 2.26
CA GLU A 23 13.37 -12.11 2.92
C GLU A 23 12.77 -11.72 4.26
N ILE A 24 11.46 -11.50 4.28
CA ILE A 24 10.75 -11.12 5.49
C ILE A 24 11.02 -12.12 6.61
N ALA A 25 11.07 -13.40 6.25
CA ALA A 25 11.30 -14.47 7.22
C ALA A 25 12.62 -14.24 7.97
N LYS A 26 13.66 -13.88 7.23
CA LYS A 26 14.96 -13.63 7.82
C LYS A 26 14.96 -12.34 8.65
N ARG A 27 14.15 -11.38 8.22
CA ARG A 27 14.05 -10.10 8.91
C ARG A 27 13.34 -10.27 10.25
N SER A 28 12.17 -10.92 10.22
CA SER A 28 11.40 -11.15 11.43
C SER A 28 11.84 -12.43 12.13
N ASN A 29 12.87 -13.07 11.58
CA ASN A 29 13.38 -14.31 12.16
C ASN A 29 12.29 -15.36 12.28
N ASN A 30 11.30 -15.28 11.39
CA ASN A 30 10.19 -16.22 11.40
C ASN A 30 10.29 -17.20 10.23
N SER A 31 9.33 -18.11 10.13
CA SER A 31 9.33 -19.10 9.06
C SER A 31 8.37 -18.70 7.95
N MET A 32 8.55 -19.28 6.77
CA MET A 32 7.71 -18.99 5.63
C MET A 32 6.23 -19.21 5.97
N SER A 33 5.98 -20.17 6.86
CA SER A 33 4.61 -20.48 7.27
C SER A 33 4.11 -19.46 8.29
N THR A 34 5.03 -18.84 9.00
CA THR A 34 4.68 -17.84 10.01
C THR A 34 4.47 -16.47 9.37
N VAL A 35 5.43 -16.03 8.57
CA VAL A 35 5.35 -14.74 7.91
C VAL A 35 4.18 -14.68 6.95
N TYR A 36 4.12 -15.63 6.03
CA TYR A 36 3.04 -15.68 5.05
C TYR A 36 1.68 -15.67 5.74
N LYS A 37 1.58 -16.38 6.86
CA LYS A 37 0.33 -16.44 7.62
C LYS A 37 -0.07 -15.04 8.11
N ALA A 38 0.92 -14.19 8.33
CA ALA A 38 0.66 -12.84 8.81
C ALA A 38 0.20 -11.95 7.67
N LEU A 39 0.82 -12.11 6.50
CA LEU A 39 0.47 -11.32 5.33
C LEU A 39 -0.99 -11.50 4.96
N GLU A 40 -1.42 -12.76 4.87
CA GLU A 40 -2.80 -13.07 4.53
C GLU A 40 -3.77 -12.44 5.53
N LYS A 41 -3.33 -12.34 6.78
CA LYS A 41 -4.16 -11.77 7.84
C LYS A 41 -4.15 -10.25 7.75
N LEU A 42 -3.00 -9.68 7.41
CA LEU A 42 -2.85 -8.23 7.29
C LEU A 42 -3.62 -7.70 6.09
N GLU A 43 -3.38 -8.31 4.93
CA GLU A 43 -4.05 -7.90 3.71
C GLU A 43 -5.57 -7.95 3.87
N ALA A 44 -6.05 -8.94 4.62
CA ALA A 44 -7.47 -9.09 4.86
C ALA A 44 -8.03 -7.92 5.65
N MET A 45 -7.15 -7.23 6.38
CA MET A 45 -7.57 -6.09 7.18
C MET A 45 -7.23 -4.77 6.47
N GLY A 46 -6.24 -4.83 5.58
CA GLY A 46 -5.83 -3.64 4.85
C GLY A 46 -4.64 -2.95 5.47
N ARG A 47 -3.83 -3.70 6.20
CA ARG A 47 -2.65 -3.16 6.85
C ARG A 47 -1.49 -3.04 5.86
N ILE A 48 -1.29 -4.08 5.07
CA ILE A 48 -0.21 -4.09 4.09
C ILE A 48 -0.70 -3.58 2.73
N LYS A 49 -2.00 -3.71 2.49
CA LYS A 49 -2.59 -3.26 1.23
C LYS A 49 -2.66 -1.74 1.19
N ARG A 50 -2.51 -1.19 0.00
CA ARG A 50 -2.56 0.26 -0.18
C ARG A 50 -3.05 0.62 -1.59
N ARG A 51 -4.14 1.38 -1.65
CA ARG A 51 -4.71 1.79 -2.94
C ARG A 51 -3.79 2.78 -3.64
N LYS A 52 -3.00 3.51 -2.86
CA LYS A 52 -2.08 4.50 -3.41
C LYS A 52 -0.77 3.83 -3.83
N GLY A 53 -0.21 4.28 -4.95
CA GLY A 53 1.04 3.73 -5.43
C GLY A 53 1.03 3.50 -6.93
N ARG A 54 2.19 3.64 -7.56
CA ARG A 54 2.30 3.44 -9.01
C ARG A 54 3.64 2.81 -9.36
N TYR A 55 4.73 3.46 -8.97
CA TYR A 55 6.07 2.95 -9.25
C TYR A 55 6.93 2.97 -7.99
N ARG A 56 6.32 2.69 -6.86
CA ARG A 56 7.03 2.67 -5.59
C ARG A 56 6.14 2.13 -4.47
N GLN A 57 5.45 1.03 -4.75
CA GLN A 57 4.56 0.41 -3.78
C GLN A 57 4.39 -1.08 -4.06
N HIS A 58 3.81 -1.80 -3.10
CA HIS A 58 3.59 -3.23 -3.25
C HIS A 58 2.41 -3.51 -4.19
N ARG A 59 2.72 -4.01 -5.37
CA ARG A 59 1.69 -4.32 -6.36
C ARG A 59 1.94 -5.67 -7.01
N ARG A 60 1.30 -6.71 -6.50
CA ARG A 60 1.46 -8.06 -7.03
C ARG A 60 0.59 -9.05 -6.27
N LEU A 61 0.01 -9.99 -7.00
CA LEU A 61 -0.85 -11.01 -6.40
C LEU A 61 -2.03 -10.36 -5.67
N THR A 62 -2.34 -9.13 -6.05
CA THR A 62 -3.44 -8.40 -5.43
C THR A 62 -4.79 -8.80 -6.04
N GLU A 63 -5.87 -8.44 -5.37
CA GLU A 63 -7.21 -8.76 -5.84
C GLU A 63 -7.44 -8.21 -7.25
N GLU A 64 -6.76 -7.10 -7.56
CA GLU A 64 -6.90 -6.47 -8.87
C GLU A 64 -6.19 -7.30 -9.94
N GLU A 65 -4.95 -7.69 -9.65
CA GLU A 65 -4.16 -8.48 -10.60
C GLU A 65 -4.73 -9.90 -10.73
N LEU A 66 -5.25 -10.42 -9.63
CA LEU A 66 -5.82 -11.76 -9.62
C LEU A 66 -6.96 -11.88 -10.63
N ALA A 67 -7.64 -10.76 -10.88
CA ALA A 67 -8.74 -10.73 -11.82
C ALA A 67 -8.24 -10.62 -13.25
N THR A 68 -7.05 -10.05 -13.41
CA THR A 68 -6.45 -9.90 -14.73
C THR A 68 -5.72 -11.16 -15.17
N ILE A 69 -5.06 -11.82 -14.22
CA ILE A 69 -4.33 -13.04 -14.51
C ILE A 69 -5.27 -14.15 -14.96
N ARG A 70 -6.45 -14.20 -14.33
CA ARG A 70 -7.44 -15.22 -14.67
C ARG A 70 -7.79 -15.17 -16.15
N GLU A 71 -7.57 -14.01 -16.77
CA GLU A 71 -7.87 -13.84 -18.19
C GLU A 71 -7.18 -14.92 -19.02
N LEU A 72 -6.02 -15.37 -18.54
CA LEU A 72 -5.27 -16.41 -19.25
C LEU A 72 -6.14 -17.62 -19.54
N TYR A 73 -7.22 -17.77 -18.77
CA TYR A 73 -8.13 -18.89 -18.94
C TYR A 73 -9.05 -18.66 -20.13
N LEU A 74 -9.54 -17.43 -20.26
CA LEU A 74 -10.45 -17.08 -21.37
C LEU A 74 -9.69 -17.02 -22.68
N LYS A 75 -8.51 -16.39 -22.65
CA LYS A 75 -7.69 -16.26 -23.85
C LYS A 75 -6.89 -17.53 -24.10
N GLY A 76 -6.73 -18.33 -23.06
CA GLY A 76 -5.98 -19.58 -23.19
C GLY A 76 -4.49 -19.36 -23.16
N ALA A 77 -4.07 -18.18 -22.72
CA ALA A 77 -2.65 -17.84 -22.63
C ALA A 77 -1.92 -18.80 -21.70
N THR A 78 -0.59 -18.70 -21.68
CA THR A 78 0.23 -19.56 -20.83
C THR A 78 0.95 -18.74 -19.77
N VAL A 79 1.69 -19.42 -18.90
CA VAL A 79 2.44 -18.76 -17.84
C VAL A 79 3.34 -17.67 -18.40
N TYR A 80 3.86 -17.90 -19.60
CA TYR A 80 4.75 -16.94 -20.25
C TYR A 80 3.97 -15.71 -20.69
N GLU A 81 2.70 -15.91 -21.06
CA GLU A 81 1.86 -14.81 -21.50
C GLU A 81 1.56 -13.86 -20.35
N ILE A 82 0.98 -14.40 -19.28
CA ILE A 82 0.63 -13.59 -18.11
C ILE A 82 1.86 -12.87 -17.56
N ALA A 83 3.02 -13.52 -17.66
CA ALA A 83 4.26 -12.93 -17.18
C ALA A 83 4.60 -11.64 -17.93
N ARG A 84 4.52 -11.70 -19.25
CA ARG A 84 4.81 -10.55 -20.08
C ARG A 84 3.69 -9.51 -19.99
N GLN A 85 2.45 -9.98 -20.05
CA GLN A 85 1.29 -9.10 -19.97
C GLN A 85 1.35 -8.23 -18.71
N LEU A 86 1.45 -8.89 -17.56
CA LEU A 86 1.50 -8.19 -16.29
C LEU A 86 2.90 -7.63 -16.04
N GLY A 87 3.88 -8.15 -16.77
CA GLY A 87 5.25 -7.69 -16.61
C GLY A 87 5.83 -8.03 -15.26
N ARG A 88 5.61 -9.26 -14.82
CA ARG A 88 6.11 -9.71 -13.52
C ARG A 88 7.15 -10.82 -13.70
N PRO A 89 8.02 -10.98 -12.69
CA PRO A 89 9.07 -12.00 -12.72
C PRO A 89 8.50 -13.41 -12.58
N GLU A 90 9.30 -14.40 -12.99
CA GLU A 90 8.88 -15.79 -12.92
C GLU A 90 8.48 -16.17 -11.49
N SER A 91 9.05 -15.46 -10.53
CA SER A 91 8.77 -15.72 -9.11
C SER A 91 7.34 -15.33 -8.77
N THR A 92 6.97 -14.09 -9.08
CA THR A 92 5.63 -13.59 -8.81
C THR A 92 4.56 -14.52 -9.39
N ILE A 93 4.71 -14.84 -10.68
CA ILE A 93 3.77 -15.72 -11.35
C ILE A 93 3.73 -17.10 -10.69
N TYR A 94 4.91 -17.68 -10.49
CA TYR A 94 5.00 -19.00 -9.86
C TYR A 94 4.22 -19.04 -8.55
N TYR A 95 4.18 -17.91 -7.86
CA TYR A 95 3.47 -17.81 -6.59
C TYR A 95 1.96 -17.86 -6.81
N ALA A 96 1.49 -17.12 -7.80
CA ALA A 96 0.07 -17.08 -8.10
C ALA A 96 -0.44 -18.44 -8.55
N LEU A 97 0.32 -19.09 -9.43
CA LEU A 97 -0.05 -20.40 -9.94
C LEU A 97 0.05 -21.46 -8.84
N LYS A 98 1.19 -21.49 -8.17
CA LYS A 98 1.42 -22.45 -7.09
C LYS A 98 0.42 -22.25 -5.95
N LYS A 99 0.05 -20.99 -5.72
CA LYS A 99 -0.91 -20.65 -4.67
C LYS A 99 -2.22 -21.40 -4.87
N LEU A 100 -2.52 -21.74 -6.12
CA LEU A 100 -3.75 -22.46 -6.45
C LEU A 100 -3.67 -23.91 -5.96
N GLY A 101 -2.48 -24.33 -5.53
CA GLY A 101 -2.31 -25.68 -5.05
C GLY A 101 -1.27 -26.45 -5.85
N LEU A 102 -0.60 -25.75 -6.78
CA LEU A 102 0.42 -26.38 -7.61
C LEU A 102 -0.21 -27.35 -8.59
N LYS A 103 -0.77 -26.82 -9.67
CA LYS A 103 -1.40 -27.65 -10.69
C LYS A 103 -1.63 -26.85 -11.98
N LEU A 104 -0.81 -25.84 -12.19
CA LEU A 104 -0.91 -25.00 -13.38
C LEU A 104 0.04 -25.47 -14.47
N GLU A 105 -0.35 -25.25 -15.72
CA GLU A 105 0.47 -25.65 -16.85
C GLU A 105 0.85 -24.44 -17.71
N MET A 1 -0.09 -5.71 26.57
CA MET A 1 1.25 -5.47 26.06
C MET A 1 1.81 -6.73 25.41
N PRO A 2 1.24 -7.11 24.25
CA PRO A 2 1.67 -8.30 23.51
C PRO A 2 3.05 -8.11 22.87
N SER A 3 3.70 -9.22 22.56
CA SER A 3 5.03 -9.19 21.96
C SER A 3 4.95 -9.50 20.47
N VAL A 4 4.06 -10.42 20.11
CA VAL A 4 3.89 -10.80 18.72
C VAL A 4 3.33 -9.65 17.89
N ASN A 5 2.48 -8.84 18.50
CA ASN A 5 1.88 -7.70 17.83
C ASN A 5 2.95 -6.70 17.39
N ASP A 6 4.06 -6.67 18.12
CA ASP A 6 5.15 -5.76 17.81
C ASP A 6 5.86 -6.19 16.53
N SER A 7 6.08 -7.49 16.38
CA SER A 7 6.75 -8.04 15.21
C SER A 7 5.88 -7.89 13.97
N LEU A 8 4.57 -8.01 14.16
CA LEU A 8 3.62 -7.90 13.05
C LEU A 8 3.77 -6.55 12.36
N ASP A 9 4.06 -5.51 13.13
CA ASP A 9 4.22 -4.18 12.59
C ASP A 9 5.36 -4.14 11.57
N ILE A 10 6.37 -4.96 11.79
CA ILE A 10 7.52 -5.02 10.89
C ILE A 10 7.23 -5.90 9.69
N VAL A 11 6.71 -7.09 9.95
CA VAL A 11 6.38 -8.03 8.87
C VAL A 11 5.45 -7.39 7.85
N GLU A 12 4.41 -6.72 8.34
CA GLU A 12 3.44 -6.06 7.47
C GLU A 12 4.08 -4.88 6.75
N LYS A 13 5.01 -4.21 7.42
CA LYS A 13 5.70 -3.07 6.85
C LYS A 13 6.68 -3.50 5.76
N LEU A 14 7.25 -4.69 5.93
CA LEU A 14 8.20 -5.22 4.96
C LEU A 14 7.50 -5.65 3.68
N TYR A 15 6.50 -6.51 3.82
CA TYR A 15 5.74 -6.99 2.67
C TYR A 15 5.10 -5.83 1.91
N LYS A 16 4.37 -4.99 2.64
CA LYS A 16 3.70 -3.84 2.05
C LYS A 16 4.71 -2.90 1.40
N ASP A 17 5.97 -3.02 1.80
CA ASP A 17 7.03 -2.19 1.25
C ASP A 17 7.61 -2.80 -0.01
N GLY A 18 7.52 -4.13 -0.12
CA GLY A 18 8.03 -4.82 -1.28
C GLY A 18 9.07 -5.86 -0.93
N VAL A 19 9.09 -6.26 0.34
CA VAL A 19 10.04 -7.26 0.82
C VAL A 19 9.52 -8.67 0.58
N PRO A 20 10.39 -9.54 0.04
CA PRO A 20 10.04 -10.93 -0.25
C PRO A 20 9.86 -11.76 1.01
N VAL A 21 8.97 -12.74 0.95
CA VAL A 21 8.71 -13.61 2.10
C VAL A 21 10.00 -14.13 2.70
N LYS A 22 10.89 -14.63 1.84
CA LYS A 22 12.18 -15.15 2.29
C LYS A 22 12.91 -14.14 3.17
N GLU A 23 12.84 -12.88 2.79
CA GLU A 23 13.49 -11.82 3.54
C GLU A 23 12.69 -11.47 4.80
N ILE A 24 11.37 -11.35 4.63
CA ILE A 24 10.49 -11.02 5.76
C ILE A 24 10.69 -11.99 6.92
N ALA A 25 10.84 -13.27 6.58
CA ALA A 25 11.04 -14.30 7.60
C ALA A 25 12.35 -14.08 8.36
N LYS A 26 13.41 -13.77 7.62
CA LYS A 26 14.71 -13.53 8.23
C LYS A 26 14.72 -12.23 9.03
N ARG A 27 14.02 -11.22 8.51
CA ARG A 27 13.93 -9.93 9.18
C ARG A 27 13.11 -10.02 10.45
N SER A 28 11.91 -10.60 10.34
CA SER A 28 11.02 -10.76 11.48
C SER A 28 11.41 -11.98 12.31
N ASN A 29 12.44 -12.68 11.88
CA ASN A 29 12.91 -13.88 12.58
C ASN A 29 11.77 -14.87 12.76
N ASN A 30 10.91 -14.98 11.76
CA ASN A 30 9.78 -15.90 11.81
C ASN A 30 9.89 -16.97 10.73
N SER A 31 8.95 -17.91 10.74
CA SER A 31 8.96 -18.99 9.77
C SER A 31 8.10 -18.63 8.55
N MET A 32 8.36 -19.31 7.44
CA MET A 32 7.62 -19.05 6.20
C MET A 32 6.12 -19.20 6.44
N SER A 33 5.75 -20.11 7.33
CA SER A 33 4.35 -20.35 7.64
C SER A 33 3.81 -19.29 8.59
N THR A 34 4.72 -18.64 9.31
CA THR A 34 4.34 -17.61 10.26
C THR A 34 4.17 -16.26 9.57
N VAL A 35 5.17 -15.87 8.78
CA VAL A 35 5.13 -14.60 8.06
C VAL A 35 3.97 -14.57 7.06
N TYR A 36 3.95 -15.55 6.16
CA TYR A 36 2.90 -15.64 5.16
C TYR A 36 1.52 -15.58 5.80
N LYS A 37 1.38 -16.27 6.94
CA LYS A 37 0.11 -16.30 7.66
C LYS A 37 -0.30 -14.90 8.09
N ALA A 38 0.68 -14.04 8.32
CA ALA A 38 0.42 -12.67 8.75
C ALA A 38 -0.01 -11.81 7.56
N LEU A 39 0.68 -11.98 6.44
CA LEU A 39 0.37 -11.21 5.23
C LEU A 39 -1.07 -11.41 4.82
N GLU A 40 -1.50 -12.67 4.75
CA GLU A 40 -2.87 -12.99 4.37
C GLU A 40 -3.87 -12.34 5.31
N LYS A 41 -3.47 -12.19 6.57
CA LYS A 41 -4.33 -11.59 7.58
C LYS A 41 -4.33 -10.06 7.46
N LEU A 42 -3.17 -9.50 7.16
CA LEU A 42 -3.04 -8.05 7.00
C LEU A 42 -3.75 -7.57 5.74
N GLU A 43 -3.45 -8.21 4.61
CA GLU A 43 -4.06 -7.85 3.34
C GLU A 43 -5.58 -7.89 3.44
N ALA A 44 -6.10 -8.83 4.23
CA ALA A 44 -7.54 -8.97 4.42
C ALA A 44 -8.11 -7.77 5.15
N MET A 45 -7.27 -7.07 5.91
CA MET A 45 -7.70 -5.90 6.66
C MET A 45 -7.34 -4.62 5.91
N GLY A 46 -6.34 -4.70 5.05
CA GLY A 46 -5.92 -3.54 4.29
C GLY A 46 -4.75 -2.82 4.93
N ARG A 47 -3.95 -3.56 5.71
CA ARG A 47 -2.80 -2.98 6.38
C ARG A 47 -1.60 -2.89 5.44
N ILE A 48 -1.37 -3.98 4.69
CA ILE A 48 -0.26 -4.02 3.76
C ILE A 48 -0.69 -3.59 2.36
N LYS A 49 -1.96 -3.87 2.03
CA LYS A 49 -2.50 -3.51 0.73
C LYS A 49 -4.02 -3.37 0.80
N ARG A 50 -4.52 -2.17 0.49
CA ARG A 50 -5.95 -1.91 0.51
C ARG A 50 -6.65 -2.60 -0.65
N ARG A 51 -6.37 -2.14 -1.86
CA ARG A 51 -6.98 -2.71 -3.06
C ARG A 51 -8.50 -2.76 -2.92
N LYS A 52 -9.16 -1.67 -3.31
CA LYS A 52 -10.61 -1.59 -3.24
C LYS A 52 -11.26 -2.56 -4.20
N GLY A 53 -10.77 -2.57 -5.44
CA GLY A 53 -11.32 -3.46 -6.45
C GLY A 53 -12.77 -3.16 -6.76
N ARG A 54 -13.40 -4.05 -7.53
CA ARG A 54 -14.80 -3.87 -7.91
C ARG A 54 -15.38 -5.17 -8.46
N TYR A 55 -16.69 -5.16 -8.72
CA TYR A 55 -17.36 -6.33 -9.25
C TYR A 55 -16.93 -6.61 -10.69
N ARG A 56 -16.42 -7.81 -10.94
CA ARG A 56 -15.97 -8.20 -12.27
C ARG A 56 -16.78 -9.38 -12.79
N GLN A 57 -16.93 -9.45 -14.11
CA GLN A 57 -17.69 -10.51 -14.75
C GLN A 57 -17.65 -10.38 -16.26
N HIS A 58 -17.95 -9.18 -16.75
CA HIS A 58 -17.96 -8.92 -18.19
C HIS A 58 -19.11 -9.63 -18.86
N ARG A 59 -18.98 -10.95 -19.04
CA ARG A 59 -20.02 -11.74 -19.68
C ARG A 59 -19.62 -13.21 -19.74
N ARG A 60 -20.53 -14.06 -20.19
CA ARG A 60 -20.27 -15.49 -20.30
C ARG A 60 -19.72 -15.84 -21.67
N LEU A 61 -20.60 -15.84 -22.67
CA LEU A 61 -20.20 -16.16 -24.04
C LEU A 61 -21.09 -15.43 -25.04
N THR A 62 -22.32 -15.91 -25.20
CA THR A 62 -23.27 -15.30 -26.13
C THR A 62 -24.31 -14.47 -25.39
N GLU A 63 -24.91 -13.52 -26.10
CA GLU A 63 -25.93 -12.65 -25.51
C GLU A 63 -27.08 -13.48 -24.94
N GLU A 64 -27.53 -14.46 -25.71
CA GLU A 64 -28.63 -15.32 -25.29
C GLU A 64 -28.17 -16.32 -24.24
N GLU A 65 -26.91 -16.73 -24.33
CA GLU A 65 -26.34 -17.69 -23.39
C GLU A 65 -26.26 -17.09 -21.99
N LEU A 66 -25.61 -15.94 -21.88
CA LEU A 66 -25.46 -15.26 -20.60
C LEU A 66 -26.82 -15.02 -19.94
N ALA A 67 -27.84 -14.85 -20.77
CA ALA A 67 -29.19 -14.62 -20.29
C ALA A 67 -29.86 -15.92 -19.88
N THR A 68 -29.42 -17.02 -20.48
CA THR A 68 -29.97 -18.33 -20.18
C THR A 68 -29.32 -18.95 -18.95
N ILE A 69 -28.01 -18.72 -18.81
CA ILE A 69 -27.26 -19.25 -17.67
C ILE A 69 -27.74 -18.61 -16.36
N ARG A 70 -28.05 -17.32 -16.42
CA ARG A 70 -28.52 -16.60 -15.24
C ARG A 70 -29.75 -17.26 -14.65
N GLU A 71 -30.47 -18.02 -15.47
CA GLU A 71 -31.67 -18.71 -15.02
C GLU A 71 -31.38 -19.56 -13.79
N LEU A 72 -30.15 -20.07 -13.70
CA LEU A 72 -29.74 -20.90 -12.58
C LEU A 72 -30.02 -20.20 -11.26
N TYR A 73 -30.14 -18.87 -11.30
CA TYR A 73 -30.40 -18.09 -10.10
C TYR A 73 -31.87 -18.17 -9.72
N LEU A 74 -32.75 -18.12 -10.72
CA LEU A 74 -34.19 -18.18 -10.48
C LEU A 74 -34.61 -19.60 -10.12
N LYS A 75 -34.09 -20.58 -10.86
CA LYS A 75 -34.42 -21.97 -10.61
C LYS A 75 -33.58 -22.54 -9.47
N GLY A 76 -32.46 -21.88 -9.18
CA GLY A 76 -31.59 -22.31 -8.11
C GLY A 76 -30.70 -23.47 -8.53
N ALA A 77 -30.60 -23.69 -9.84
CA ALA A 77 -29.77 -24.77 -10.38
C ALA A 77 -28.30 -24.54 -10.04
N THR A 78 -27.48 -25.54 -10.32
CA THR A 78 -26.04 -25.45 -10.06
C THR A 78 -25.24 -25.48 -11.35
N VAL A 79 -23.92 -25.37 -11.21
CA VAL A 79 -23.03 -25.38 -12.37
C VAL A 79 -23.25 -26.62 -13.22
N TYR A 80 -23.64 -27.72 -12.57
CA TYR A 80 -23.88 -28.98 -13.26
C TYR A 80 -25.17 -28.92 -14.07
N GLU A 81 -26.09 -28.06 -13.64
CA GLU A 81 -27.38 -27.90 -14.32
C GLU A 81 -27.22 -27.09 -15.61
N ILE A 82 -26.61 -25.93 -15.49
CA ILE A 82 -26.39 -25.06 -16.65
C ILE A 82 -25.66 -25.80 -17.76
N ALA A 83 -24.77 -26.72 -17.37
CA ALA A 83 -24.02 -27.50 -18.34
C ALA A 83 -24.94 -28.37 -19.20
N ARG A 84 -25.85 -29.07 -18.54
CA ARG A 84 -26.80 -29.93 -19.25
C ARG A 84 -27.86 -29.10 -19.98
N GLN A 85 -28.37 -28.08 -19.30
CA GLN A 85 -29.39 -27.22 -19.88
C GLN A 85 -28.92 -26.65 -21.22
N LEU A 86 -27.77 -25.99 -21.20
CA LEU A 86 -27.21 -25.39 -22.41
C LEU A 86 -26.52 -26.45 -23.27
N GLY A 87 -26.21 -27.59 -22.65
CA GLY A 87 -25.55 -28.66 -23.38
C GLY A 87 -24.14 -28.30 -23.80
N ARG A 88 -23.39 -27.68 -22.89
CA ARG A 88 -22.03 -27.27 -23.17
C ARG A 88 -21.04 -28.08 -22.35
N PRO A 89 -19.79 -28.18 -22.83
CA PRO A 89 -18.72 -28.92 -22.15
C PRO A 89 -18.27 -28.24 -20.86
N GLU A 90 -17.73 -29.02 -19.94
CA GLU A 90 -17.26 -28.49 -18.66
C GLU A 90 -16.32 -27.32 -18.88
N SER A 91 -15.60 -27.33 -20.00
CA SER A 91 -14.66 -26.27 -20.33
C SER A 91 -15.39 -24.95 -20.56
N THR A 92 -16.43 -24.99 -21.38
CA THR A 92 -17.22 -23.80 -21.69
C THR A 92 -17.78 -23.17 -20.42
N ILE A 93 -18.43 -23.99 -19.59
CA ILE A 93 -19.02 -23.52 -18.35
C ILE A 93 -17.94 -22.99 -17.41
N TYR A 94 -16.89 -23.77 -17.21
CA TYR A 94 -15.79 -23.39 -16.33
C TYR A 94 -15.20 -22.04 -16.75
N TYR A 95 -15.09 -21.84 -18.06
CA TYR A 95 -14.55 -20.59 -18.59
C TYR A 95 -15.47 -19.42 -18.28
N ALA A 96 -16.77 -19.65 -18.42
CA ALA A 96 -17.76 -18.61 -18.15
C ALA A 96 -17.64 -18.10 -16.72
N LEU A 97 -17.67 -19.02 -15.76
CA LEU A 97 -17.56 -18.66 -14.35
C LEU A 97 -16.18 -18.13 -14.02
N LYS A 98 -15.16 -18.90 -14.39
CA LYS A 98 -13.77 -18.50 -14.14
C LYS A 98 -13.50 -17.10 -14.68
N LYS A 99 -13.71 -16.91 -15.98
CA LYS A 99 -13.48 -15.62 -16.60
C LYS A 99 -14.30 -14.53 -15.92
N LEU A 100 -15.41 -14.93 -15.30
CA LEU A 100 -16.28 -13.99 -14.60
C LEU A 100 -15.63 -13.49 -13.31
N GLY A 101 -14.73 -14.32 -12.75
CA GLY A 101 -14.05 -13.93 -11.53
C GLY A 101 -14.45 -14.81 -10.36
N LEU A 102 -15.01 -15.98 -10.66
CA LEU A 102 -15.44 -16.91 -9.62
C LEU A 102 -14.33 -17.92 -9.29
N LYS A 103 -14.42 -18.52 -8.12
CA LYS A 103 -13.43 -19.51 -7.70
C LYS A 103 -13.56 -20.79 -8.51
N LEU A 104 -14.67 -21.51 -8.31
CA LEU A 104 -14.91 -22.75 -9.03
C LEU A 104 -13.80 -23.76 -8.77
N GLU A 105 -13.94 -24.53 -7.69
CA GLU A 105 -12.94 -25.53 -7.33
C GLU A 105 -13.59 -26.90 -7.14
N MET A 1 0.31 -4.43 26.02
CA MET A 1 1.66 -4.34 25.49
C MET A 1 2.18 -5.71 25.09
N PRO A 2 1.60 -6.27 24.02
CA PRO A 2 2.00 -7.59 23.51
C PRO A 2 3.39 -7.57 22.87
N SER A 3 3.97 -8.76 22.71
CA SER A 3 5.30 -8.88 22.12
C SER A 3 5.21 -9.39 20.69
N VAL A 4 4.31 -10.34 20.45
CA VAL A 4 4.13 -10.92 19.13
C VAL A 4 3.50 -9.90 18.18
N ASN A 5 2.69 -9.00 18.72
CA ASN A 5 2.03 -7.98 17.92
C ASN A 5 3.03 -6.96 17.41
N ASP A 6 4.12 -6.78 18.15
CA ASP A 6 5.16 -5.83 17.77
C ASP A 6 5.85 -6.26 16.47
N SER A 7 6.14 -7.55 16.37
CA SER A 7 6.79 -8.09 15.18
C SER A 7 5.89 -7.97 13.96
N LEU A 8 4.58 -8.11 14.17
CA LEU A 8 3.61 -8.01 13.09
C LEU A 8 3.72 -6.65 12.39
N ASP A 9 4.02 -5.62 13.16
CA ASP A 9 4.16 -4.27 12.61
C ASP A 9 5.28 -4.22 11.58
N ILE A 10 6.32 -5.02 11.79
CA ILE A 10 7.45 -5.05 10.88
C ILE A 10 7.16 -5.93 9.67
N VAL A 11 6.60 -7.11 9.92
CA VAL A 11 6.27 -8.05 8.86
C VAL A 11 5.35 -7.41 7.83
N GLU A 12 4.31 -6.73 8.32
CA GLU A 12 3.34 -6.08 7.44
C GLU A 12 3.98 -4.88 6.73
N LYS A 13 4.91 -4.22 7.41
CA LYS A 13 5.60 -3.07 6.84
C LYS A 13 6.59 -3.51 5.77
N LEU A 14 7.15 -4.71 5.94
CA LEU A 14 8.12 -5.23 4.98
C LEU A 14 7.42 -5.66 3.69
N TYR A 15 6.43 -6.52 3.81
CA TYR A 15 5.68 -7.00 2.66
C TYR A 15 5.03 -5.85 1.90
N LYS A 16 4.30 -5.01 2.64
CA LYS A 16 3.62 -3.87 2.04
C LYS A 16 4.63 -2.92 1.39
N ASP A 17 5.89 -3.03 1.81
CA ASP A 17 6.94 -2.19 1.26
C ASP A 17 7.54 -2.80 -0.01
N GLY A 18 7.45 -4.13 -0.11
CA GLY A 18 7.98 -4.82 -1.27
C GLY A 18 9.03 -5.85 -0.90
N VAL A 19 9.04 -6.26 0.37
CA VAL A 19 10.00 -7.23 0.85
C VAL A 19 9.50 -8.65 0.60
N PRO A 20 10.38 -9.51 0.07
CA PRO A 20 10.05 -10.91 -0.22
C PRO A 20 9.86 -11.74 1.05
N VAL A 21 8.99 -12.73 0.97
CA VAL A 21 8.71 -13.60 2.11
C VAL A 21 10.00 -14.12 2.73
N LYS A 22 10.90 -14.60 1.88
CA LYS A 22 12.18 -15.13 2.34
C LYS A 22 12.90 -14.11 3.23
N GLU A 23 12.82 -12.84 2.85
CA GLU A 23 13.46 -11.78 3.62
C GLU A 23 12.65 -11.44 4.87
N ILE A 24 11.34 -11.34 4.70
CA ILE A 24 10.45 -11.02 5.81
C ILE A 24 10.65 -11.99 6.96
N ALA A 25 10.82 -13.26 6.64
CA ALA A 25 11.02 -14.29 7.65
C ALA A 25 12.31 -14.05 8.43
N LYS A 26 13.37 -13.72 7.70
CA LYS A 26 14.67 -13.47 8.32
C LYS A 26 14.65 -12.16 9.12
N ARG A 27 13.95 -11.17 8.59
CA ARG A 27 13.85 -9.87 9.26
C ARG A 27 13.00 -9.98 10.52
N SER A 28 11.82 -10.57 10.39
CA SER A 28 10.91 -10.74 11.52
C SER A 28 11.30 -11.94 12.36
N ASN A 29 12.34 -12.65 11.93
CA ASN A 29 12.81 -13.83 12.63
C ASN A 29 11.69 -14.85 12.81
N ASN A 30 10.84 -14.97 11.79
CA ASN A 30 9.72 -15.90 11.83
C ASN A 30 9.86 -16.97 10.75
N SER A 31 8.94 -17.93 10.74
CA SER A 31 8.97 -19.00 9.77
C SER A 31 8.13 -18.65 8.53
N MET A 32 8.43 -19.31 7.42
CA MET A 32 7.70 -19.06 6.19
C MET A 32 6.20 -19.24 6.38
N SER A 33 5.83 -20.17 7.27
CA SER A 33 4.43 -20.44 7.55
C SER A 33 3.85 -19.39 8.50
N THR A 34 4.74 -18.73 9.24
CA THR A 34 4.32 -17.70 10.19
C THR A 34 4.13 -16.36 9.49
N VAL A 35 5.14 -15.95 8.74
CA VAL A 35 5.09 -14.68 8.02
C VAL A 35 3.95 -14.67 7.01
N TYR A 36 3.95 -15.64 6.11
CA TYR A 36 2.91 -15.73 5.09
C TYR A 36 1.52 -15.70 5.71
N LYS A 37 1.37 -16.39 6.84
CA LYS A 37 0.10 -16.44 7.55
C LYS A 37 -0.34 -15.04 7.98
N ALA A 38 0.64 -14.18 8.24
CA ALA A 38 0.36 -12.81 8.66
C ALA A 38 -0.06 -11.94 7.49
N LEU A 39 0.67 -12.07 6.38
CA LEU A 39 0.37 -11.30 5.17
C LEU A 39 -1.07 -11.51 4.73
N GLU A 40 -1.49 -12.77 4.65
CA GLU A 40 -2.85 -13.09 4.24
C GLU A 40 -3.87 -12.47 5.19
N LYS A 41 -3.47 -12.32 6.46
CA LYS A 41 -4.35 -11.74 7.47
C LYS A 41 -4.38 -10.22 7.35
N LEU A 42 -3.22 -9.63 7.08
CA LEU A 42 -3.12 -8.19 6.95
C LEU A 42 -3.81 -7.71 5.66
N GLU A 43 -3.48 -8.34 4.55
CA GLU A 43 -4.06 -7.99 3.26
C GLU A 43 -5.58 -8.04 3.32
N ALA A 44 -6.11 -8.97 4.11
CA ALA A 44 -7.55 -9.12 4.26
C ALA A 44 -8.15 -7.93 4.98
N MET A 45 -7.33 -7.23 5.77
CA MET A 45 -7.79 -6.07 6.52
C MET A 45 -7.42 -4.78 5.79
N GLY A 46 -6.41 -4.87 4.93
CA GLY A 46 -5.98 -3.69 4.18
C GLY A 46 -4.84 -2.96 4.86
N ARG A 47 -4.06 -3.69 5.65
CA ARG A 47 -2.93 -3.11 6.36
C ARG A 47 -1.70 -3.01 5.45
N ILE A 48 -1.45 -4.07 4.70
CA ILE A 48 -0.32 -4.10 3.79
C ILE A 48 -0.72 -3.68 2.38
N LYS A 49 -1.79 -2.91 2.28
CA LYS A 49 -2.28 -2.43 0.99
C LYS A 49 -2.43 -0.91 1.00
N ARG A 50 -2.39 -0.31 -0.19
CA ARG A 50 -2.52 1.13 -0.32
C ARG A 50 -1.44 1.85 0.49
N ARG A 51 -1.49 3.18 0.46
CA ARG A 51 -0.52 3.99 1.19
C ARG A 51 0.91 3.67 0.74
N LYS A 52 1.38 4.40 -0.27
CA LYS A 52 2.72 4.19 -0.80
C LYS A 52 3.34 5.51 -1.24
N GLY A 53 4.57 5.45 -1.73
CA GLY A 53 5.26 6.66 -2.17
C GLY A 53 4.46 7.42 -3.21
N ARG A 54 4.31 8.72 -3.00
CA ARG A 54 3.57 9.56 -3.93
C ARG A 54 4.25 10.90 -4.13
N TYR A 55 4.84 11.11 -5.31
CA TYR A 55 5.54 12.34 -5.62
C TYR A 55 4.61 13.54 -5.50
N ARG A 56 5.17 14.74 -5.63
CA ARG A 56 4.39 15.96 -5.54
C ARG A 56 3.41 16.08 -6.70
N GLN A 57 2.16 15.68 -6.45
CA GLN A 57 1.13 15.73 -7.49
C GLN A 57 0.91 17.16 -7.97
N HIS A 58 -0.01 17.33 -8.92
CA HIS A 58 -0.30 18.65 -9.47
C HIS A 58 -0.88 19.56 -8.39
N ARG A 59 -1.24 20.78 -8.78
CA ARG A 59 -1.79 21.75 -7.85
C ARG A 59 -2.80 22.66 -8.55
N ARG A 60 -3.69 23.27 -7.77
CA ARG A 60 -4.71 24.15 -8.31
C ARG A 60 -5.66 23.39 -9.23
N LEU A 61 -6.87 23.14 -8.75
CA LEU A 61 -7.87 22.42 -9.53
C LEU A 61 -7.42 21.00 -9.81
N THR A 62 -6.57 20.46 -8.94
CA THR A 62 -6.06 19.11 -9.09
C THR A 62 -7.14 18.08 -8.81
N GLU A 63 -6.87 16.82 -9.16
CA GLU A 63 -7.82 15.74 -8.94
C GLU A 63 -8.30 15.73 -7.49
N GLU A 64 -7.40 16.08 -6.57
CA GLU A 64 -7.73 16.11 -5.15
C GLU A 64 -8.58 17.33 -4.81
N GLU A 65 -8.37 18.42 -5.54
CA GLU A 65 -9.11 19.64 -5.31
C GLU A 65 -10.58 19.46 -5.69
N LEU A 66 -10.83 19.05 -6.92
CA LEU A 66 -12.19 18.83 -7.41
C LEU A 66 -12.95 17.88 -6.48
N ALA A 67 -12.23 16.94 -5.86
CA ALA A 67 -12.84 15.99 -4.95
C ALA A 67 -13.05 16.61 -3.58
N THR A 68 -12.26 17.63 -3.26
CA THR A 68 -12.36 18.30 -1.97
C THR A 68 -13.46 19.36 -1.99
N ILE A 69 -13.43 20.22 -3.00
CA ILE A 69 -14.42 21.27 -3.14
C ILE A 69 -15.83 20.70 -3.15
N ARG A 70 -16.00 19.55 -3.80
CA ARG A 70 -17.30 18.90 -3.88
C ARG A 70 -17.87 18.65 -2.49
N GLU A 71 -17.00 18.60 -1.49
CA GLU A 71 -17.42 18.37 -0.11
C GLU A 71 -18.49 19.38 0.30
N LEU A 72 -18.41 20.57 -0.26
CA LEU A 72 -19.36 21.63 0.05
C LEU A 72 -20.80 21.15 -0.15
N TYR A 73 -20.96 20.11 -0.95
CA TYR A 73 -22.27 19.55 -1.23
C TYR A 73 -22.74 18.66 -0.08
N LEU A 74 -21.80 17.94 0.51
CA LEU A 74 -22.11 17.05 1.63
C LEU A 74 -22.36 17.84 2.90
N LYS A 75 -21.51 18.82 3.17
CA LYS A 75 -21.65 19.65 4.35
C LYS A 75 -22.64 20.80 4.11
N GLY A 76 -22.87 21.09 2.84
CA GLY A 76 -23.80 22.16 2.49
C GLY A 76 -23.15 23.53 2.54
N ALA A 77 -21.81 23.55 2.58
CA ALA A 77 -21.08 24.81 2.62
C ALA A 77 -21.41 25.69 1.43
N THR A 78 -20.92 26.93 1.45
CA THR A 78 -21.17 27.86 0.37
C THR A 78 -19.88 28.23 -0.36
N VAL A 79 -19.99 29.05 -1.39
CA VAL A 79 -18.83 29.48 -2.16
C VAL A 79 -17.77 30.11 -1.27
N TYR A 80 -18.22 30.70 -0.17
CA TYR A 80 -17.31 31.34 0.78
C TYR A 80 -16.51 30.31 1.56
N GLU A 81 -17.10 29.12 1.74
CA GLU A 81 -16.43 28.04 2.47
C GLU A 81 -15.35 27.40 1.63
N ILE A 82 -15.68 27.10 0.37
CA ILE A 82 -14.74 26.47 -0.54
C ILE A 82 -13.56 27.40 -0.82
N ALA A 83 -13.82 28.70 -0.82
CA ALA A 83 -12.77 29.68 -1.06
C ALA A 83 -11.76 29.71 0.08
N ARG A 84 -12.26 29.80 1.30
CA ARG A 84 -11.40 29.84 2.48
C ARG A 84 -10.79 28.45 2.75
N GLN A 85 -11.51 27.42 2.36
CA GLN A 85 -11.04 26.04 2.56
C GLN A 85 -9.70 25.83 1.87
N LEU A 86 -9.64 26.10 0.57
CA LEU A 86 -8.42 25.92 -0.20
C LEU A 86 -7.51 27.14 -0.03
N GLY A 87 -8.07 28.24 0.42
CA GLY A 87 -7.28 29.45 0.62
C GLY A 87 -7.10 30.24 -0.66
N ARG A 88 -8.14 30.26 -1.49
CA ARG A 88 -8.09 30.99 -2.75
C ARG A 88 -8.95 32.24 -2.70
N PRO A 89 -8.58 33.25 -3.51
CA PRO A 89 -9.31 34.52 -3.57
C PRO A 89 -10.68 34.37 -4.22
N GLU A 90 -10.72 33.76 -5.40
CA GLU A 90 -11.97 33.55 -6.12
C GLU A 90 -11.72 32.94 -7.49
N SER A 91 -10.73 33.46 -8.19
CA SER A 91 -10.38 32.97 -9.52
C SER A 91 -10.20 31.45 -9.50
N THR A 92 -9.36 30.96 -8.60
CA THR A 92 -9.11 29.53 -8.48
C THR A 92 -10.41 28.75 -8.37
N ILE A 93 -11.27 29.17 -7.46
CA ILE A 93 -12.56 28.50 -7.26
C ILE A 93 -13.43 28.61 -8.52
N TYR A 94 -13.41 29.79 -9.14
CA TYR A 94 -14.20 30.02 -10.35
C TYR A 94 -13.73 29.12 -11.49
N TYR A 95 -12.42 28.89 -11.56
CA TYR A 95 -11.84 28.05 -12.60
C TYR A 95 -12.19 26.58 -12.37
N ALA A 96 -12.32 26.20 -11.10
CA ALA A 96 -12.65 24.83 -10.75
C ALA A 96 -13.99 24.41 -11.38
N LEU A 97 -15.04 25.12 -11.03
CA LEU A 97 -16.37 24.82 -11.55
C LEU A 97 -16.43 25.10 -13.06
N LYS A 98 -15.95 26.27 -13.45
CA LYS A 98 -15.95 26.66 -14.86
C LYS A 98 -15.30 25.57 -15.72
N LYS A 99 -14.04 25.27 -15.43
CA LYS A 99 -13.31 24.26 -16.18
C LYS A 99 -14.06 22.92 -16.16
N LEU A 100 -14.87 22.72 -15.13
CA LEU A 100 -15.64 21.48 -15.00
C LEU A 100 -16.92 21.55 -15.82
N GLY A 101 -17.39 22.78 -16.09
CA GLY A 101 -18.60 22.95 -16.86
C GLY A 101 -19.84 22.94 -16.00
N LEU A 102 -19.72 23.42 -14.77
CA LEU A 102 -20.85 23.47 -13.84
C LEU A 102 -21.54 24.83 -13.89
N LYS A 103 -22.45 25.05 -12.94
CA LYS A 103 -23.17 26.31 -12.87
C LYS A 103 -22.60 27.21 -11.78
N LEU A 104 -21.79 28.17 -12.17
CA LEU A 104 -21.18 29.10 -11.22
C LEU A 104 -22.08 30.31 -10.99
N GLU A 105 -22.12 30.78 -9.74
CA GLU A 105 -22.94 31.93 -9.39
C GLU A 105 -22.35 33.21 -9.99
N MET A 1 -4.77 -5.15 24.51
CA MET A 1 -3.45 -4.52 24.43
C MET A 1 -2.35 -5.56 24.33
N PRO A 2 -2.27 -6.22 23.16
CA PRO A 2 -1.26 -7.25 22.92
C PRO A 2 0.15 -6.68 22.80
N SER A 3 1.15 -7.53 22.91
CA SER A 3 2.54 -7.11 22.82
C SER A 3 3.22 -7.74 21.60
N VAL A 4 2.88 -8.98 21.32
CA VAL A 4 3.46 -9.70 20.19
C VAL A 4 3.11 -9.03 18.87
N ASN A 5 1.92 -8.43 18.82
CA ASN A 5 1.46 -7.74 17.62
C ASN A 5 2.40 -6.60 17.26
N ASP A 6 3.08 -6.07 18.25
CA ASP A 6 4.02 -4.96 18.04
C ASP A 6 5.09 -5.35 17.02
N SER A 7 5.78 -6.45 17.28
CA SER A 7 6.82 -6.94 16.39
C SER A 7 6.28 -7.19 14.99
N LEU A 8 5.11 -7.83 14.92
CA LEU A 8 4.47 -8.13 13.65
C LEU A 8 4.28 -6.86 12.82
N ASP A 9 3.99 -5.76 13.50
CA ASP A 9 3.78 -4.49 12.82
C ASP A 9 5.00 -4.11 11.98
N ILE A 10 6.17 -4.51 12.44
CA ILE A 10 7.40 -4.22 11.72
C ILE A 10 7.65 -5.22 10.60
N VAL A 11 7.47 -6.50 10.90
CA VAL A 11 7.66 -7.55 9.92
C VAL A 11 6.80 -7.31 8.68
N GLU A 12 5.51 -7.11 8.89
CA GLU A 12 4.58 -6.87 7.79
C GLU A 12 4.98 -5.60 7.02
N LYS A 13 5.52 -4.63 7.74
CA LYS A 13 5.93 -3.37 7.14
C LYS A 13 6.83 -3.61 5.93
N LEU A 14 7.59 -4.72 5.98
CA LEU A 14 8.49 -5.06 4.89
C LEU A 14 7.71 -5.56 3.67
N TYR A 15 6.78 -6.47 3.91
CA TYR A 15 5.96 -7.03 2.83
C TYR A 15 5.27 -5.92 2.05
N LYS A 16 4.50 -5.09 2.77
CA LYS A 16 3.78 -3.99 2.13
C LYS A 16 4.75 -2.99 1.52
N ASP A 17 5.97 -2.96 2.04
CA ASP A 17 6.99 -2.04 1.53
C ASP A 17 7.57 -2.55 0.22
N GLY A 18 7.42 -3.85 -0.03
CA GLY A 18 7.93 -4.44 -1.25
C GLY A 18 8.99 -5.50 -0.99
N VAL A 19 8.72 -6.37 -0.03
CA VAL A 19 9.65 -7.44 0.33
C VAL A 19 8.99 -8.81 0.18
N PRO A 20 9.71 -9.74 -0.47
CA PRO A 20 9.21 -11.10 -0.69
C PRO A 20 9.16 -11.92 0.60
N VAL A 21 8.26 -12.89 0.65
CA VAL A 21 8.10 -13.73 1.82
C VAL A 21 9.43 -14.36 2.22
N LYS A 22 10.19 -14.79 1.23
CA LYS A 22 11.49 -15.42 1.47
C LYS A 22 12.41 -14.47 2.23
N GLU A 23 12.36 -13.19 1.87
CA GLU A 23 13.20 -12.19 2.51
C GLU A 23 12.64 -11.81 3.88
N ILE A 24 11.33 -11.58 3.94
CA ILE A 24 10.67 -11.20 5.18
C ILE A 24 10.96 -12.23 6.28
N ALA A 25 10.95 -13.50 5.91
CA ALA A 25 11.21 -14.57 6.87
C ALA A 25 12.57 -14.39 7.54
N LYS A 26 13.58 -14.07 6.74
CA LYS A 26 14.94 -13.86 7.25
C LYS A 26 15.01 -12.57 8.06
N ARG A 27 14.19 -11.59 7.69
CA ARG A 27 14.17 -10.31 8.37
C ARG A 27 13.61 -10.46 9.78
N SER A 28 12.47 -11.12 9.89
CA SER A 28 11.84 -11.33 11.19
C SER A 28 12.31 -12.63 11.83
N ASN A 29 13.23 -13.31 11.16
CA ASN A 29 13.77 -14.57 11.66
C ASN A 29 12.66 -15.61 11.85
N ASN A 30 11.59 -15.45 11.07
CA ASN A 30 10.46 -16.37 11.16
C ASN A 30 10.47 -17.35 9.99
N SER A 31 9.50 -18.26 9.98
CA SER A 31 9.39 -19.26 8.92
C SER A 31 8.40 -18.82 7.85
N MET A 32 8.53 -19.37 6.66
CA MET A 32 7.64 -19.04 5.56
C MET A 32 6.18 -19.26 5.95
N SER A 33 5.94 -20.24 6.82
CA SER A 33 4.59 -20.54 7.28
C SER A 33 4.14 -19.56 8.35
N THR A 34 5.11 -18.93 9.02
CA THR A 34 4.81 -17.97 10.06
C THR A 34 4.56 -16.58 9.48
N VAL A 35 5.48 -16.13 8.63
CA VAL A 35 5.37 -14.82 8.01
C VAL A 35 4.17 -14.76 7.06
N TYR A 36 4.14 -15.66 6.09
CA TYR A 36 3.06 -15.73 5.12
C TYR A 36 1.70 -15.78 5.83
N LYS A 37 1.65 -16.53 6.92
CA LYS A 37 0.42 -16.67 7.69
C LYS A 37 -0.05 -15.33 8.22
N ALA A 38 0.91 -14.45 8.52
CA ALA A 38 0.60 -13.12 9.03
C ALA A 38 0.15 -12.19 7.91
N LEU A 39 0.86 -12.23 6.79
CA LEU A 39 0.53 -11.39 5.63
C LEU A 39 -0.93 -11.54 5.25
N GLU A 40 -1.38 -12.78 5.11
CA GLU A 40 -2.76 -13.05 4.74
C GLU A 40 -3.73 -12.46 5.77
N LYS A 41 -3.23 -12.22 6.98
CA LYS A 41 -4.03 -11.65 8.05
C LYS A 41 -4.19 -10.15 7.87
N LEU A 42 -3.06 -9.47 7.66
CA LEU A 42 -3.09 -8.02 7.48
C LEU A 42 -3.71 -7.65 6.14
N GLU A 43 -3.30 -8.34 5.09
CA GLU A 43 -3.82 -8.09 3.75
C GLU A 43 -5.35 -8.16 3.73
N ALA A 44 -5.89 -9.14 4.46
CA ALA A 44 -7.33 -9.31 4.53
C ALA A 44 -8.00 -8.11 5.19
N MET A 45 -7.22 -7.35 5.95
CA MET A 45 -7.74 -6.16 6.62
C MET A 45 -7.37 -4.90 5.86
N GLY A 46 -6.35 -4.99 5.02
CA GLY A 46 -5.91 -3.84 4.25
C GLY A 46 -4.86 -3.02 4.97
N ARG A 47 -4.04 -3.68 5.78
CA ARG A 47 -2.99 -3.01 6.53
C ARG A 47 -1.68 -2.98 5.73
N ILE A 48 -1.42 -4.05 5.00
CA ILE A 48 -0.21 -4.15 4.19
C ILE A 48 -0.46 -3.72 2.76
N LYS A 49 -1.50 -2.90 2.57
CA LYS A 49 -1.85 -2.41 1.25
C LYS A 49 -2.49 -1.02 1.33
N ARG A 50 -1.77 -0.01 0.84
CA ARG A 50 -2.27 1.35 0.86
C ARG A 50 -3.09 1.66 -0.40
N ARG A 51 -4.29 2.19 -0.19
CA ARG A 51 -5.17 2.52 -1.31
C ARG A 51 -5.41 4.04 -1.38
N LYS A 52 -5.13 4.61 -2.54
CA LYS A 52 -5.30 6.05 -2.75
C LYS A 52 -6.24 6.32 -3.91
N GLY A 53 -7.04 7.38 -3.79
CA GLY A 53 -7.98 7.72 -4.84
C GLY A 53 -9.13 6.73 -4.94
N ARG A 54 -10.31 7.23 -5.30
CA ARG A 54 -11.48 6.37 -5.44
C ARG A 54 -12.32 6.77 -6.65
N TYR A 55 -11.81 6.45 -7.84
CA TYR A 55 -12.50 6.79 -9.07
C TYR A 55 -12.87 5.52 -9.86
N ARG A 56 -13.90 4.81 -9.39
CA ARG A 56 -14.35 3.60 -10.05
C ARG A 56 -15.70 3.16 -9.52
N GLN A 57 -16.66 4.08 -9.55
CA GLN A 57 -18.01 3.79 -9.08
C GLN A 57 -18.92 4.99 -9.26
N HIS A 58 -20.23 4.76 -9.21
CA HIS A 58 -21.21 5.83 -9.36
C HIS A 58 -20.93 6.98 -8.41
N ARG A 59 -21.24 8.19 -8.84
CA ARG A 59 -21.01 9.38 -8.03
C ARG A 59 -22.16 9.60 -7.04
N ARG A 60 -21.81 9.84 -5.78
CA ARG A 60 -22.80 10.06 -4.74
C ARG A 60 -23.58 8.78 -4.45
N LEU A 61 -24.53 8.47 -5.32
CA LEU A 61 -25.35 7.28 -5.18
C LEU A 61 -25.88 6.80 -6.53
N THR A 62 -26.88 7.50 -7.05
CA THR A 62 -27.47 7.15 -8.34
C THR A 62 -27.01 8.11 -9.43
N GLU A 63 -27.15 7.67 -10.68
CA GLU A 63 -26.74 8.49 -11.81
C GLU A 63 -27.58 9.76 -11.89
N GLU A 64 -28.86 9.64 -11.59
CA GLU A 64 -29.77 10.78 -11.63
C GLU A 64 -29.57 11.68 -10.41
N GLU A 65 -29.19 11.07 -9.29
CA GLU A 65 -28.95 11.81 -8.06
C GLU A 65 -27.74 12.73 -8.21
N LEU A 66 -26.61 12.16 -8.59
CA LEU A 66 -25.38 12.92 -8.76
C LEU A 66 -25.60 14.09 -9.72
N ALA A 67 -26.53 13.92 -10.64
CA ALA A 67 -26.83 14.96 -11.62
C ALA A 67 -27.74 16.02 -11.01
N THR A 68 -28.53 15.64 -10.01
CA THR A 68 -29.44 16.56 -9.35
C THR A 68 -28.74 17.36 -8.27
N ILE A 69 -27.96 16.66 -7.45
CA ILE A 69 -27.22 17.30 -6.36
C ILE A 69 -26.21 18.31 -6.91
N ARG A 70 -25.59 17.96 -8.03
CA ARG A 70 -24.60 18.84 -8.65
C ARG A 70 -25.19 20.21 -8.93
N GLU A 71 -26.51 20.28 -9.04
CA GLU A 71 -27.20 21.53 -9.29
C GLU A 71 -26.80 22.60 -8.26
N LEU A 72 -26.49 22.15 -7.06
CA LEU A 72 -26.09 23.06 -5.98
C LEU A 72 -24.95 23.95 -6.43
N TYR A 73 -24.21 23.49 -7.44
CA TYR A 73 -23.08 24.25 -7.96
C TYR A 73 -23.54 25.39 -8.86
N LEU A 74 -24.54 25.12 -9.69
CA LEU A 74 -25.07 26.12 -10.60
C LEU A 74 -25.94 27.13 -9.85
N LYS A 75 -26.79 26.63 -8.96
CA LYS A 75 -27.67 27.48 -8.17
C LYS A 75 -26.93 28.06 -6.97
N GLY A 76 -25.83 27.42 -6.60
CA GLY A 76 -25.04 27.88 -5.47
C GLY A 76 -25.64 27.48 -4.14
N ALA A 77 -26.56 26.52 -4.17
CA ALA A 77 -27.21 26.04 -2.96
C ALA A 77 -26.20 25.47 -1.99
N THR A 78 -26.66 25.14 -0.78
CA THR A 78 -25.78 24.58 0.24
C THR A 78 -26.20 23.16 0.61
N VAL A 79 -25.45 22.54 1.50
CA VAL A 79 -25.76 21.18 1.95
C VAL A 79 -27.18 21.07 2.47
N TYR A 80 -27.68 22.16 3.04
CA TYR A 80 -29.03 22.19 3.58
C TYR A 80 -30.07 22.22 2.46
N GLU A 81 -29.66 22.73 1.30
CA GLU A 81 -30.54 22.81 0.15
C GLU A 81 -30.71 21.45 -0.52
N ILE A 82 -29.59 20.82 -0.85
CA ILE A 82 -29.62 19.51 -1.49
C ILE A 82 -30.45 18.51 -0.68
N ALA A 83 -30.47 18.70 0.63
CA ALA A 83 -31.23 17.82 1.51
C ALA A 83 -32.69 17.73 1.07
N ARG A 84 -33.29 18.90 0.79
CA ARG A 84 -34.68 18.95 0.36
C ARG A 84 -34.83 18.44 -1.07
N GLN A 85 -33.77 18.61 -1.86
CA GLN A 85 -33.78 18.18 -3.26
C GLN A 85 -33.78 16.65 -3.35
N LEU A 86 -32.79 16.03 -2.73
CA LEU A 86 -32.67 14.57 -2.74
C LEU A 86 -33.78 13.93 -1.93
N GLY A 87 -34.41 14.72 -1.06
CA GLY A 87 -35.50 14.21 -0.25
C GLY A 87 -35.00 13.58 1.05
N ARG A 88 -33.79 13.94 1.45
CA ARG A 88 -33.19 13.40 2.66
C ARG A 88 -33.01 14.49 3.71
N PRO A 89 -33.02 14.10 4.99
CA PRO A 89 -32.86 15.03 6.11
C PRO A 89 -31.43 15.57 6.19
N GLU A 90 -30.44 14.68 6.18
CA GLU A 90 -29.05 15.08 6.25
C GLU A 90 -28.14 13.86 6.30
N SER A 91 -28.57 12.83 7.02
CA SER A 91 -27.80 11.60 7.15
C SER A 91 -27.37 11.08 5.79
N THR A 92 -28.35 10.89 4.89
CA THR A 92 -28.07 10.40 3.55
C THR A 92 -27.10 11.31 2.82
N ILE A 93 -27.41 12.61 2.81
CA ILE A 93 -26.56 13.59 2.13
C ILE A 93 -25.12 13.50 2.63
N TYR A 94 -24.96 13.47 3.95
CA TYR A 94 -23.63 13.39 4.56
C TYR A 94 -22.90 12.13 4.09
N TYR A 95 -23.63 11.02 4.01
CA TYR A 95 -23.06 9.75 3.59
C TYR A 95 -22.58 9.83 2.15
N ALA A 96 -23.27 10.63 1.34
CA ALA A 96 -22.92 10.79 -0.06
C ALA A 96 -21.51 11.35 -0.21
N LEU A 97 -21.28 12.53 0.35
CA LEU A 97 -19.96 13.18 0.28
C LEU A 97 -18.93 12.40 1.10
N LYS A 98 -19.34 11.96 2.29
CA LYS A 98 -18.45 11.21 3.17
C LYS A 98 -17.92 9.96 2.47
N LYS A 99 -18.85 9.10 2.02
CA LYS A 99 -18.49 7.87 1.34
C LYS A 99 -17.61 8.16 0.13
N LEU A 100 -17.73 9.37 -0.43
CA LEU A 100 -16.94 9.77 -1.59
C LEU A 100 -15.50 10.01 -1.19
N GLY A 101 -15.27 10.36 0.08
CA GLY A 101 -13.92 10.60 0.56
C GLY A 101 -13.60 12.08 0.61
N LEU A 102 -14.63 12.92 0.71
CA LEU A 102 -14.45 14.36 0.78
C LEU A 102 -14.45 14.85 2.23
N LYS A 103 -13.55 15.78 2.53
CA LYS A 103 -13.45 16.33 3.88
C LYS A 103 -14.80 16.84 4.36
N LEU A 104 -15.44 16.07 5.23
CA LEU A 104 -16.74 16.45 5.76
C LEU A 104 -16.75 16.35 7.29
N GLU A 105 -17.02 17.48 7.95
CA GLU A 105 -17.06 17.53 9.40
C GLU A 105 -18.46 17.22 9.92
N MET A 1 -1.60 -4.65 25.55
CA MET A 1 -0.20 -4.40 25.24
C MET A 1 0.54 -5.72 24.97
N PRO A 2 0.22 -6.34 23.81
CA PRO A 2 0.83 -7.61 23.42
C PRO A 2 2.31 -7.45 23.06
N SER A 3 2.98 -8.57 22.81
CA SER A 3 4.40 -8.56 22.46
C SER A 3 4.60 -9.00 21.01
N VAL A 4 4.14 -10.20 20.70
CA VAL A 4 4.29 -10.74 19.34
C VAL A 4 3.74 -9.76 18.31
N ASN A 5 2.72 -9.00 18.71
CA ASN A 5 2.11 -8.02 17.82
C ASN A 5 3.14 -7.03 17.30
N ASP A 6 4.06 -6.63 18.19
CA ASP A 6 5.11 -5.68 17.82
C ASP A 6 5.86 -6.15 16.59
N SER A 7 6.07 -7.45 16.48
CA SER A 7 6.78 -8.04 15.34
C SER A 7 5.96 -7.91 14.07
N LEU A 8 4.65 -8.07 14.21
CA LEU A 8 3.74 -7.98 13.06
C LEU A 8 3.87 -6.64 12.36
N ASP A 9 4.11 -5.59 13.15
CA ASP A 9 4.26 -4.24 12.61
C ASP A 9 5.38 -4.19 11.58
N ILE A 10 6.41 -5.02 11.79
CA ILE A 10 7.54 -5.08 10.87
C ILE A 10 7.23 -5.94 9.66
N VAL A 11 6.68 -7.13 9.91
CA VAL A 11 6.34 -8.05 8.83
C VAL A 11 5.40 -7.39 7.82
N GLU A 12 4.38 -6.71 8.33
CA GLU A 12 3.42 -6.04 7.48
C GLU A 12 4.05 -4.86 6.76
N LYS A 13 5.00 -4.20 7.43
CA LYS A 13 5.69 -3.06 6.86
C LYS A 13 6.66 -3.49 5.77
N LEU A 14 7.22 -4.68 5.93
CA LEU A 14 8.17 -5.22 4.95
C LEU A 14 7.45 -5.64 3.68
N TYR A 15 6.45 -6.50 3.82
CA TYR A 15 5.69 -6.98 2.68
C TYR A 15 5.09 -5.82 1.90
N LYS A 16 4.37 -4.94 2.60
CA LYS A 16 3.75 -3.79 1.98
C LYS A 16 4.79 -2.90 1.30
N ASP A 17 6.00 -2.88 1.86
CA ASP A 17 7.08 -2.08 1.31
C ASP A 17 7.63 -2.71 0.02
N GLY A 18 7.49 -4.03 -0.08
CA GLY A 18 7.97 -4.73 -1.26
C GLY A 18 9.00 -5.78 -0.91
N VAL A 19 9.01 -6.22 0.35
CA VAL A 19 9.95 -7.23 0.80
C VAL A 19 9.41 -8.63 0.56
N PRO A 20 10.26 -9.51 -0.01
CA PRO A 20 9.89 -10.90 -0.31
C PRO A 20 9.72 -11.73 0.96
N VAL A 21 8.83 -12.71 0.89
CA VAL A 21 8.57 -13.58 2.03
C VAL A 21 9.87 -14.12 2.63
N LYS A 22 10.75 -14.61 1.75
CA LYS A 22 12.03 -15.15 2.18
C LYS A 22 12.78 -14.15 3.06
N GLU A 23 12.71 -12.88 2.68
CA GLU A 23 13.39 -11.83 3.44
C GLU A 23 12.60 -11.48 4.70
N ILE A 24 11.29 -11.36 4.56
CA ILE A 24 10.43 -11.02 5.68
C ILE A 24 10.63 -12.00 6.84
N ALA A 25 10.79 -13.28 6.51
CA ALA A 25 11.00 -14.31 7.51
C ALA A 25 12.31 -14.09 8.26
N LYS A 26 13.36 -13.75 7.51
CA LYS A 26 14.67 -13.51 8.10
C LYS A 26 14.67 -12.24 8.93
N ARG A 27 13.97 -11.21 8.45
CA ARG A 27 13.89 -9.94 9.15
C ARG A 27 13.05 -10.08 10.43
N SER A 28 11.86 -10.65 10.28
CA SER A 28 10.97 -10.83 11.41
C SER A 28 11.40 -12.02 12.27
N ASN A 29 12.40 -12.75 11.79
CA ASN A 29 12.92 -13.91 12.51
C ASN A 29 11.82 -14.97 12.68
N ASN A 30 10.98 -15.10 11.67
CA ASN A 30 9.88 -16.06 11.71
C ASN A 30 10.03 -17.08 10.58
N SER A 31 9.09 -18.03 10.52
CA SER A 31 9.11 -19.06 9.49
C SER A 31 8.20 -18.67 8.32
N MET A 32 8.44 -19.29 7.17
CA MET A 32 7.65 -19.01 5.98
C MET A 32 6.16 -19.23 6.26
N SER A 33 5.86 -20.17 7.15
CA SER A 33 4.48 -20.48 7.51
C SER A 33 3.92 -19.45 8.48
N THR A 34 4.82 -18.79 9.21
CA THR A 34 4.42 -17.78 10.18
C THR A 34 4.22 -16.42 9.52
N VAL A 35 5.23 -16.00 8.74
CA VAL A 35 5.17 -14.72 8.04
C VAL A 35 4.01 -14.69 7.05
N TYR A 36 3.98 -15.67 6.15
CA TYR A 36 2.93 -15.74 5.14
C TYR A 36 1.55 -15.69 5.80
N LYS A 37 1.41 -16.37 6.93
CA LYS A 37 0.14 -16.40 7.65
C LYS A 37 -0.27 -14.99 8.09
N ALA A 38 0.73 -14.14 8.33
CA ALA A 38 0.49 -12.77 8.75
C ALA A 38 0.07 -11.90 7.58
N LEU A 39 0.73 -12.08 6.44
CA LEU A 39 0.43 -11.32 5.24
C LEU A 39 -1.03 -11.50 4.83
N GLU A 40 -1.47 -12.76 4.75
CA GLU A 40 -2.84 -13.07 4.38
C GLU A 40 -3.83 -12.41 5.33
N LYS A 41 -3.42 -12.27 6.58
CA LYS A 41 -4.27 -11.66 7.60
C LYS A 41 -4.26 -10.14 7.49
N LEU A 42 -3.09 -9.59 7.17
CA LEU A 42 -2.94 -8.15 7.03
C LEU A 42 -3.65 -7.65 5.77
N GLU A 43 -3.37 -8.29 4.64
CA GLU A 43 -3.98 -7.91 3.38
C GLU A 43 -5.51 -7.93 3.48
N ALA A 44 -6.03 -8.84 4.30
CA ALA A 44 -7.46 -8.96 4.49
C ALA A 44 -8.02 -7.76 5.23
N MET A 45 -7.16 -7.08 5.99
CA MET A 45 -7.58 -5.91 6.75
C MET A 45 -7.22 -4.63 6.00
N GLY A 46 -6.19 -4.71 5.16
CA GLY A 46 -5.78 -3.55 4.39
C GLY A 46 -4.57 -2.85 5.02
N ARG A 47 -3.79 -3.61 5.79
CA ARG A 47 -2.61 -3.06 6.43
C ARG A 47 -1.43 -2.99 5.46
N ILE A 48 -1.24 -4.06 4.71
CA ILE A 48 -0.14 -4.12 3.74
C ILE A 48 -0.61 -3.68 2.36
N LYS A 49 -1.91 -3.81 2.12
CA LYS A 49 -2.49 -3.43 0.84
C LYS A 49 -3.66 -2.48 1.03
N ARG A 50 -4.03 -1.75 -0.03
CA ARG A 50 -5.13 -0.82 0.02
C ARG A 50 -6.06 -1.00 -1.17
N ARG A 51 -6.42 -2.25 -1.45
CA ARG A 51 -7.30 -2.55 -2.57
C ARG A 51 -8.68 -1.92 -2.37
N LYS A 52 -9.01 -0.97 -3.24
CA LYS A 52 -10.29 -0.29 -3.16
C LYS A 52 -11.28 -0.85 -4.19
N GLY A 53 -10.75 -1.25 -5.35
CA GLY A 53 -11.59 -1.80 -6.39
C GLY A 53 -10.93 -2.95 -7.12
N ARG A 54 -11.23 -3.07 -8.41
CA ARG A 54 -10.66 -4.14 -9.23
C ARG A 54 -9.88 -3.56 -10.40
N TYR A 55 -8.57 -3.42 -10.22
CA TYR A 55 -7.72 -2.88 -11.27
C TYR A 55 -7.77 -3.74 -12.53
N ARG A 56 -7.23 -4.95 -12.42
CA ARG A 56 -7.22 -5.87 -13.55
C ARG A 56 -6.55 -7.19 -13.17
N GLN A 57 -5.50 -7.10 -12.36
CA GLN A 57 -4.77 -8.29 -11.91
C GLN A 57 -4.37 -9.15 -13.10
N HIS A 58 -3.56 -8.58 -13.99
CA HIS A 58 -3.10 -9.30 -15.18
C HIS A 58 -1.62 -9.65 -15.07
N ARG A 59 -1.12 -10.43 -16.01
CA ARG A 59 0.28 -10.83 -16.02
C ARG A 59 1.19 -9.62 -16.15
N ARG A 60 2.49 -9.88 -16.29
CA ARG A 60 3.47 -8.81 -16.44
C ARG A 60 3.64 -8.40 -17.89
N LEU A 61 4.58 -7.49 -18.15
CA LEU A 61 4.84 -7.03 -19.51
C LEU A 61 3.58 -6.42 -20.12
N THR A 62 2.66 -5.98 -19.27
CA THR A 62 1.42 -5.37 -19.72
C THR A 62 1.66 -3.97 -20.25
N GLU A 63 0.71 -3.46 -21.04
CA GLU A 63 0.83 -2.12 -21.61
C GLU A 63 1.06 -1.09 -20.52
N GLU A 64 0.58 -1.38 -19.31
CA GLU A 64 0.74 -0.47 -18.18
C GLU A 64 2.17 -0.51 -17.65
N GLU A 65 2.75 -1.71 -17.60
CA GLU A 65 4.10 -1.87 -17.10
C GLU A 65 5.11 -1.24 -18.07
N LEU A 66 4.91 -1.47 -19.37
CA LEU A 66 5.80 -0.92 -20.38
C LEU A 66 5.91 0.58 -20.25
N ALA A 67 4.84 1.23 -19.79
CA ALA A 67 4.83 2.67 -19.61
C ALA A 67 5.53 3.06 -18.32
N THR A 68 5.57 2.14 -17.37
CA THR A 68 6.22 2.40 -16.08
C THR A 68 7.72 2.17 -16.16
N ILE A 69 8.12 1.10 -16.84
CA ILE A 69 9.53 0.78 -17.00
C ILE A 69 10.26 1.87 -17.77
N ARG A 70 9.59 2.43 -18.77
CA ARG A 70 10.18 3.48 -19.59
C ARG A 70 10.62 4.66 -18.73
N GLU A 71 10.01 4.78 -17.56
CA GLU A 71 10.34 5.87 -16.64
C GLU A 71 11.85 5.92 -16.37
N LEU A 72 12.49 4.75 -16.40
CA LEU A 72 13.91 4.66 -16.15
C LEU A 72 14.69 5.60 -17.08
N TYR A 73 14.06 5.97 -18.20
CA TYR A 73 14.68 6.87 -19.16
C TYR A 73 14.60 8.32 -18.69
N LEU A 74 13.50 8.66 -18.04
CA LEU A 74 13.28 10.02 -17.54
C LEU A 74 14.21 10.31 -16.36
N LYS A 75 14.30 9.36 -15.44
CA LYS A 75 15.15 9.50 -14.26
C LYS A 75 16.58 9.09 -14.57
N GLY A 76 16.75 8.29 -15.63
CA GLY A 76 18.07 7.83 -16.02
C GLY A 76 18.48 6.58 -15.27
N ALA A 77 17.52 5.92 -14.64
CA ALA A 77 17.78 4.70 -13.88
C ALA A 77 18.51 3.67 -14.74
N THR A 78 19.03 2.63 -14.11
CA THR A 78 19.74 1.58 -14.81
C THR A 78 18.93 0.28 -14.85
N VAL A 79 19.45 -0.73 -15.55
CA VAL A 79 18.77 -2.01 -15.66
C VAL A 79 18.47 -2.59 -14.28
N TYR A 80 19.29 -2.22 -13.29
CA TYR A 80 19.12 -2.70 -11.93
C TYR A 80 17.90 -2.06 -11.27
N GLU A 81 17.69 -0.77 -11.56
CA GLU A 81 16.56 -0.04 -10.99
C GLU A 81 15.23 -0.64 -11.46
N ILE A 82 15.06 -0.72 -12.77
CA ILE A 82 13.83 -1.28 -13.34
C ILE A 82 13.55 -2.67 -12.79
N ALA A 83 14.61 -3.41 -12.49
CA ALA A 83 14.48 -4.75 -11.95
C ALA A 83 13.70 -4.75 -10.64
N ARG A 84 14.09 -3.85 -9.73
CA ARG A 84 13.44 -3.74 -8.44
C ARG A 84 12.05 -3.11 -8.59
N GLN A 85 11.91 -2.21 -9.56
CA GLN A 85 10.63 -1.55 -9.80
C GLN A 85 9.56 -2.54 -10.22
N LEU A 86 9.84 -3.29 -11.28
CA LEU A 86 8.89 -4.29 -11.78
C LEU A 86 8.85 -5.51 -10.86
N GLY A 87 9.88 -5.65 -10.03
CA GLY A 87 9.94 -6.77 -9.12
C GLY A 87 10.55 -8.01 -9.76
N ARG A 88 11.28 -7.81 -10.85
CA ARG A 88 11.93 -8.91 -11.55
C ARG A 88 13.44 -8.83 -11.43
N PRO A 89 14.11 -9.99 -11.52
CA PRO A 89 15.57 -10.07 -11.43
C PRO A 89 16.26 -9.47 -12.64
N GLU A 90 15.84 -9.90 -13.84
CA GLU A 90 16.42 -9.40 -15.07
C GLU A 90 15.82 -10.11 -16.28
N SER A 91 15.66 -11.42 -16.16
CA SER A 91 15.09 -12.21 -17.25
C SER A 91 13.78 -11.60 -17.75
N THR A 92 12.86 -11.38 -16.84
CA THR A 92 11.56 -10.79 -17.20
C THR A 92 11.75 -9.48 -17.96
N ILE A 93 12.54 -8.58 -17.40
CA ILE A 93 12.80 -7.30 -18.02
C ILE A 93 13.29 -7.47 -19.47
N TYR A 94 14.19 -8.42 -19.67
CA TYR A 94 14.73 -8.69 -21.00
C TYR A 94 13.61 -8.92 -22.00
N TYR A 95 12.59 -9.67 -21.58
CA TYR A 95 11.45 -9.96 -22.45
C TYR A 95 10.69 -8.69 -22.81
N ALA A 96 10.65 -7.75 -21.87
CA ALA A 96 9.96 -6.49 -22.10
C ALA A 96 10.51 -5.76 -23.32
N LEU A 97 11.80 -5.45 -23.30
CA LEU A 97 12.45 -4.75 -24.40
C LEU A 97 12.54 -5.66 -25.62
N LYS A 98 12.98 -6.90 -25.40
CA LYS A 98 13.12 -7.87 -26.49
C LYS A 98 11.83 -7.98 -27.27
N LYS A 99 10.73 -8.26 -26.58
CA LYS A 99 9.42 -8.40 -27.21
C LYS A 99 9.08 -7.16 -28.02
N LEU A 100 9.65 -6.02 -27.62
CA LEU A 100 9.41 -4.75 -28.30
C LEU A 100 10.33 -4.59 -29.50
N GLY A 101 11.48 -5.26 -29.45
CA GLY A 101 12.44 -5.18 -30.54
C GLY A 101 13.37 -4.00 -30.40
N LEU A 102 13.72 -3.65 -29.16
CA LEU A 102 14.61 -2.53 -28.90
C LEU A 102 16.04 -3.02 -28.68
N LYS A 103 16.90 -2.11 -28.22
CA LYS A 103 18.30 -2.46 -27.97
C LYS A 103 18.52 -2.77 -26.49
N LEU A 104 18.61 -4.06 -26.18
CA LEU A 104 18.83 -4.49 -24.81
C LEU A 104 20.32 -4.57 -24.48
N GLU A 105 20.85 -3.49 -23.92
CA GLU A 105 22.26 -3.43 -23.57
C GLU A 105 22.49 -3.96 -22.15
N MET A 1 -0.86 -4.91 27.38
CA MET A 1 -0.99 -5.21 25.96
C MET A 1 0.12 -6.16 25.49
N PRO A 2 -0.10 -6.83 24.35
CA PRO A 2 0.87 -7.76 23.77
C PRO A 2 2.11 -7.06 23.24
N SER A 3 3.26 -7.72 23.37
CA SER A 3 4.51 -7.16 22.90
C SER A 3 4.81 -7.60 21.46
N VAL A 4 4.64 -8.90 21.20
CA VAL A 4 4.88 -9.45 19.88
C VAL A 4 4.01 -8.77 18.84
N ASN A 5 2.83 -8.32 19.25
CA ASN A 5 1.90 -7.65 18.35
C ASN A 5 2.57 -6.47 17.65
N ASP A 6 3.31 -5.68 18.42
CA ASP A 6 4.00 -4.52 17.87
C ASP A 6 4.88 -4.92 16.69
N SER A 7 5.62 -6.01 16.86
CA SER A 7 6.52 -6.50 15.81
C SER A 7 5.75 -6.78 14.52
N LEU A 8 4.50 -7.22 14.68
CA LEU A 8 3.66 -7.53 13.54
C LEU A 8 3.56 -6.34 12.59
N ASP A 9 3.62 -5.14 13.15
CA ASP A 9 3.55 -3.91 12.36
C ASP A 9 4.84 -3.70 11.57
N ILE A 10 5.95 -4.17 12.12
CA ILE A 10 7.24 -4.04 11.46
C ILE A 10 7.42 -5.10 10.37
N VAL A 11 7.28 -6.36 10.76
CA VAL A 11 7.42 -7.46 9.82
C VAL A 11 6.51 -7.29 8.62
N GLU A 12 5.27 -6.87 8.89
CA GLU A 12 4.28 -6.67 7.82
C GLU A 12 4.67 -5.47 6.95
N LYS A 13 5.29 -4.48 7.57
CA LYS A 13 5.71 -3.27 6.86
C LYS A 13 6.64 -3.63 5.71
N LEU A 14 7.41 -4.69 5.88
CA LEU A 14 8.34 -5.14 4.85
C LEU A 14 7.60 -5.63 3.61
N TYR A 15 6.59 -6.47 3.84
CA TYR A 15 5.79 -7.01 2.74
C TYR A 15 5.09 -5.90 1.97
N LYS A 16 4.31 -5.09 2.69
CA LYS A 16 3.58 -3.99 2.07
C LYS A 16 4.54 -3.00 1.41
N ASP A 17 5.80 -3.06 1.81
CA ASP A 17 6.82 -2.17 1.26
C ASP A 17 7.40 -2.74 -0.02
N GLY A 18 7.35 -4.07 -0.15
CA GLY A 18 7.88 -4.73 -1.33
C GLY A 18 8.98 -5.71 -1.00
N VAL A 19 8.75 -6.52 0.03
CA VAL A 19 9.73 -7.52 0.44
C VAL A 19 9.16 -8.94 0.35
N PRO A 20 9.94 -9.84 -0.24
CA PRO A 20 9.54 -11.25 -0.40
C PRO A 20 9.48 -12.00 0.93
N VAL A 21 8.65 -13.02 0.99
CA VAL A 21 8.51 -13.83 2.20
C VAL A 21 9.87 -14.36 2.66
N LYS A 22 10.68 -14.79 1.70
CA LYS A 22 12.00 -15.33 2.01
C LYS A 22 12.81 -14.35 2.84
N GLU A 23 12.71 -13.07 2.49
CA GLU A 23 13.42 -12.02 3.21
C GLU A 23 12.73 -11.69 4.53
N ILE A 24 11.42 -11.46 4.47
CA ILE A 24 10.65 -11.13 5.65
C ILE A 24 10.80 -12.21 6.73
N ALA A 25 10.99 -13.45 6.30
CA ALA A 25 11.16 -14.56 7.22
C ALA A 25 12.35 -14.33 8.15
N LYS A 26 13.44 -13.81 7.58
CA LYS A 26 14.64 -13.54 8.35
C LYS A 26 14.43 -12.37 9.31
N ARG A 27 13.96 -11.25 8.76
CA ARG A 27 13.72 -10.06 9.55
C ARG A 27 12.68 -10.33 10.64
N SER A 28 11.79 -11.29 10.38
CA SER A 28 10.75 -11.64 11.32
C SER A 28 11.15 -12.86 12.15
N ASN A 29 12.31 -13.44 11.81
CA ASN A 29 12.80 -14.61 12.52
C ASN A 29 11.78 -15.74 12.48
N ASN A 30 10.93 -15.73 11.45
CA ASN A 30 9.91 -16.75 11.30
C ASN A 30 10.12 -17.55 10.01
N SER A 31 9.24 -18.51 9.76
CA SER A 31 9.34 -19.35 8.58
C SER A 31 8.47 -18.79 7.45
N MET A 32 8.51 -19.45 6.29
CA MET A 32 7.73 -19.02 5.14
C MET A 32 6.23 -19.21 5.40
N SER A 33 5.88 -20.32 6.05
CA SER A 33 4.49 -20.62 6.35
C SER A 33 3.99 -19.75 7.50
N THR A 34 4.92 -19.23 8.29
CA THR A 34 4.57 -18.39 9.43
C THR A 34 4.38 -16.95 9.00
N VAL A 35 5.36 -16.41 8.27
CA VAL A 35 5.29 -15.04 7.80
C VAL A 35 4.13 -14.84 6.83
N TYR A 36 4.13 -15.62 5.75
CA TYR A 36 3.07 -15.54 4.74
C TYR A 36 1.70 -15.63 5.39
N LYS A 37 1.57 -16.52 6.37
CA LYS A 37 0.30 -16.71 7.07
C LYS A 37 -0.13 -15.43 7.77
N ALA A 38 0.85 -14.63 8.20
CA ALA A 38 0.55 -13.37 8.87
C ALA A 38 0.16 -12.29 7.88
N LEU A 39 0.76 -12.35 6.68
CA LEU A 39 0.47 -11.36 5.64
C LEU A 39 -0.94 -11.55 5.09
N GLU A 40 -1.28 -12.79 4.73
CA GLU A 40 -2.60 -13.11 4.20
C GLU A 40 -3.69 -12.57 5.13
N LYS A 41 -3.39 -12.50 6.42
CA LYS A 41 -4.35 -12.01 7.40
C LYS A 41 -4.43 -10.49 7.38
N LEU A 42 -3.27 -9.85 7.24
CA LEU A 42 -3.20 -8.39 7.19
C LEU A 42 -3.81 -7.85 5.91
N GLU A 43 -3.39 -8.41 4.78
CA GLU A 43 -3.89 -7.98 3.48
C GLU A 43 -5.42 -8.06 3.43
N ALA A 44 -5.97 -9.10 4.05
CA ALA A 44 -7.42 -9.28 4.08
C ALA A 44 -8.10 -8.13 4.82
N MET A 45 -7.34 -7.44 5.67
CA MET A 45 -7.87 -6.32 6.43
C MET A 45 -7.48 -4.99 5.79
N GLY A 46 -6.37 -5.00 5.06
CA GLY A 46 -5.91 -3.78 4.41
C GLY A 46 -4.80 -3.09 5.18
N ARG A 47 -4.06 -3.86 5.98
CA ARG A 47 -2.99 -3.32 6.78
C ARG A 47 -1.69 -3.22 5.96
N ILE A 48 -1.46 -4.22 5.12
CA ILE A 48 -0.27 -4.23 4.28
C ILE A 48 -0.57 -3.67 2.89
N LYS A 49 -1.58 -2.81 2.82
CA LYS A 49 -1.96 -2.19 1.55
C LYS A 49 -1.66 -0.70 1.56
N ARG A 50 -0.97 -0.24 0.54
CA ARG A 50 -0.63 1.18 0.42
C ARG A 50 -1.88 2.05 0.40
N ARG A 51 -1.69 3.36 0.25
CA ARG A 51 -2.80 4.29 0.22
C ARG A 51 -2.84 5.05 -1.11
N LYS A 52 -1.67 5.31 -1.66
CA LYS A 52 -1.56 6.03 -2.93
C LYS A 52 -0.24 5.70 -3.63
N GLY A 53 -0.23 4.61 -4.39
CA GLY A 53 0.98 4.22 -5.10
C GLY A 53 2.19 4.12 -4.19
N ARG A 54 3.37 4.04 -4.78
CA ARG A 54 4.60 3.94 -4.02
C ARG A 54 5.06 5.32 -3.56
N TYR A 55 5.85 5.35 -2.49
CA TYR A 55 6.36 6.61 -1.95
C TYR A 55 7.85 6.78 -2.30
N ARG A 56 8.60 5.69 -2.24
CA ARG A 56 10.02 5.73 -2.54
C ARG A 56 10.76 6.66 -1.59
N GLN A 57 10.97 6.21 -0.36
CA GLN A 57 11.66 7.00 0.64
C GLN A 57 13.17 6.93 0.46
N HIS A 58 13.74 7.92 -0.22
CA HIS A 58 15.17 7.97 -0.46
C HIS A 58 15.84 9.04 0.39
N ARG A 59 15.51 10.30 0.11
CA ARG A 59 16.07 11.42 0.86
C ARG A 59 15.42 11.56 2.22
N ARG A 60 16.21 11.91 3.22
CA ARG A 60 15.70 12.08 4.58
C ARG A 60 15.41 13.55 4.88
N LEU A 61 14.35 13.79 5.62
CA LEU A 61 13.95 15.16 5.98
C LEU A 61 13.64 15.98 4.73
N THR A 62 13.18 15.30 3.69
CA THR A 62 12.85 15.97 2.44
C THR A 62 11.57 16.80 2.57
N GLU A 63 11.33 17.67 1.60
CA GLU A 63 10.15 18.52 1.61
C GLU A 63 8.88 17.69 1.76
N GLU A 64 8.94 16.44 1.30
CA GLU A 64 7.80 15.54 1.38
C GLU A 64 7.59 15.06 2.81
N GLU A 65 8.67 14.61 3.44
CA GLU A 65 8.60 14.12 4.82
C GLU A 65 8.33 15.26 5.79
N LEU A 66 8.91 16.42 5.51
CA LEU A 66 8.73 17.59 6.36
C LEU A 66 7.25 17.96 6.47
N ALA A 67 6.50 17.66 5.42
CA ALA A 67 5.07 17.96 5.41
C ALA A 67 4.28 16.91 6.17
N THR A 68 4.82 15.70 6.25
CA THR A 68 4.17 14.60 6.95
C THR A 68 4.46 14.66 8.45
N ILE A 69 5.69 15.03 8.80
CA ILE A 69 6.09 15.13 10.20
C ILE A 69 5.30 16.21 10.92
N ARG A 70 5.04 17.31 10.22
CA ARG A 70 4.30 18.42 10.79
C ARG A 70 2.94 17.97 11.30
N GLU A 71 2.45 16.87 10.74
CA GLU A 71 1.16 16.33 11.13
C GLU A 71 1.09 16.12 12.64
N LEU A 72 2.23 15.82 13.24
CA LEU A 72 2.30 15.59 14.68
C LEU A 72 1.69 16.77 15.45
N TYR A 73 1.63 17.92 14.80
CA TYR A 73 1.06 19.12 15.41
C TYR A 73 -0.46 19.07 15.42
N LEU A 74 -1.03 18.65 14.30
CA LEU A 74 -2.48 18.56 14.18
C LEU A 74 -3.02 17.40 15.02
N LYS A 75 -2.33 16.27 14.99
CA LYS A 75 -2.72 15.09 15.75
C LYS A 75 -2.27 15.20 17.19
N GLY A 76 -1.28 16.05 17.43
CA GLY A 76 -0.75 16.23 18.78
C GLY A 76 0.21 15.13 19.18
N ALA A 77 0.69 14.37 18.19
CA ALA A 77 1.63 13.29 18.45
C ALA A 77 2.92 13.81 19.05
N THR A 78 3.78 12.90 19.49
CA THR A 78 5.06 13.27 20.09
C THR A 78 6.22 12.84 19.21
N VAL A 79 7.43 13.24 19.59
CA VAL A 79 8.63 12.89 18.84
C VAL A 79 8.72 11.40 18.62
N TYR A 80 8.19 10.63 19.57
CA TYR A 80 8.21 9.17 19.48
C TYR A 80 7.28 8.67 18.39
N GLU A 81 6.15 9.38 18.23
CA GLU A 81 5.16 9.01 17.22
C GLU A 81 5.75 9.13 15.81
N ILE A 82 6.22 10.33 15.48
CA ILE A 82 6.80 10.59 14.17
C ILE A 82 7.91 9.61 13.87
N ALA A 83 8.64 9.20 14.91
CA ALA A 83 9.74 8.26 14.76
C ALA A 83 9.26 6.93 14.20
N ARG A 84 8.22 6.39 14.82
CA ARG A 84 7.65 5.11 14.39
C ARG A 84 6.88 5.27 13.08
N GLN A 85 6.08 6.33 13.00
CA GLN A 85 5.29 6.59 11.80
C GLN A 85 6.17 6.62 10.56
N LEU A 86 7.18 7.49 10.58
CA LEU A 86 8.11 7.62 9.47
C LEU A 86 9.14 6.49 9.46
N GLY A 87 9.28 5.83 10.61
CA GLY A 87 10.23 4.74 10.73
C GLY A 87 11.66 5.21 10.60
N ARG A 88 11.99 6.29 11.29
CA ARG A 88 13.33 6.84 11.26
C ARG A 88 14.00 6.75 12.62
N PRO A 89 15.34 6.75 12.64
CA PRO A 89 16.12 6.65 13.87
C PRO A 89 16.01 7.92 14.73
N GLU A 90 16.49 7.84 15.96
CA GLU A 90 16.45 8.98 16.88
C GLU A 90 17.31 10.13 16.35
N SER A 91 18.30 9.78 15.55
CA SER A 91 19.21 10.78 14.98
C SER A 91 18.50 11.61 13.91
N THR A 92 17.82 10.92 13.00
CA THR A 92 17.10 11.60 11.92
C THR A 92 16.13 12.62 12.47
N ILE A 93 15.30 12.20 13.43
CA ILE A 93 14.31 13.08 14.03
C ILE A 93 15.00 14.24 14.76
N TYR A 94 15.98 13.91 15.60
CA TYR A 94 16.71 14.93 16.35
C TYR A 94 17.34 15.95 15.41
N TYR A 95 17.86 15.47 14.29
CA TYR A 95 18.50 16.35 13.31
C TYR A 95 17.47 17.21 12.59
N ALA A 96 16.27 16.66 12.42
CA ALA A 96 15.19 17.38 11.75
C ALA A 96 14.87 18.68 12.47
N LEU A 97 14.52 18.59 13.74
CA LEU A 97 14.19 19.76 14.54
C LEU A 97 15.43 20.61 14.80
N LYS A 98 16.52 19.95 15.20
CA LYS A 98 17.76 20.64 15.48
C LYS A 98 18.20 21.49 14.30
N LYS A 99 18.38 20.86 13.15
CA LYS A 99 18.78 21.55 11.94
C LYS A 99 17.78 22.63 11.57
N LEU A 100 16.52 22.45 11.99
CA LEU A 100 15.47 23.41 11.71
C LEU A 100 15.65 24.67 12.54
N GLY A 101 16.31 24.53 13.68
CA GLY A 101 16.53 25.68 14.55
C GLY A 101 15.57 25.73 15.70
N LEU A 102 14.95 24.60 16.01
CA LEU A 102 13.99 24.52 17.11
C LEU A 102 14.64 23.94 18.36
N LYS A 103 13.85 23.80 19.42
CA LYS A 103 14.35 23.26 20.68
C LYS A 103 13.90 21.81 20.85
N LEU A 104 14.83 20.96 21.26
CA LEU A 104 14.53 19.54 21.47
C LEU A 104 15.53 18.91 22.45
N GLU A 105 15.25 17.68 22.85
CA GLU A 105 16.11 16.96 23.78
C GLU A 105 15.58 15.56 24.05
N MET A 1 -3.48 -5.59 25.91
CA MET A 1 -2.16 -5.01 25.64
C MET A 1 -1.20 -6.08 25.14
N PRO A 2 -1.39 -6.51 23.89
CA PRO A 2 -0.53 -7.53 23.27
C PRO A 2 0.87 -7.02 22.97
N SER A 3 1.83 -7.94 22.92
CA SER A 3 3.22 -7.58 22.66
C SER A 3 3.71 -8.21 21.36
N VAL A 4 3.21 -9.41 21.08
CA VAL A 4 3.60 -10.13 19.86
C VAL A 4 3.10 -9.41 18.62
N ASN A 5 1.94 -8.76 18.74
CA ASN A 5 1.35 -8.04 17.63
C ASN A 5 2.26 -6.89 17.17
N ASP A 6 2.88 -6.22 18.14
CA ASP A 6 3.77 -5.11 17.84
C ASP A 6 4.88 -5.54 16.88
N SER A 7 5.55 -6.64 17.22
CA SER A 7 6.63 -7.16 16.40
C SER A 7 6.14 -7.46 14.98
N LEU A 8 4.89 -7.90 14.87
CA LEU A 8 4.31 -8.23 13.58
C LEU A 8 4.21 -6.98 12.69
N ASP A 9 3.93 -5.84 13.31
CA ASP A 9 3.82 -4.59 12.59
C ASP A 9 5.10 -4.29 11.81
N ILE A 10 6.23 -4.71 12.37
CA ILE A 10 7.52 -4.50 11.72
C ILE A 10 7.75 -5.49 10.59
N VAL A 11 7.41 -6.76 10.85
CA VAL A 11 7.58 -7.81 9.85
C VAL A 11 6.74 -7.53 8.61
N GLU A 12 5.47 -7.23 8.81
CA GLU A 12 4.56 -6.95 7.71
C GLU A 12 4.98 -5.68 6.98
N LYS A 13 5.55 -4.73 7.72
CA LYS A 13 5.99 -3.47 7.16
C LYS A 13 6.91 -3.71 5.95
N LEU A 14 7.64 -4.82 5.99
CA LEU A 14 8.55 -5.17 4.91
C LEU A 14 7.78 -5.63 3.67
N TYR A 15 6.78 -6.49 3.88
CA TYR A 15 5.96 -7.00 2.79
C TYR A 15 5.29 -5.86 2.04
N LYS A 16 4.53 -5.04 2.76
CA LYS A 16 3.83 -3.92 2.16
C LYS A 16 4.82 -2.92 1.56
N ASP A 17 6.04 -2.93 2.07
CA ASP A 17 7.08 -2.03 1.58
C ASP A 17 7.67 -2.53 0.26
N GLY A 18 7.51 -3.83 0.02
CA GLY A 18 8.04 -4.42 -1.21
C GLY A 18 9.10 -5.46 -0.95
N VAL A 19 8.84 -6.33 0.05
CA VAL A 19 9.79 -7.38 0.40
C VAL A 19 9.15 -8.77 0.24
N PRO A 20 9.87 -9.68 -0.41
CA PRO A 20 9.40 -11.04 -0.63
C PRO A 20 9.35 -11.86 0.66
N VAL A 21 8.44 -12.83 0.70
CA VAL A 21 8.30 -13.68 1.88
C VAL A 21 9.64 -14.27 2.30
N LYS A 22 10.37 -14.81 1.33
CA LYS A 22 11.67 -15.41 1.60
C LYS A 22 12.56 -14.44 2.37
N GLU A 23 12.51 -13.16 2.00
CA GLU A 23 13.31 -12.14 2.65
C GLU A 23 12.72 -11.76 4.01
N ILE A 24 11.41 -11.53 4.04
CA ILE A 24 10.72 -11.16 5.27
C ILE A 24 10.99 -12.19 6.36
N ALA A 25 10.96 -13.46 6.00
CA ALA A 25 11.20 -14.53 6.97
C ALA A 25 12.56 -14.36 7.64
N LYS A 26 13.58 -14.11 6.83
CA LYS A 26 14.94 -13.93 7.35
C LYS A 26 15.06 -12.61 8.12
N ARG A 27 14.28 -11.62 7.70
CA ARG A 27 14.30 -10.32 8.35
C ARG A 27 13.67 -10.39 9.74
N SER A 28 12.52 -11.04 9.83
CA SER A 28 11.81 -11.18 11.10
C SER A 28 12.25 -12.45 11.83
N ASN A 29 13.18 -13.18 11.22
CA ASN A 29 13.69 -14.41 11.81
C ASN A 29 12.56 -15.42 12.01
N ASN A 30 11.52 -15.31 11.20
CA ASN A 30 10.37 -16.22 11.29
C ASN A 30 10.38 -17.21 10.13
N SER A 31 9.38 -18.08 10.11
CA SER A 31 9.28 -19.09 9.06
C SER A 31 8.27 -18.67 7.99
N MET A 32 8.40 -19.26 6.80
CA MET A 32 7.51 -18.94 5.70
C MET A 32 6.06 -19.12 6.10
N SER A 33 5.81 -20.07 7.01
CA SER A 33 4.46 -20.36 7.47
C SER A 33 4.02 -19.33 8.51
N THR A 34 4.99 -18.72 9.18
CA THR A 34 4.71 -17.72 10.21
C THR A 34 4.50 -16.35 9.58
N VAL A 35 5.43 -15.93 8.74
CA VAL A 35 5.34 -14.64 8.08
C VAL A 35 4.13 -14.57 7.15
N TYR A 36 4.06 -15.50 6.21
CA TYR A 36 2.94 -15.55 5.27
C TYR A 36 1.60 -15.53 5.99
N LYS A 37 1.54 -16.23 7.13
CA LYS A 37 0.32 -16.29 7.92
C LYS A 37 -0.09 -14.90 8.41
N ALA A 38 0.91 -14.04 8.62
CA ALA A 38 0.67 -12.69 9.09
C ALA A 38 0.19 -11.79 7.94
N LEU A 39 0.84 -11.92 6.80
CA LEU A 39 0.49 -11.12 5.63
C LEU A 39 -0.97 -11.35 5.23
N GLU A 40 -1.35 -12.62 5.13
CA GLU A 40 -2.72 -12.97 4.75
C GLU A 40 -3.72 -12.36 5.72
N LYS A 41 -3.26 -12.09 6.95
CA LYS A 41 -4.12 -11.50 7.98
C LYS A 41 -4.27 -10.00 7.76
N LEU A 42 -3.14 -9.31 7.60
CA LEU A 42 -3.14 -7.87 7.39
C LEU A 42 -3.80 -7.52 6.05
N GLU A 43 -3.40 -8.23 5.00
CA GLU A 43 -3.95 -7.98 3.67
C GLU A 43 -5.46 -8.06 3.69
N ALA A 44 -5.99 -9.06 4.39
CA ALA A 44 -7.43 -9.25 4.50
C ALA A 44 -8.10 -8.05 5.16
N MET A 45 -7.32 -7.28 5.91
CA MET A 45 -7.83 -6.10 6.60
C MET A 45 -7.53 -4.83 5.80
N GLY A 46 -6.51 -4.90 4.95
CA GLY A 46 -6.13 -3.76 4.14
C GLY A 46 -5.05 -2.92 4.80
N ARG A 47 -4.18 -3.57 5.57
CA ARG A 47 -3.10 -2.87 6.26
C ARG A 47 -1.85 -2.82 5.39
N ILE A 48 -1.52 -3.95 4.77
CA ILE A 48 -0.33 -4.02 3.92
C ILE A 48 -0.68 -3.67 2.48
N LYS A 49 -1.94 -3.88 2.11
CA LYS A 49 -2.41 -3.58 0.76
C LYS A 49 -3.03 -2.20 0.70
N ARG A 50 -3.23 -1.69 -0.52
CA ARG A 50 -3.82 -0.37 -0.72
C ARG A 50 -4.48 -0.28 -2.10
N ARG A 51 -5.41 0.66 -2.23
CA ARG A 51 -6.12 0.85 -3.49
C ARG A 51 -7.00 2.09 -3.43
N LYS A 52 -6.97 2.90 -4.48
CA LYS A 52 -7.77 4.11 -4.56
C LYS A 52 -8.19 4.41 -5.99
N GLY A 53 -8.95 5.48 -6.17
CA GLY A 53 -9.41 5.85 -7.50
C GLY A 53 -10.83 6.38 -7.49
N ARG A 54 -10.99 7.68 -7.27
CA ARG A 54 -12.31 8.29 -7.25
C ARG A 54 -12.20 9.82 -7.36
N TYR A 55 -13.35 10.48 -7.38
CA TYR A 55 -13.39 11.94 -7.49
C TYR A 55 -13.25 12.58 -6.12
N ARG A 56 -13.47 13.90 -6.08
CA ARG A 56 -13.38 14.64 -4.83
C ARG A 56 -14.48 15.68 -4.73
N GLN A 57 -14.39 16.74 -5.52
CA GLN A 57 -15.38 17.80 -5.52
C GLN A 57 -15.49 18.45 -4.14
N HIS A 58 -16.26 19.52 -4.06
CA HIS A 58 -16.44 20.23 -2.80
C HIS A 58 -17.86 20.78 -2.68
N ARG A 59 -18.15 21.84 -3.43
CA ARG A 59 -19.48 22.45 -3.41
C ARG A 59 -19.56 23.59 -4.41
N ARG A 60 -18.50 24.39 -4.50
CA ARG A 60 -18.45 25.52 -5.41
C ARG A 60 -19.51 26.56 -5.06
N LEU A 61 -20.75 26.31 -5.50
CA LEU A 61 -21.85 27.22 -5.22
C LEU A 61 -23.17 26.47 -5.15
N THR A 62 -23.69 26.07 -6.31
CA THR A 62 -24.95 25.34 -6.38
C THR A 62 -24.70 23.85 -6.64
N GLU A 63 -25.67 23.02 -6.26
CA GLU A 63 -25.57 21.59 -6.47
C GLU A 63 -25.42 21.25 -7.95
N GLU A 64 -26.18 21.95 -8.78
CA GLU A 64 -26.14 21.73 -10.23
C GLU A 64 -24.88 22.34 -10.83
N GLU A 65 -24.41 23.44 -10.24
CA GLU A 65 -23.22 24.12 -10.72
C GLU A 65 -21.98 23.25 -10.52
N LEU A 66 -21.76 22.82 -9.28
CA LEU A 66 -20.62 21.98 -8.96
C LEU A 66 -20.57 20.74 -9.84
N ALA A 67 -21.75 20.29 -10.28
CA ALA A 67 -21.84 19.11 -11.14
C ALA A 67 -21.54 19.48 -12.59
N THR A 68 -21.78 20.73 -12.94
CA THR A 68 -21.53 21.21 -14.30
C THR A 68 -20.07 21.60 -14.50
N ILE A 69 -19.54 22.36 -13.55
CA ILE A 69 -18.15 22.80 -13.61
C ILE A 69 -17.20 21.61 -13.62
N ARG A 70 -17.54 20.58 -12.85
CA ARG A 70 -16.72 19.37 -12.77
C ARG A 70 -16.49 18.77 -14.15
N GLU A 71 -17.40 19.08 -15.07
CA GLU A 71 -17.30 18.56 -16.43
C GLU A 71 -15.94 18.87 -17.03
N LEU A 72 -15.36 20.00 -16.63
CA LEU A 72 -14.06 20.42 -17.13
C LEU A 72 -13.03 19.31 -16.95
N TYR A 73 -13.30 18.39 -16.02
CA TYR A 73 -12.39 17.28 -15.76
C TYR A 73 -12.55 16.18 -16.80
N LEU A 74 -13.78 15.99 -17.26
CA LEU A 74 -14.07 14.97 -18.27
C LEU A 74 -13.55 15.40 -19.64
N LYS A 75 -13.81 16.65 -20.00
CA LYS A 75 -13.38 17.19 -21.28
C LYS A 75 -11.94 17.69 -21.19
N GLY A 76 -11.47 17.95 -19.97
CA GLY A 76 -10.12 18.43 -19.78
C GLY A 76 -10.00 19.93 -19.99
N ALA A 77 -11.13 20.61 -20.00
CA ALA A 77 -11.15 22.05 -20.19
C ALA A 77 -10.37 22.77 -19.08
N THR A 78 -10.18 24.07 -19.24
CA THR A 78 -9.44 24.86 -18.26
C THR A 78 -10.37 25.87 -17.58
N VAL A 79 -9.81 26.62 -16.63
CA VAL A 79 -10.57 27.61 -15.89
C VAL A 79 -11.24 28.61 -16.85
N TYR A 80 -10.62 28.81 -18.00
CA TYR A 80 -11.15 29.73 -19.00
C TYR A 80 -12.38 29.15 -19.68
N GLU A 81 -12.47 27.83 -19.70
CA GLU A 81 -13.60 27.14 -20.31
C GLU A 81 -14.83 27.18 -19.41
N ILE A 82 -14.66 26.78 -18.16
CA ILE A 82 -15.74 26.78 -17.20
C ILE A 82 -16.40 28.15 -17.11
N ALA A 83 -15.60 29.20 -17.27
CA ALA A 83 -16.11 30.56 -17.21
C ALA A 83 -17.13 30.82 -18.31
N ARG A 84 -16.80 30.38 -19.52
CA ARG A 84 -17.69 30.58 -20.67
C ARG A 84 -18.88 29.63 -20.59
N GLN A 85 -18.62 28.38 -20.21
CA GLN A 85 -19.68 27.38 -20.09
C GLN A 85 -20.78 27.85 -19.15
N LEU A 86 -20.39 28.18 -17.92
CA LEU A 86 -21.34 28.66 -16.92
C LEU A 86 -21.70 30.12 -17.15
N GLY A 87 -20.88 30.82 -17.93
CA GLY A 87 -21.13 32.21 -18.24
C GLY A 87 -20.93 33.11 -17.02
N ARG A 88 -19.92 32.78 -16.22
CA ARG A 88 -19.62 33.55 -15.02
C ARG A 88 -18.30 34.30 -15.17
N PRO A 89 -18.15 35.40 -14.42
CA PRO A 89 -16.94 36.22 -14.46
C PRO A 89 -15.73 35.51 -13.84
N GLU A 90 -14.53 35.99 -14.17
CA GLU A 90 -13.30 35.40 -13.65
C GLU A 90 -13.30 35.43 -12.12
N SER A 91 -14.07 36.34 -11.55
CA SER A 91 -14.15 36.47 -10.10
C SER A 91 -14.96 35.32 -9.49
N THR A 92 -16.15 35.09 -10.03
CA THR A 92 -17.01 34.03 -9.53
C THR A 92 -16.28 32.70 -9.49
N ILE A 93 -15.64 32.34 -10.60
CA ILE A 93 -14.90 31.09 -10.68
C ILE A 93 -13.77 31.05 -9.65
N TYR A 94 -12.98 32.11 -9.61
CA TYR A 94 -11.86 32.20 -8.67
C TYR A 94 -12.35 32.06 -7.23
N TYR A 95 -13.51 32.65 -6.95
CA TYR A 95 -14.10 32.61 -5.61
C TYR A 95 -14.49 31.18 -5.25
N ALA A 96 -14.99 30.44 -6.23
CA ALA A 96 -15.40 29.05 -6.01
C ALA A 96 -14.24 28.21 -5.51
N LEU A 97 -13.14 28.21 -6.25
CA LEU A 97 -11.96 27.44 -5.88
C LEU A 97 -11.29 28.03 -4.64
N LYS A 98 -11.09 29.34 -4.65
CA LYS A 98 -10.47 30.04 -3.54
C LYS A 98 -11.21 29.73 -2.23
N LYS A 99 -12.49 30.09 -2.19
CA LYS A 99 -13.31 29.86 -1.01
C LYS A 99 -13.29 28.38 -0.61
N LEU A 100 -13.04 27.52 -1.59
CA LEU A 100 -13.00 26.08 -1.35
C LEU A 100 -11.74 25.69 -0.57
N GLY A 101 -10.70 26.51 -0.70
CA GLY A 101 -9.45 26.24 -0.01
C GLY A 101 -8.38 25.71 -0.94
N LEU A 102 -8.54 25.96 -2.24
CA LEU A 102 -7.57 25.50 -3.23
C LEU A 102 -6.45 26.53 -3.41
N LYS A 103 -5.42 26.14 -4.15
CA LYS A 103 -4.29 27.03 -4.42
C LYS A 103 -4.50 27.81 -5.71
N LEU A 104 -5.20 28.94 -5.61
CA LEU A 104 -5.47 29.78 -6.77
C LEU A 104 -4.77 31.13 -6.64
N GLU A 105 -3.99 31.49 -7.66
CA GLU A 105 -3.27 32.75 -7.65
C GLU A 105 -3.44 33.48 -8.98
N MET A 1 -2.94 -3.65 24.87
CA MET A 1 -1.58 -3.23 24.59
C MET A 1 -0.65 -4.44 24.46
N PRO A 2 -0.83 -5.21 23.36
CA PRO A 2 -0.03 -6.41 23.09
C PRO A 2 1.41 -6.07 22.74
N SER A 3 2.33 -6.97 23.07
CA SER A 3 3.75 -6.76 22.80
C SER A 3 4.18 -7.57 21.58
N VAL A 4 3.69 -8.81 21.50
CA VAL A 4 4.03 -9.69 20.38
C VAL A 4 3.44 -9.17 19.08
N ASN A 5 2.29 -8.52 19.18
CA ASN A 5 1.61 -7.98 18.00
C ASN A 5 2.38 -6.77 17.45
N ASP A 6 3.07 -6.07 18.32
CA ASP A 6 3.84 -4.89 17.92
C ASP A 6 4.75 -5.22 16.75
N SER A 7 5.56 -6.28 16.90
CA SER A 7 6.48 -6.70 15.85
C SER A 7 5.74 -6.98 14.55
N LEU A 8 4.51 -7.48 14.67
CA LEU A 8 3.69 -7.79 13.51
C LEU A 8 3.55 -6.58 12.59
N ASP A 9 3.56 -5.39 13.19
CA ASP A 9 3.43 -4.15 12.43
C ASP A 9 4.71 -3.86 11.67
N ILE A 10 5.84 -4.29 12.22
CA ILE A 10 7.13 -4.07 11.58
C ILE A 10 7.38 -5.09 10.47
N VAL A 11 7.30 -6.37 10.82
CA VAL A 11 7.51 -7.44 9.85
C VAL A 11 6.59 -7.28 8.64
N GLU A 12 5.33 -6.92 8.90
CA GLU A 12 4.37 -6.73 7.83
C GLU A 12 4.69 -5.50 7.00
N LYS A 13 5.25 -4.49 7.65
CA LYS A 13 5.63 -3.26 6.98
C LYS A 13 6.59 -3.52 5.83
N LEU A 14 7.39 -4.58 5.97
CA LEU A 14 8.35 -4.95 4.94
C LEU A 14 7.64 -5.49 3.71
N TYR A 15 6.68 -6.38 3.92
CA TYR A 15 5.93 -6.98 2.82
C TYR A 15 5.30 -5.90 1.94
N LYS A 16 4.52 -5.04 2.56
CA LYS A 16 3.85 -3.96 1.84
C LYS A 16 4.87 -2.96 1.29
N ASP A 17 6.06 -2.95 1.89
CA ASP A 17 7.12 -2.05 1.46
C ASP A 17 7.79 -2.56 0.19
N GLY A 18 7.62 -3.85 -0.09
CA GLY A 18 8.21 -4.43 -1.28
C GLY A 18 9.24 -5.49 -0.96
N VAL A 19 8.92 -6.36 -0.01
CA VAL A 19 9.83 -7.43 0.39
C VAL A 19 9.18 -8.79 0.21
N PRO A 20 9.93 -9.73 -0.40
CA PRO A 20 9.45 -11.09 -0.64
C PRO A 20 9.32 -11.90 0.64
N VAL A 21 8.38 -12.85 0.64
CA VAL A 21 8.16 -13.69 1.81
C VAL A 21 9.46 -14.31 2.31
N LYS A 22 10.24 -14.86 1.38
CA LYS A 22 11.52 -15.48 1.72
C LYS A 22 12.39 -14.52 2.53
N GLU A 23 12.37 -13.24 2.15
CA GLU A 23 13.16 -12.24 2.84
C GLU A 23 12.50 -11.84 4.16
N ILE A 24 11.19 -11.61 4.12
CA ILE A 24 10.45 -11.22 5.31
C ILE A 24 10.65 -12.23 6.43
N ALA A 25 10.81 -13.49 6.06
CA ALA A 25 11.02 -14.55 7.05
C ALA A 25 12.24 -14.27 7.91
N LYS A 26 13.30 -13.77 7.28
CA LYS A 26 14.53 -13.45 8.00
C LYS A 26 14.34 -12.24 8.90
N ARG A 27 13.84 -11.15 8.32
CA ARG A 27 13.62 -9.92 9.06
C ARG A 27 12.62 -10.15 10.20
N SER A 28 11.75 -11.14 10.01
CA SER A 28 10.75 -11.46 11.02
C SER A 28 11.22 -12.59 11.93
N ASN A 29 12.34 -13.21 11.55
CA ASN A 29 12.90 -14.32 12.32
C ASN A 29 11.93 -15.49 12.37
N ASN A 30 11.05 -15.58 11.37
CA ASN A 30 10.08 -16.65 11.31
C ASN A 30 10.28 -17.48 10.04
N SER A 31 9.41 -18.49 9.85
CA SER A 31 9.49 -19.35 8.69
C SER A 31 8.55 -18.87 7.59
N MET A 32 8.74 -19.40 6.38
CA MET A 32 7.91 -19.03 5.25
C MET A 32 6.44 -19.35 5.52
N SER A 33 6.21 -20.41 6.30
CA SER A 33 4.85 -20.82 6.64
C SER A 33 4.27 -19.94 7.73
N THR A 34 5.15 -19.34 8.53
CA THR A 34 4.71 -18.47 9.62
C THR A 34 4.45 -17.06 9.12
N VAL A 35 5.41 -16.50 8.40
CA VAL A 35 5.27 -15.15 7.86
C VAL A 35 4.13 -15.06 6.85
N TYR A 36 4.15 -15.95 5.87
CA TYR A 36 3.11 -15.98 4.85
C TYR A 36 1.72 -16.01 5.48
N LYS A 37 1.57 -16.82 6.52
CA LYS A 37 0.29 -16.94 7.22
C LYS A 37 -0.14 -15.60 7.80
N ALA A 38 0.84 -14.76 8.15
CA ALA A 38 0.56 -13.45 8.72
C ALA A 38 0.18 -12.46 7.62
N LEU A 39 0.89 -12.50 6.50
CA LEU A 39 0.63 -11.60 5.39
C LEU A 39 -0.82 -11.74 4.91
N GLU A 40 -1.24 -12.98 4.68
CA GLU A 40 -2.60 -13.24 4.22
C GLU A 40 -3.63 -12.67 5.20
N LYS A 41 -3.26 -12.63 6.48
CA LYS A 41 -4.14 -12.10 7.50
C LYS A 41 -4.13 -10.58 7.50
N LEU A 42 -2.96 -10.00 7.25
CA LEU A 42 -2.81 -8.55 7.23
C LEU A 42 -3.51 -7.95 6.01
N GLU A 43 -3.23 -8.53 4.83
CA GLU A 43 -3.83 -8.04 3.59
C GLU A 43 -5.35 -8.07 3.68
N ALA A 44 -5.89 -9.00 4.47
CA ALA A 44 -7.32 -9.12 4.64
C ALA A 44 -7.87 -7.98 5.47
N MET A 45 -7.01 -7.36 6.28
CA MET A 45 -7.41 -6.25 7.14
C MET A 45 -7.03 -4.92 6.50
N GLY A 46 -6.02 -4.94 5.64
CA GLY A 46 -5.58 -3.72 4.97
C GLY A 46 -4.38 -3.09 5.67
N ARG A 47 -3.60 -3.91 6.37
CA ARG A 47 -2.43 -3.43 7.08
C ARG A 47 -1.24 -3.32 6.13
N ILE A 48 -1.09 -4.30 5.25
CA ILE A 48 0.01 -4.31 4.28
C ILE A 48 -0.42 -3.71 2.96
N LYS A 49 -1.27 -2.68 3.02
CA LYS A 49 -1.75 -2.02 1.83
C LYS A 49 -2.15 -0.57 2.13
N ARG A 50 -1.64 0.36 1.33
CA ARG A 50 -1.94 1.77 1.51
C ARG A 50 -1.52 2.59 0.29
N ARG A 51 -2.50 2.96 -0.52
CA ARG A 51 -2.23 3.75 -1.73
C ARG A 51 -3.52 4.34 -2.29
N LYS A 52 -3.37 5.28 -3.20
CA LYS A 52 -4.53 5.93 -3.83
C LYS A 52 -4.17 6.47 -5.21
N GLY A 53 -5.19 6.88 -5.96
CA GLY A 53 -4.97 7.41 -7.29
C GLY A 53 -5.88 6.78 -8.33
N ARG A 54 -6.73 7.60 -8.94
CA ARG A 54 -7.66 7.12 -9.94
C ARG A 54 -8.50 8.27 -10.50
N TYR A 55 -9.35 7.95 -11.47
CA TYR A 55 -10.22 8.96 -12.09
C TYR A 55 -9.39 10.02 -12.80
N ARG A 56 -9.34 9.94 -14.12
CA ARG A 56 -8.57 10.89 -14.92
C ARG A 56 -9.23 11.09 -16.29
N GLN A 57 -10.34 11.81 -16.32
CA GLN A 57 -11.05 12.07 -17.57
C GLN A 57 -11.85 13.37 -17.48
N HIS A 58 -11.92 14.09 -18.60
CA HIS A 58 -12.66 15.35 -18.64
C HIS A 58 -12.64 15.93 -20.05
N ARG A 59 -13.75 16.57 -20.43
CA ARG A 59 -13.86 17.17 -21.75
C ARG A 59 -14.35 18.61 -21.66
N ARG A 60 -14.61 19.22 -22.81
CA ARG A 60 -15.07 20.60 -22.86
C ARG A 60 -16.08 20.79 -23.99
N LEU A 61 -15.60 20.74 -25.22
CA LEU A 61 -16.45 20.91 -26.39
C LEU A 61 -15.66 20.76 -27.68
N THR A 62 -14.51 21.43 -27.74
CA THR A 62 -13.65 21.38 -28.91
C THR A 62 -12.44 20.50 -28.67
N GLU A 63 -11.85 19.99 -29.74
CA GLU A 63 -10.67 19.12 -29.65
C GLU A 63 -9.49 19.87 -29.05
N GLU A 64 -9.23 21.07 -29.57
CA GLU A 64 -8.13 21.90 -29.10
C GLU A 64 -8.46 22.52 -27.74
N GLU A 65 -9.74 22.81 -27.53
CA GLU A 65 -10.19 23.42 -26.29
C GLU A 65 -9.99 22.46 -25.11
N LEU A 66 -10.55 21.27 -25.24
CA LEU A 66 -10.44 20.26 -24.19
C LEU A 66 -8.98 20.00 -23.84
N ALA A 67 -8.09 20.19 -24.82
CA ALA A 67 -6.67 19.98 -24.61
C ALA A 67 -6.03 21.18 -23.93
N THR A 68 -6.63 22.36 -24.11
CA THR A 68 -6.11 23.58 -23.52
C THR A 68 -6.61 23.73 -22.09
N ILE A 69 -7.90 23.51 -21.88
CA ILE A 69 -8.50 23.63 -20.55
C ILE A 69 -7.80 22.73 -19.55
N ARG A 70 -7.40 21.54 -20.01
CA ARG A 70 -6.72 20.57 -19.16
C ARG A 70 -5.48 21.19 -18.53
N GLU A 71 -4.94 22.22 -19.19
CA GLU A 71 -3.75 22.89 -18.69
C GLU A 71 -3.93 23.34 -17.24
N LEU A 72 -5.17 23.66 -16.88
CA LEU A 72 -5.48 24.10 -15.53
C LEU A 72 -4.99 23.10 -14.50
N TYR A 73 -4.78 21.86 -14.93
CA TYR A 73 -4.31 20.81 -14.06
C TYR A 73 -2.80 20.92 -13.83
N LEU A 74 -2.08 21.27 -14.90
CA LEU A 74 -0.63 21.42 -14.82
C LEU A 74 -0.25 22.69 -14.08
N LYS A 75 -0.91 23.78 -14.41
CA LYS A 75 -0.64 25.07 -13.76
C LYS A 75 -1.39 25.18 -12.44
N GLY A 76 -2.43 24.37 -12.28
CA GLY A 76 -3.20 24.39 -11.05
C GLY A 76 -4.23 25.51 -11.04
N ALA A 77 -4.49 26.09 -12.21
CA ALA A 77 -5.44 27.19 -12.32
C ALA A 77 -6.84 26.73 -11.92
N THR A 78 -7.77 27.68 -11.83
CA THR A 78 -9.15 27.37 -11.46
C THR A 78 -10.10 27.69 -12.61
N VAL A 79 -11.39 27.40 -12.39
CA VAL A 79 -12.41 27.66 -13.40
C VAL A 79 -12.38 29.11 -13.87
N TYR A 80 -11.97 30.00 -12.96
CA TYR A 80 -11.90 31.42 -13.28
C TYR A 80 -10.72 31.72 -14.21
N GLU A 81 -9.71 30.86 -14.17
CA GLU A 81 -8.53 31.03 -15.01
C GLU A 81 -8.81 30.58 -16.44
N ILE A 82 -9.33 29.36 -16.59
CA ILE A 82 -9.64 28.83 -17.90
C ILE A 82 -10.55 29.78 -18.69
N ALA A 83 -11.43 30.48 -17.97
CA ALA A 83 -12.34 31.42 -18.60
C ALA A 83 -11.58 32.52 -19.34
N ARG A 84 -10.61 33.12 -18.65
CA ARG A 84 -9.80 34.18 -19.24
C ARG A 84 -8.83 33.62 -20.28
N GLN A 85 -8.18 32.52 -19.93
CA GLN A 85 -7.22 31.89 -20.82
C GLN A 85 -7.86 31.59 -22.18
N LEU A 86 -8.96 30.84 -22.17
CA LEU A 86 -9.65 30.49 -23.39
C LEU A 86 -10.40 31.69 -23.96
N GLY A 87 -10.61 32.71 -23.13
CA GLY A 87 -11.29 33.91 -23.56
C GLY A 87 -12.79 33.72 -23.66
N ARG A 88 -13.32 32.79 -22.86
CA ARG A 88 -14.75 32.50 -22.86
C ARG A 88 -15.40 32.95 -21.55
N PRO A 89 -16.69 33.23 -21.60
CA PRO A 89 -17.46 33.67 -20.42
C PRO A 89 -17.65 32.56 -19.40
N GLU A 90 -18.48 32.81 -18.40
CA GLU A 90 -18.74 31.83 -17.36
C GLU A 90 -19.77 30.80 -17.82
N SER A 91 -20.59 31.19 -18.79
CA SER A 91 -21.62 30.30 -19.33
C SER A 91 -21.00 29.24 -20.22
N THR A 92 -20.16 29.67 -21.16
CA THR A 92 -19.51 28.75 -22.09
C THR A 92 -18.82 27.62 -21.34
N ILE A 93 -18.00 27.98 -20.35
CA ILE A 93 -17.29 26.99 -19.56
C ILE A 93 -18.24 26.05 -18.84
N TYR A 94 -19.26 26.62 -18.20
CA TYR A 94 -20.25 25.84 -17.47
C TYR A 94 -20.91 24.82 -18.39
N TYR A 95 -21.23 25.23 -19.62
CA TYR A 95 -21.87 24.36 -20.59
C TYR A 95 -20.96 23.19 -20.93
N ALA A 96 -19.65 23.42 -20.90
CA ALA A 96 -18.67 22.39 -21.21
C ALA A 96 -18.84 21.19 -20.28
N LEU A 97 -18.70 21.42 -18.98
CA LEU A 97 -18.83 20.35 -18.00
C LEU A 97 -20.27 19.87 -17.91
N LYS A 98 -21.21 20.82 -17.86
CA LYS A 98 -22.63 20.50 -17.77
C LYS A 98 -23.04 19.55 -18.88
N LYS A 99 -22.81 19.97 -20.12
CA LYS A 99 -23.15 19.15 -21.29
C LYS A 99 -22.49 17.78 -21.21
N LEU A 100 -21.36 17.72 -20.50
CA LEU A 100 -20.63 16.47 -20.35
C LEU A 100 -21.36 15.52 -19.39
N GLY A 101 -22.16 16.10 -18.49
CA GLY A 101 -22.91 15.30 -17.54
C GLY A 101 -22.43 15.50 -16.12
N LEU A 102 -21.78 16.63 -15.87
CA LEU A 102 -21.28 16.95 -14.53
C LEU A 102 -22.21 17.91 -13.81
N LYS A 103 -22.44 17.65 -12.53
CA LYS A 103 -23.31 18.50 -11.73
C LYS A 103 -22.81 19.94 -11.71
N LEU A 104 -21.58 20.13 -11.24
CA LEU A 104 -20.98 21.46 -11.17
C LEU A 104 -21.77 22.37 -10.23
N GLU A 105 -22.56 21.75 -9.35
CA GLU A 105 -23.36 22.50 -8.39
C GLU A 105 -24.22 23.55 -9.10
N MET A 1 -2.01 -4.23 25.50
CA MET A 1 -0.63 -3.91 25.18
C MET A 1 0.18 -5.18 24.95
N PRO A 2 -0.11 -5.88 23.85
CA PRO A 2 0.59 -7.13 23.50
C PRO A 2 2.03 -6.88 23.08
N SER A 3 2.81 -7.95 23.01
CA SER A 3 4.22 -7.87 22.63
C SER A 3 4.47 -8.56 21.30
N VAL A 4 3.83 -9.72 21.12
CA VAL A 4 3.99 -10.49 19.90
C VAL A 4 3.49 -9.71 18.69
N ASN A 5 2.47 -8.87 18.90
CA ASN A 5 1.91 -8.07 17.82
C ASN A 5 2.91 -7.02 17.36
N ASP A 6 3.80 -6.62 18.25
CA ASP A 6 4.82 -5.61 17.94
C ASP A 6 5.63 -6.03 16.72
N SER A 7 5.95 -7.31 16.64
CA SER A 7 6.73 -7.84 15.51
C SER A 7 5.93 -7.76 14.22
N LEU A 8 4.65 -8.06 14.31
CA LEU A 8 3.77 -8.02 13.14
C LEU A 8 3.84 -6.67 12.45
N ASP A 9 3.98 -5.61 13.24
CA ASP A 9 4.06 -4.26 12.70
C ASP A 9 5.22 -4.13 11.72
N ILE A 10 6.29 -4.88 11.97
CA ILE A 10 7.45 -4.86 11.11
C ILE A 10 7.26 -5.76 9.88
N VAL A 11 6.82 -6.98 10.12
CA VAL A 11 6.59 -7.94 9.04
C VAL A 11 5.65 -7.36 7.99
N GLU A 12 4.57 -6.76 8.45
CA GLU A 12 3.58 -6.16 7.55
C GLU A 12 4.18 -4.96 6.82
N LYS A 13 5.05 -4.23 7.50
CA LYS A 13 5.69 -3.05 6.92
C LYS A 13 6.71 -3.46 5.85
N LEU A 14 7.36 -4.59 6.07
CA LEU A 14 8.35 -5.09 5.12
C LEU A 14 7.69 -5.57 3.83
N TYR A 15 6.67 -6.40 3.98
CA TYR A 15 5.95 -6.94 2.83
C TYR A 15 5.25 -5.82 2.06
N LYS A 16 4.48 -5.00 2.78
CA LYS A 16 3.76 -3.89 2.15
C LYS A 16 4.73 -2.92 1.49
N ASP A 17 5.99 -2.97 1.90
CA ASP A 17 7.02 -2.11 1.34
C ASP A 17 7.56 -2.66 0.03
N GLY A 18 7.48 -3.99 -0.11
CA GLY A 18 7.97 -4.64 -1.31
C GLY A 18 9.03 -5.69 -1.01
N VAL A 19 8.93 -6.30 0.16
CA VAL A 19 9.89 -7.33 0.57
C VAL A 19 9.28 -8.72 0.43
N PRO A 20 10.05 -9.64 -0.17
CA PRO A 20 9.60 -11.03 -0.37
C PRO A 20 9.51 -11.81 0.93
N VAL A 21 8.61 -12.79 0.98
CA VAL A 21 8.43 -13.61 2.17
C VAL A 21 9.76 -14.18 2.65
N LYS A 22 10.54 -14.72 1.72
CA LYS A 22 11.84 -15.30 2.04
C LYS A 22 12.69 -14.31 2.82
N GLU A 23 12.63 -13.04 2.42
CA GLU A 23 13.40 -11.99 3.08
C GLU A 23 12.75 -11.58 4.40
N ILE A 24 11.43 -11.44 4.40
CA ILE A 24 10.70 -11.06 5.59
C ILE A 24 10.89 -12.09 6.71
N ALA A 25 10.95 -13.36 6.32
CA ALA A 25 11.14 -14.44 7.30
C ALA A 25 12.42 -14.24 8.10
N LYS A 26 13.48 -13.83 7.40
CA LYS A 26 14.77 -13.59 8.05
C LYS A 26 14.72 -12.37 8.95
N ARG A 27 14.27 -11.25 8.39
CA ARG A 27 14.17 -10.00 9.14
C ARG A 27 13.30 -10.18 10.38
N SER A 28 12.12 -10.75 10.18
CA SER A 28 11.19 -10.98 11.28
C SER A 28 11.61 -12.18 12.12
N ASN A 29 12.55 -12.95 11.59
CA ASN A 29 13.05 -14.13 12.29
C ASN A 29 11.94 -15.16 12.49
N ASN A 30 11.04 -15.25 11.51
CA ASN A 30 9.93 -16.19 11.58
C ASN A 30 10.04 -17.25 10.49
N SER A 31 9.06 -18.15 10.45
CA SER A 31 9.05 -19.21 9.44
C SER A 31 8.20 -18.82 8.25
N MET A 32 8.43 -19.48 7.12
CA MET A 32 7.68 -19.20 5.90
C MET A 32 6.17 -19.29 6.15
N SER A 33 5.78 -20.24 7.00
CA SER A 33 4.37 -20.44 7.32
C SER A 33 3.89 -19.40 8.33
N THR A 34 4.84 -18.79 9.04
CA THR A 34 4.51 -17.78 10.03
C THR A 34 4.35 -16.41 9.39
N VAL A 35 5.33 -16.01 8.58
CA VAL A 35 5.29 -14.72 7.91
C VAL A 35 4.14 -14.65 6.91
N TYR A 36 4.12 -15.59 5.97
CA TYR A 36 3.07 -15.63 4.96
C TYR A 36 1.69 -15.62 5.61
N LYS A 37 1.56 -16.34 6.72
CA LYS A 37 0.29 -16.42 7.45
C LYS A 37 -0.14 -15.03 7.92
N ALA A 38 0.83 -14.17 8.19
CA ALA A 38 0.55 -12.82 8.65
C ALA A 38 0.13 -11.92 7.50
N LEU A 39 0.79 -12.08 6.36
CA LEU A 39 0.47 -11.28 5.17
C LEU A 39 -0.98 -11.48 4.76
N GLU A 40 -1.39 -12.74 4.64
CA GLU A 40 -2.76 -13.07 4.25
C GLU A 40 -3.77 -12.45 5.22
N LYS A 41 -3.37 -12.35 6.48
CA LYS A 41 -4.24 -11.78 7.51
C LYS A 41 -4.24 -10.26 7.44
N LEU A 42 -3.08 -9.68 7.13
CA LEU A 42 -2.95 -8.23 7.03
C LEU A 42 -3.67 -7.71 5.80
N GLU A 43 -3.39 -8.31 4.64
CA GLU A 43 -4.01 -7.90 3.39
C GLU A 43 -5.53 -7.96 3.51
N ALA A 44 -6.04 -8.91 4.28
CA ALA A 44 -7.47 -9.08 4.47
C ALA A 44 -8.06 -7.90 5.25
N MET A 45 -7.20 -7.22 6.01
CA MET A 45 -7.64 -6.08 6.80
C MET A 45 -7.30 -4.76 6.09
N GLY A 46 -6.28 -4.80 5.25
CA GLY A 46 -5.87 -3.61 4.52
C GLY A 46 -4.68 -2.92 5.17
N ARG A 47 -3.89 -3.68 5.91
CA ARG A 47 -2.72 -3.13 6.59
C ARG A 47 -1.54 -3.01 5.62
N ILE A 48 -1.32 -4.05 4.83
CA ILE A 48 -0.23 -4.06 3.87
C ILE A 48 -0.70 -3.57 2.50
N LYS A 49 -1.99 -3.74 2.23
CA LYS A 49 -2.57 -3.32 0.96
C LYS A 49 -3.56 -2.17 1.17
N ARG A 50 -3.31 -1.05 0.51
CA ARG A 50 -4.18 0.12 0.62
C ARG A 50 -4.19 0.64 2.06
N ARG A 51 -5.09 1.58 2.32
CA ARG A 51 -5.21 2.17 3.65
C ARG A 51 -6.66 2.55 3.95
N LYS A 52 -7.30 1.75 4.80
CA LYS A 52 -8.68 2.00 5.18
C LYS A 52 -8.83 3.34 5.88
N GLY A 53 -10.06 3.83 5.97
CA GLY A 53 -10.30 5.11 6.62
C GLY A 53 -11.70 5.20 7.22
N ARG A 54 -12.03 4.25 8.08
CA ARG A 54 -13.34 4.22 8.72
C ARG A 54 -13.20 4.07 10.23
N TYR A 55 -14.30 4.32 10.95
CA TYR A 55 -14.31 4.23 12.40
C TYR A 55 -15.62 3.65 12.91
N ARG A 56 -16.15 2.68 12.16
CA ARG A 56 -17.41 2.05 12.52
C ARG A 56 -17.16 0.86 13.47
N GLN A 57 -16.29 -0.04 13.06
CA GLN A 57 -15.96 -1.21 13.86
C GLN A 57 -15.28 -0.81 15.16
N HIS A 58 -16.04 -0.79 16.25
CA HIS A 58 -15.51 -0.42 17.55
C HIS A 58 -15.82 -1.49 18.59
N ARG A 59 -17.10 -1.77 18.77
CA ARG A 59 -17.53 -2.77 19.74
C ARG A 59 -17.06 -4.16 19.32
N ARG A 60 -15.94 -4.60 19.89
CA ARG A 60 -15.38 -5.90 19.58
C ARG A 60 -14.63 -6.48 20.78
N LEU A 61 -14.71 -7.79 20.94
CA LEU A 61 -14.05 -8.47 22.05
C LEU A 61 -14.51 -7.91 23.40
N THR A 62 -15.71 -7.32 23.40
CA THR A 62 -16.27 -6.74 24.61
C THR A 62 -16.69 -7.82 25.59
N GLU A 63 -16.97 -7.42 26.83
CA GLU A 63 -17.40 -8.37 27.86
C GLU A 63 -18.57 -9.22 27.37
N GLU A 64 -19.49 -8.59 26.65
CA GLU A 64 -20.66 -9.28 26.13
C GLU A 64 -20.28 -10.16 24.93
N GLU A 65 -19.43 -9.63 24.06
CA GLU A 65 -18.99 -10.36 22.88
C GLU A 65 -18.30 -11.66 23.27
N LEU A 66 -17.23 -11.54 24.06
CA LEU A 66 -16.49 -12.71 24.51
C LEU A 66 -17.41 -13.72 25.18
N ALA A 67 -18.47 -13.23 25.81
CA ALA A 67 -19.42 -14.08 26.50
C ALA A 67 -20.40 -14.71 25.51
N THR A 68 -20.62 -14.03 24.38
CA THR A 68 -21.53 -14.52 23.36
C THR A 68 -20.85 -15.52 22.44
N ILE A 69 -19.59 -15.24 22.11
CA ILE A 69 -18.83 -16.12 21.24
C ILE A 69 -18.65 -17.51 21.86
N ARG A 70 -18.47 -17.54 23.17
CA ARG A 70 -18.28 -18.79 23.90
C ARG A 70 -19.46 -19.73 23.65
N GLU A 71 -20.61 -19.15 23.29
CA GLU A 71 -21.80 -19.94 23.03
C GLU A 71 -21.53 -21.03 22.00
N LEU A 72 -20.60 -20.76 21.09
CA LEU A 72 -20.24 -21.72 20.06
C LEU A 72 -19.86 -23.07 20.67
N TYR A 73 -19.48 -23.04 21.94
CA TYR A 73 -19.09 -24.26 22.64
C TYR A 73 -20.33 -25.05 23.08
N LEU A 74 -21.38 -24.33 23.45
CA LEU A 74 -22.61 -24.97 23.88
C LEU A 74 -23.36 -25.59 22.70
N LYS A 75 -23.45 -24.84 21.61
CA LYS A 75 -24.13 -25.31 20.40
C LYS A 75 -23.19 -26.15 19.54
N GLY A 76 -21.89 -25.98 19.76
CA GLY A 76 -20.91 -26.74 19.00
C GLY A 76 -20.60 -26.11 17.66
N ALA A 77 -20.99 -24.84 17.50
CA ALA A 77 -20.76 -24.12 16.27
C ALA A 77 -19.26 -24.04 15.95
N THR A 78 -18.93 -23.54 14.77
CA THR A 78 -17.54 -23.41 14.35
C THR A 78 -17.12 -21.95 14.31
N VAL A 79 -15.81 -21.72 14.17
CA VAL A 79 -15.27 -20.38 14.12
C VAL A 79 -15.94 -19.55 13.02
N TYR A 80 -16.40 -20.23 11.98
CA TYR A 80 -17.06 -19.56 10.87
C TYR A 80 -18.46 -19.10 11.26
N GLU A 81 -19.04 -19.78 12.25
CA GLU A 81 -20.38 -19.44 12.72
C GLU A 81 -20.35 -18.16 13.55
N ILE A 82 -19.51 -18.14 14.57
CA ILE A 82 -19.39 -16.97 15.44
C ILE A 82 -19.11 -15.70 14.63
N ALA A 83 -18.43 -15.87 13.50
CA ALA A 83 -18.10 -14.74 12.64
C ALA A 83 -19.37 -14.09 12.08
N ARG A 84 -20.23 -14.92 11.51
CA ARG A 84 -21.48 -14.43 10.93
C ARG A 84 -22.48 -14.04 12.03
N GLN A 85 -22.57 -14.88 13.05
CA GLN A 85 -23.48 -14.63 14.17
C GLN A 85 -23.24 -13.24 14.76
N LEU A 86 -22.00 -12.99 15.18
CA LEU A 86 -21.63 -11.72 15.77
C LEU A 86 -21.32 -10.69 14.69
N GLY A 87 -21.28 -11.14 13.44
CA GLY A 87 -21.00 -10.25 12.33
C GLY A 87 -19.59 -9.69 12.37
N ARG A 88 -18.70 -10.39 13.07
CA ARG A 88 -17.31 -9.97 13.20
C ARG A 88 -16.61 -10.00 11.84
N PRO A 89 -15.52 -9.23 11.72
CA PRO A 89 -14.73 -9.15 10.48
C PRO A 89 -13.97 -10.44 10.20
N GLU A 90 -14.17 -11.44 11.07
CA GLU A 90 -13.50 -12.73 10.91
C GLU A 90 -12.04 -12.63 11.33
N SER A 91 -11.29 -11.75 10.67
CA SER A 91 -9.88 -11.55 10.98
C SER A 91 -9.66 -11.37 12.48
N THR A 92 -10.66 -10.77 13.13
CA THR A 92 -10.58 -10.52 14.56
C THR A 92 -10.71 -11.82 15.36
N ILE A 93 -11.68 -12.64 14.97
CA ILE A 93 -11.90 -13.92 15.64
C ILE A 93 -10.61 -14.72 15.75
N TYR A 94 -9.90 -14.86 14.63
CA TYR A 94 -8.66 -15.60 14.59
C TYR A 94 -7.68 -15.06 15.63
N TYR A 95 -7.61 -13.74 15.75
CA TYR A 95 -6.71 -13.11 16.70
C TYR A 95 -7.21 -13.31 18.14
N ALA A 96 -8.52 -13.28 18.31
CA ALA A 96 -9.12 -13.45 19.62
C ALA A 96 -8.74 -14.81 20.22
N LEU A 97 -8.99 -15.87 19.47
CA LEU A 97 -8.66 -17.22 19.92
C LEU A 97 -7.16 -17.43 19.98
N LYS A 98 -6.47 -17.07 18.91
CA LYS A 98 -5.02 -17.22 18.84
C LYS A 98 -4.35 -16.53 20.02
N LYS A 99 -4.59 -15.23 20.15
CA LYS A 99 -4.01 -14.45 21.24
C LYS A 99 -4.36 -15.06 22.58
N LEU A 100 -5.49 -15.75 22.65
CA LEU A 100 -5.94 -16.38 23.88
C LEU A 100 -5.09 -17.62 24.20
N GLY A 101 -4.52 -18.22 23.16
CA GLY A 101 -3.69 -19.39 23.36
C GLY A 101 -4.34 -20.65 22.80
N LEU A 102 -5.30 -20.48 21.90
CA LEU A 102 -5.99 -21.61 21.29
C LEU A 102 -5.43 -21.92 19.91
N LYS A 103 -4.90 -23.14 19.77
CA LYS A 103 -4.33 -23.56 18.49
C LYS A 103 -5.34 -23.40 17.36
N LEU A 104 -5.19 -22.35 16.58
CA LEU A 104 -6.07 -22.09 15.46
C LEU A 104 -5.31 -22.09 14.14
N GLU A 105 -5.39 -23.22 13.43
CA GLU A 105 -4.70 -23.36 12.15
C GLU A 105 -5.22 -22.35 11.14
N MET A 1 -0.77 -4.93 25.85
CA MET A 1 0.60 -4.79 25.38
C MET A 1 1.18 -6.13 24.96
N PRO A 2 0.73 -6.64 23.81
CA PRO A 2 1.18 -7.92 23.27
C PRO A 2 2.63 -7.86 22.78
N SER A 3 3.18 -9.01 22.45
CA SER A 3 4.56 -9.09 21.96
C SER A 3 4.60 -9.45 20.48
N VAL A 4 3.87 -10.50 20.12
CA VAL A 4 3.82 -10.94 18.73
C VAL A 4 3.40 -9.81 17.80
N ASN A 5 2.60 -8.88 18.33
CA ASN A 5 2.13 -7.74 17.55
C ASN A 5 3.29 -6.83 17.16
N ASP A 6 4.28 -6.73 18.04
CA ASP A 6 5.44 -5.89 17.79
C ASP A 6 6.12 -6.29 16.48
N SER A 7 6.41 -7.58 16.33
CA SER A 7 7.06 -8.08 15.14
C SER A 7 6.15 -7.96 13.92
N LEU A 8 4.85 -8.12 14.15
CA LEU A 8 3.86 -8.02 13.08
C LEU A 8 3.96 -6.67 12.38
N ASP A 9 4.21 -5.63 13.15
CA ASP A 9 4.33 -4.28 12.60
C ASP A 9 5.43 -4.21 11.55
N ILE A 10 6.47 -5.02 11.73
CA ILE A 10 7.59 -5.06 10.79
C ILE A 10 7.26 -5.94 9.60
N VAL A 11 6.69 -7.10 9.86
CA VAL A 11 6.33 -8.04 8.81
C VAL A 11 5.39 -7.40 7.80
N GLU A 12 4.37 -6.72 8.30
CA GLU A 12 3.38 -6.06 7.44
C GLU A 12 4.01 -4.88 6.72
N LYS A 13 4.96 -4.21 7.37
CA LYS A 13 5.65 -3.06 6.79
C LYS A 13 6.62 -3.51 5.71
N LEU A 14 7.18 -4.69 5.87
CA LEU A 14 8.12 -5.24 4.91
C LEU A 14 7.42 -5.67 3.64
N TYR A 15 6.42 -6.53 3.78
CA TYR A 15 5.65 -7.03 2.64
C TYR A 15 4.99 -5.87 1.89
N LYS A 16 4.27 -5.03 2.62
CA LYS A 16 3.59 -3.89 2.02
C LYS A 16 4.59 -2.95 1.35
N ASP A 17 5.86 -3.06 1.74
CA ASP A 17 6.90 -2.22 1.18
C ASP A 17 7.48 -2.85 -0.09
N GLY A 18 7.38 -4.17 -0.18
CA GLY A 18 7.90 -4.88 -1.34
C GLY A 18 8.96 -5.90 -0.97
N VAL A 19 8.98 -6.29 0.29
CA VAL A 19 9.95 -7.28 0.77
C VAL A 19 9.44 -8.70 0.54
N PRO A 20 10.31 -9.56 0.02
CA PRO A 20 9.99 -10.97 -0.26
C PRO A 20 9.81 -11.78 1.02
N VAL A 21 8.92 -12.77 0.96
CA VAL A 21 8.66 -13.63 2.12
C VAL A 21 9.97 -14.15 2.72
N LYS A 22 10.86 -14.64 1.86
CA LYS A 22 12.14 -15.15 2.31
C LYS A 22 12.87 -14.14 3.19
N GLU A 23 12.79 -12.87 2.80
CA GLU A 23 13.44 -11.81 3.55
C GLU A 23 12.64 -11.45 4.80
N ILE A 24 11.33 -11.34 4.65
CA ILE A 24 10.44 -11.01 5.76
C ILE A 24 10.66 -11.98 6.93
N ALA A 25 10.83 -13.25 6.61
CA ALA A 25 11.03 -14.27 7.63
C ALA A 25 12.34 -14.04 8.38
N LYS A 26 13.40 -13.71 7.64
CA LYS A 26 14.70 -13.45 8.25
C LYS A 26 14.69 -12.14 9.03
N ARG A 27 13.98 -11.14 8.51
CA ARG A 27 13.89 -9.85 9.17
C ARG A 27 13.06 -9.95 10.45
N SER A 28 11.88 -10.54 10.33
CA SER A 28 10.98 -10.68 11.47
C SER A 28 11.39 -11.88 12.32
N ASN A 29 12.40 -12.60 11.87
CA ASN A 29 12.89 -13.77 12.59
C ASN A 29 11.77 -14.79 12.79
N ASN A 30 10.91 -14.92 11.78
CA ASN A 30 9.79 -15.86 11.84
C ASN A 30 9.93 -16.93 10.76
N SER A 31 9.01 -17.89 10.78
CA SER A 31 9.03 -18.98 9.80
C SER A 31 8.17 -18.63 8.59
N MET A 32 8.43 -19.29 7.47
CA MET A 32 7.69 -19.06 6.24
C MET A 32 6.19 -19.24 6.47
N SER A 33 5.84 -20.15 7.36
CA SER A 33 4.44 -20.42 7.68
C SER A 33 3.89 -19.36 8.63
N THR A 34 4.78 -18.70 9.35
CA THR A 34 4.38 -17.65 10.29
C THR A 34 4.18 -16.32 9.59
N VAL A 35 5.18 -15.91 8.81
CA VAL A 35 5.12 -14.65 8.08
C VAL A 35 3.97 -14.65 7.09
N TYR A 36 3.96 -15.63 6.19
CA TYR A 36 2.91 -15.73 5.18
C TYR A 36 1.54 -15.69 5.82
N LYS A 37 1.39 -16.38 6.96
CA LYS A 37 0.13 -16.42 7.67
C LYS A 37 -0.31 -15.02 8.11
N ALA A 38 0.68 -14.16 8.36
CA ALA A 38 0.40 -12.80 8.78
C ALA A 38 -0.02 -11.93 7.59
N LEU A 39 0.69 -12.07 6.47
CA LEU A 39 0.39 -11.30 5.27
C LEU A 39 -1.06 -11.50 4.85
N GLU A 40 -1.48 -12.76 4.77
CA GLU A 40 -2.85 -13.09 4.38
C GLU A 40 -3.85 -12.46 5.34
N LYS A 41 -3.44 -12.30 6.60
CA LYS A 41 -4.30 -11.72 7.62
C LYS A 41 -4.34 -10.20 7.49
N LEU A 42 -3.18 -9.61 7.21
CA LEU A 42 -3.08 -8.16 7.07
C LEU A 42 -3.78 -7.70 5.80
N GLU A 43 -3.46 -8.34 4.68
CA GLU A 43 -4.06 -7.99 3.40
C GLU A 43 -5.57 -8.03 3.47
N ALA A 44 -6.10 -8.95 4.27
CA ALA A 44 -7.53 -9.11 4.44
C ALA A 44 -8.13 -7.90 5.17
N MET A 45 -7.30 -7.22 5.94
CA MET A 45 -7.75 -6.05 6.70
C MET A 45 -7.40 -4.76 5.95
N GLY A 46 -6.39 -4.85 5.08
CA GLY A 46 -5.97 -3.68 4.33
C GLY A 46 -4.82 -2.95 4.99
N ARG A 47 -4.03 -3.67 5.77
CA ARG A 47 -2.89 -3.09 6.46
C ARG A 47 -1.67 -3.00 5.54
N ILE A 48 -1.44 -4.06 4.78
CA ILE A 48 -0.31 -4.11 3.86
C ILE A 48 -0.74 -3.69 2.46
N LYS A 49 -1.65 -2.73 2.38
CA LYS A 49 -2.14 -2.23 1.09
C LYS A 49 -2.24 -0.71 1.10
N ARG A 50 -1.62 -0.09 0.10
CA ARG A 50 -1.64 1.37 -0.02
C ARG A 50 -1.15 1.81 -1.39
N ARG A 51 -1.92 1.48 -2.42
CA ARG A 51 -1.58 1.84 -3.79
C ARG A 51 -2.82 1.94 -4.66
N LYS A 52 -3.30 3.16 -4.87
CA LYS A 52 -4.49 3.39 -5.68
C LYS A 52 -4.12 4.01 -7.02
N GLY A 53 -4.99 3.86 -8.01
CA GLY A 53 -4.73 4.41 -9.33
C GLY A 53 -5.97 4.44 -10.20
N ARG A 54 -5.78 4.22 -11.50
CA ARG A 54 -6.90 4.22 -12.44
C ARG A 54 -6.52 3.45 -13.71
N TYR A 55 -5.61 2.51 -13.58
CA TYR A 55 -5.17 1.71 -14.72
C TYR A 55 -4.73 0.32 -14.27
N ARG A 56 -4.84 -0.65 -15.17
CA ARG A 56 -4.45 -2.02 -14.88
C ARG A 56 -3.05 -2.32 -15.42
N GLN A 57 -2.70 -1.67 -16.52
CA GLN A 57 -1.40 -1.88 -17.13
C GLN A 57 -0.32 -1.07 -16.41
N HIS A 58 0.04 -1.51 -15.21
CA HIS A 58 1.06 -0.82 -14.42
C HIS A 58 2.45 -1.35 -14.74
N ARG A 59 2.59 -2.68 -14.70
CA ARG A 59 3.88 -3.32 -14.98
C ARG A 59 4.45 -2.82 -16.31
N ARG A 60 5.75 -2.60 -16.33
CA ARG A 60 6.44 -2.12 -17.53
C ARG A 60 7.93 -1.97 -17.29
N LEU A 61 8.73 -2.53 -18.19
CA LEU A 61 10.18 -2.46 -18.08
C LEU A 61 10.77 -1.62 -19.22
N THR A 62 10.65 -2.12 -20.44
CA THR A 62 11.17 -1.43 -21.61
C THR A 62 10.05 -0.77 -22.40
N GLU A 63 10.43 0.12 -23.31
CA GLU A 63 9.45 0.83 -24.14
C GLU A 63 8.66 -0.15 -25.00
N GLU A 64 9.37 -1.02 -25.71
CA GLU A 64 8.73 -2.00 -26.58
C GLU A 64 8.15 -3.15 -25.76
N GLU A 65 8.79 -3.45 -24.63
CA GLU A 65 8.34 -4.53 -23.76
C GLU A 65 7.00 -4.17 -23.10
N LEU A 66 6.94 -2.99 -22.50
CA LEU A 66 5.73 -2.52 -21.83
C LEU A 66 4.54 -2.57 -22.78
N ALA A 67 4.81 -2.40 -24.07
CA ALA A 67 3.76 -2.43 -25.08
C ALA A 67 3.38 -3.87 -25.45
N THR A 68 4.33 -4.79 -25.27
CA THR A 68 4.11 -6.18 -25.58
C THR A 68 3.43 -6.90 -24.42
N ILE A 69 3.85 -6.57 -23.20
CA ILE A 69 3.28 -7.18 -22.01
C ILE A 69 1.78 -6.89 -21.90
N ARG A 70 1.40 -5.67 -22.27
CA ARG A 70 0.00 -5.27 -22.21
C ARG A 70 -0.88 -6.23 -23.00
N GLU A 71 -0.27 -6.92 -23.97
CA GLU A 71 -1.00 -7.86 -24.80
C GLU A 71 -1.73 -8.90 -23.94
N LEU A 72 -1.16 -9.20 -22.78
CA LEU A 72 -1.75 -10.17 -21.87
C LEU A 72 -3.20 -9.80 -21.55
N TYR A 73 -3.53 -8.53 -21.74
CA TYR A 73 -4.89 -8.04 -21.48
C TYR A 73 -5.83 -8.42 -22.61
N LEU A 74 -5.36 -8.26 -23.85
CA LEU A 74 -6.17 -8.59 -25.01
C LEU A 74 -6.27 -10.10 -25.20
N LYS A 75 -5.15 -10.79 -25.07
CA LYS A 75 -5.11 -12.24 -25.22
C LYS A 75 -5.56 -12.93 -23.93
N GLY A 76 -5.52 -12.20 -22.83
CA GLY A 76 -5.94 -12.76 -21.54
C GLY A 76 -4.87 -13.63 -20.92
N ALA A 77 -3.64 -13.52 -21.43
CA ALA A 77 -2.52 -14.31 -20.91
C ALA A 77 -2.29 -14.01 -19.43
N THR A 78 -1.40 -14.78 -18.82
CA THR A 78 -1.07 -14.60 -17.41
C THR A 78 0.40 -14.25 -17.22
N VAL A 79 0.80 -14.03 -15.97
CA VAL A 79 2.19 -13.71 -15.66
C VAL A 79 3.14 -14.74 -16.23
N TYR A 80 2.69 -15.99 -16.26
CA TYR A 80 3.51 -17.08 -16.77
C TYR A 80 3.61 -17.02 -18.29
N GLU A 81 2.62 -16.40 -18.92
CA GLU A 81 2.59 -16.26 -20.37
C GLU A 81 3.55 -15.17 -20.83
N ILE A 82 3.41 -13.98 -20.24
CA ILE A 82 4.27 -12.85 -20.59
C ILE A 82 5.74 -13.22 -20.48
N ALA A 83 6.06 -14.07 -19.50
CA ALA A 83 7.43 -14.51 -19.29
C ALA A 83 7.99 -15.19 -20.53
N ARG A 84 7.25 -16.16 -21.05
CA ARG A 84 7.67 -16.89 -22.23
C ARG A 84 7.54 -16.03 -23.49
N GLN A 85 6.41 -15.34 -23.60
CA GLN A 85 6.16 -14.48 -24.76
C GLN A 85 7.30 -13.47 -24.94
N LEU A 86 7.58 -12.70 -23.90
CA LEU A 86 8.64 -11.70 -23.96
C LEU A 86 10.01 -12.36 -23.77
N GLY A 87 10.00 -13.63 -23.37
CA GLY A 87 11.25 -14.35 -23.17
C GLY A 87 12.01 -13.84 -21.95
N ARG A 88 11.31 -13.15 -21.05
CA ARG A 88 11.93 -12.61 -19.85
C ARG A 88 12.41 -13.74 -18.94
N PRO A 89 13.37 -13.41 -18.06
CA PRO A 89 13.94 -14.37 -17.11
C PRO A 89 12.95 -14.78 -16.03
N GLU A 90 11.74 -14.25 -16.12
CA GLU A 90 10.69 -14.56 -15.14
C GLU A 90 10.91 -13.77 -13.85
N SER A 91 12.08 -13.98 -13.23
CA SER A 91 12.41 -13.30 -11.99
C SER A 91 12.19 -11.80 -12.11
N THR A 92 12.38 -11.27 -13.32
CA THR A 92 12.21 -9.86 -13.57
C THR A 92 10.73 -9.46 -13.53
N ILE A 93 9.88 -10.31 -14.11
CA ILE A 93 8.45 -10.06 -14.14
C ILE A 93 7.93 -9.74 -12.73
N TYR A 94 8.42 -10.47 -11.74
CA TYR A 94 8.00 -10.26 -10.36
C TYR A 94 8.33 -8.84 -9.90
N TYR A 95 9.47 -8.34 -10.34
CA TYR A 95 9.90 -6.98 -9.97
C TYR A 95 9.04 -5.94 -10.66
N ALA A 96 8.58 -6.25 -11.86
CA ALA A 96 7.75 -5.32 -12.62
C ALA A 96 6.49 -4.95 -11.85
N LEU A 97 5.70 -5.96 -11.48
CA LEU A 97 4.47 -5.74 -10.74
C LEU A 97 4.76 -5.28 -9.32
N LYS A 98 5.70 -5.97 -8.66
CA LYS A 98 6.08 -5.62 -7.29
C LYS A 98 6.46 -4.15 -7.19
N LYS A 99 7.43 -3.74 -8.00
CA LYS A 99 7.89 -2.35 -8.01
C LYS A 99 6.73 -1.40 -8.24
N LEU A 100 5.69 -1.89 -8.92
CA LEU A 100 4.52 -1.07 -9.21
C LEU A 100 3.54 -1.09 -8.03
N GLY A 101 3.60 -2.14 -7.23
CA GLY A 101 2.72 -2.25 -6.09
C GLY A 101 1.38 -2.89 -6.44
N LEU A 102 1.41 -3.82 -7.38
CA LEU A 102 0.19 -4.51 -7.81
C LEU A 102 0.03 -5.85 -7.09
N LYS A 103 -0.92 -6.64 -7.55
CA LYS A 103 -1.17 -7.96 -6.95
C LYS A 103 -0.48 -9.06 -7.75
N LEU A 104 0.65 -9.53 -7.24
CA LEU A 104 1.41 -10.59 -7.90
C LEU A 104 0.93 -11.97 -7.45
N GLU A 105 -0.30 -12.31 -7.80
CA GLU A 105 -0.88 -13.60 -7.43
C GLU A 105 -1.43 -14.32 -8.66
N MET A 1 -4.72 -4.26 23.71
CA MET A 1 -3.34 -3.79 23.79
C MET A 1 -2.36 -4.96 23.87
N PRO A 2 -2.19 -5.65 22.73
CA PRO A 2 -1.28 -6.81 22.65
C PRO A 2 0.18 -6.40 22.74
N SER A 3 1.06 -7.39 22.87
CA SER A 3 2.49 -7.14 22.98
C SER A 3 3.23 -7.64 21.74
N VAL A 4 2.93 -8.88 21.35
CA VAL A 4 3.56 -9.48 20.18
C VAL A 4 3.21 -8.71 18.91
N ASN A 5 2.02 -8.10 18.90
CA ASN A 5 1.56 -7.34 17.75
C ASN A 5 2.56 -6.24 17.39
N ASP A 6 3.31 -5.79 18.38
CA ASP A 6 4.29 -4.74 18.18
C ASP A 6 5.32 -5.15 17.14
N SER A 7 5.98 -6.28 17.38
CA SER A 7 7.00 -6.79 16.46
C SER A 7 6.39 -7.08 15.09
N LEU A 8 5.20 -7.68 15.10
CA LEU A 8 4.51 -8.02 13.86
C LEU A 8 4.35 -6.79 12.97
N ASP A 9 4.11 -5.64 13.61
CA ASP A 9 3.93 -4.39 12.87
C ASP A 9 5.14 -4.11 11.98
N ILE A 10 6.31 -4.53 12.44
CA ILE A 10 7.55 -4.32 11.69
C ILE A 10 7.71 -5.38 10.60
N VAL A 11 7.48 -6.63 10.97
CA VAL A 11 7.61 -7.75 10.03
C VAL A 11 6.75 -7.50 8.79
N GLU A 12 5.47 -7.22 9.00
CA GLU A 12 4.55 -6.98 7.91
C GLU A 12 4.92 -5.70 7.15
N LYS A 13 5.45 -4.73 7.89
CA LYS A 13 5.85 -3.46 7.30
C LYS A 13 6.76 -3.68 6.09
N LEU A 14 7.53 -4.76 6.13
CA LEU A 14 8.44 -5.09 5.05
C LEU A 14 7.67 -5.56 3.81
N TYR A 15 6.72 -6.46 4.02
CA TYR A 15 5.91 -6.97 2.92
C TYR A 15 5.24 -5.84 2.15
N LYS A 16 4.47 -5.03 2.87
CA LYS A 16 3.77 -3.91 2.26
C LYS A 16 4.75 -2.90 1.69
N ASP A 17 5.97 -2.89 2.22
CA ASP A 17 7.01 -1.97 1.75
C ASP A 17 7.60 -2.45 0.43
N GLY A 18 7.41 -3.73 0.13
CA GLY A 18 7.93 -4.29 -1.11
C GLY A 18 8.97 -5.36 -0.86
N VAL A 19 8.69 -6.26 0.08
CA VAL A 19 9.61 -7.34 0.40
C VAL A 19 8.96 -8.70 0.23
N PRO A 20 9.66 -9.63 -0.44
CA PRO A 20 9.16 -10.97 -0.70
C PRO A 20 9.09 -11.81 0.58
N VAL A 21 8.15 -12.76 0.61
CA VAL A 21 7.99 -13.63 1.77
C VAL A 21 9.31 -14.28 2.16
N LYS A 22 10.07 -14.72 1.17
CA LYS A 22 11.36 -15.35 1.41
C LYS A 22 12.29 -14.42 2.19
N GLU A 23 12.25 -13.14 1.85
CA GLU A 23 13.10 -12.15 2.52
C GLU A 23 12.52 -11.78 3.89
N ILE A 24 11.21 -11.57 3.93
CA ILE A 24 10.54 -11.21 5.17
C ILE A 24 10.83 -12.22 6.27
N ALA A 25 10.81 -13.50 5.91
CA ALA A 25 11.07 -14.58 6.86
C ALA A 25 12.44 -14.40 7.51
N LYS A 26 13.44 -14.11 6.70
CA LYS A 26 14.80 -13.92 7.19
C LYS A 26 14.91 -12.62 7.99
N ARG A 27 14.11 -11.64 7.61
CA ARG A 27 14.11 -10.34 8.28
C ARG A 27 13.56 -10.47 9.71
N SER A 28 12.41 -11.11 9.83
CA SER A 28 11.77 -11.30 11.13
C SER A 28 12.24 -12.59 11.79
N ASN A 29 13.14 -13.30 11.10
CA ASN A 29 13.67 -14.56 11.62
C ASN A 29 12.55 -15.58 11.83
N ASN A 30 11.47 -15.43 11.07
CA ASN A 30 10.33 -16.33 11.17
C ASN A 30 10.36 -17.36 10.05
N SER A 31 9.43 -18.32 10.12
CA SER A 31 9.34 -19.37 9.10
C SER A 31 8.44 -18.95 7.95
N MET A 32 8.67 -19.55 6.78
CA MET A 32 7.88 -19.23 5.60
C MET A 32 6.39 -19.41 5.87
N SER A 33 6.06 -20.40 6.69
CA SER A 33 4.67 -20.68 7.03
C SER A 33 4.17 -19.71 8.10
N THR A 34 5.11 -19.10 8.82
CA THR A 34 4.76 -18.15 9.87
C THR A 34 4.53 -16.76 9.31
N VAL A 35 5.47 -16.29 8.50
CA VAL A 35 5.36 -14.97 7.88
C VAL A 35 4.16 -14.89 6.95
N TYR A 36 4.13 -15.78 5.96
CA TYR A 36 3.05 -15.82 4.99
C TYR A 36 1.69 -15.87 5.69
N LYS A 37 1.62 -16.62 6.79
CA LYS A 37 0.40 -16.75 7.56
C LYS A 37 -0.07 -15.39 8.08
N ALA A 38 0.89 -14.52 8.37
CA ALA A 38 0.58 -13.18 8.87
C ALA A 38 0.14 -12.27 7.75
N LEU A 39 0.86 -12.31 6.64
CA LEU A 39 0.53 -11.48 5.47
C LEU A 39 -0.93 -11.63 5.09
N GLU A 40 -1.38 -12.87 4.96
CA GLU A 40 -2.76 -13.15 4.59
C GLU A 40 -3.73 -12.58 5.62
N LYS A 41 -3.23 -12.38 6.84
CA LYS A 41 -4.05 -11.84 7.92
C LYS A 41 -4.20 -10.32 7.78
N LEU A 42 -3.08 -9.63 7.59
CA LEU A 42 -3.08 -8.18 7.43
C LEU A 42 -3.70 -7.78 6.11
N GLU A 43 -3.29 -8.45 5.04
CA GLU A 43 -3.81 -8.15 3.70
C GLU A 43 -5.33 -8.21 3.69
N ALA A 44 -5.88 -9.23 4.35
CA ALA A 44 -7.32 -9.41 4.42
C ALA A 44 -8.00 -8.22 5.10
N MET A 45 -7.22 -7.48 5.87
CA MET A 45 -7.74 -6.31 6.57
C MET A 45 -7.38 -5.02 5.85
N GLY A 46 -6.33 -5.08 5.02
CA GLY A 46 -5.89 -3.92 4.28
C GLY A 46 -4.84 -3.12 5.02
N ARG A 47 -4.02 -3.81 5.82
CA ARG A 47 -2.98 -3.15 6.59
C ARG A 47 -1.67 -3.08 5.79
N ILE A 48 -1.39 -4.15 5.06
CA ILE A 48 -0.17 -4.21 4.24
C ILE A 48 -0.44 -3.79 2.81
N LYS A 49 -1.33 -2.81 2.65
CA LYS A 49 -1.69 -2.31 1.32
C LYS A 49 -1.91 -0.80 1.36
N ARG A 50 -1.30 -0.09 0.42
CA ARG A 50 -1.43 1.36 0.34
C ARG A 50 -2.90 1.76 0.26
N ARG A 51 -3.30 2.70 1.12
CA ARG A 51 -4.68 3.18 1.15
C ARG A 51 -4.74 4.68 0.91
N LYS A 52 -5.93 5.25 1.09
CA LYS A 52 -6.12 6.68 0.90
C LYS A 52 -5.19 7.49 1.80
N GLY A 53 -5.29 7.25 3.11
CA GLY A 53 -4.45 7.96 4.05
C GLY A 53 -5.21 8.42 5.28
N ARG A 54 -5.45 9.73 5.38
CA ARG A 54 -6.17 10.28 6.52
C ARG A 54 -5.49 9.91 7.83
N TYR A 55 -4.16 9.93 7.84
CA TYR A 55 -3.40 9.59 9.03
C TYR A 55 -1.90 9.88 8.83
N ARG A 56 -1.36 9.37 7.73
CA ARG A 56 0.05 9.58 7.43
C ARG A 56 0.94 9.04 8.54
N GLN A 57 2.25 9.17 8.36
CA GLN A 57 3.21 8.69 9.36
C GLN A 57 4.42 9.63 9.44
N HIS A 58 5.38 9.27 10.29
CA HIS A 58 6.58 10.07 10.46
C HIS A 58 7.72 9.22 11.01
N ARG A 59 8.18 8.26 10.21
CA ARG A 59 9.26 7.38 10.62
C ARG A 59 10.12 6.98 9.42
N ARG A 60 11.30 7.58 9.31
CA ARG A 60 12.21 7.28 8.22
C ARG A 60 13.46 6.58 8.72
N LEU A 61 14.34 7.35 9.36
CA LEU A 61 15.59 6.80 9.89
C LEU A 61 15.88 7.35 11.28
N THR A 62 16.31 8.60 11.33
CA THR A 62 16.62 9.25 12.61
C THR A 62 15.54 10.24 12.99
N GLU A 63 15.45 10.54 14.29
CA GLU A 63 14.45 11.48 14.79
C GLU A 63 14.69 12.88 14.25
N GLU A 64 15.97 13.23 14.09
CA GLU A 64 16.34 14.54 13.58
C GLU A 64 16.12 14.62 12.07
N GLU A 65 16.29 13.50 11.39
CA GLU A 65 16.10 13.44 9.95
C GLU A 65 14.65 13.74 9.57
N LEU A 66 13.72 13.27 10.39
CA LEU A 66 12.30 13.48 10.14
C LEU A 66 11.93 14.95 10.30
N ALA A 67 12.64 15.64 11.19
CA ALA A 67 12.39 17.06 11.42
C ALA A 67 13.08 17.92 10.37
N THR A 68 14.17 17.41 9.80
CA THR A 68 14.92 18.12 8.79
C THR A 68 14.30 17.91 7.41
N ILE A 69 13.89 16.68 7.13
CA ILE A 69 13.28 16.35 5.84
C ILE A 69 11.99 17.13 5.63
N ARG A 70 11.23 17.31 6.71
CA ARG A 70 9.98 18.04 6.63
C ARG A 70 10.19 19.45 6.08
N GLU A 71 11.41 19.95 6.21
CA GLU A 71 11.75 21.28 5.72
C GLU A 71 11.37 21.43 4.26
N LEU A 72 11.43 20.33 3.51
CA LEU A 72 11.10 20.34 2.10
C LEU A 72 9.72 20.94 1.87
N TYR A 73 8.89 20.92 2.91
CA TYR A 73 7.53 21.46 2.83
C TYR A 73 7.54 22.97 2.93
N LEU A 74 8.41 23.50 3.78
CA LEU A 74 8.52 24.94 3.98
C LEU A 74 9.23 25.60 2.80
N LYS A 75 10.33 24.98 2.36
CA LYS A 75 11.09 25.51 1.23
C LYS A 75 10.48 25.06 -0.09
N GLY A 76 9.68 24.00 -0.04
CA GLY A 76 9.04 23.49 -1.25
C GLY A 76 9.97 22.63 -2.07
N ALA A 77 11.07 22.20 -1.47
CA ALA A 77 12.04 21.36 -2.14
C ALA A 77 11.41 20.03 -2.56
N THR A 78 12.16 19.25 -3.34
CA THR A 78 11.69 17.95 -3.81
C THR A 78 12.54 16.81 -3.26
N VAL A 79 12.17 15.58 -3.59
CA VAL A 79 12.89 14.41 -3.13
C VAL A 79 14.38 14.50 -3.49
N TYR A 80 14.66 15.15 -4.62
CA TYR A 80 16.03 15.30 -5.08
C TYR A 80 16.78 16.33 -4.24
N GLU A 81 16.02 17.24 -3.62
CA GLU A 81 16.61 18.28 -2.79
C GLU A 81 17.01 17.71 -1.44
N ILE A 82 16.07 17.06 -0.76
CA ILE A 82 16.34 16.47 0.54
C ILE A 82 17.55 15.55 0.50
N ALA A 83 17.76 14.91 -0.63
CA ALA A 83 18.89 14.00 -0.81
C ALA A 83 20.21 14.74 -0.67
N ARG A 84 20.34 15.85 -1.39
CA ARG A 84 21.56 16.64 -1.34
C ARG A 84 21.66 17.42 -0.02
N GLN A 85 20.55 18.01 0.39
CA GLN A 85 20.52 18.77 1.63
C GLN A 85 21.02 17.93 2.80
N LEU A 86 20.40 16.78 3.01
CA LEU A 86 20.79 15.88 4.10
C LEU A 86 22.01 15.05 3.70
N GLY A 87 22.38 15.12 2.43
CA GLY A 87 23.53 14.37 1.96
C GLY A 87 23.27 12.88 1.94
N ARG A 88 22.00 12.50 1.96
CA ARG A 88 21.62 11.08 1.94
C ARG A 88 22.02 10.43 0.62
N PRO A 89 22.17 9.09 0.64
CA PRO A 89 22.54 8.32 -0.55
C PRO A 89 21.44 8.29 -1.59
N GLU A 90 20.34 8.99 -1.31
CA GLU A 90 19.21 9.04 -2.23
C GLU A 90 18.39 7.74 -2.15
N SER A 91 19.05 6.62 -2.43
CA SER A 91 18.39 5.32 -2.40
C SER A 91 17.62 5.14 -1.10
N THR A 92 18.12 5.73 -0.02
CA THR A 92 17.48 5.63 1.28
C THR A 92 16.19 6.45 1.32
N ILE A 93 16.23 7.63 0.72
CA ILE A 93 15.07 8.51 0.69
C ILE A 93 13.83 7.76 0.20
N TYR A 94 13.97 7.07 -0.93
CA TYR A 94 12.86 6.32 -1.51
C TYR A 94 12.27 5.36 -0.49
N TYR A 95 13.13 4.69 0.26
CA TYR A 95 12.70 3.74 1.27
C TYR A 95 12.06 4.46 2.46
N ALA A 96 12.63 5.61 2.82
CA ALA A 96 12.13 6.40 3.93
C ALA A 96 10.67 6.81 3.69
N LEU A 97 10.42 7.42 2.55
CA LEU A 97 9.07 7.87 2.20
C LEU A 97 8.15 6.67 1.94
N LYS A 98 8.63 5.74 1.14
CA LYS A 98 7.85 4.55 0.81
C LYS A 98 7.43 3.81 2.08
N LYS A 99 8.40 3.48 2.92
CA LYS A 99 8.13 2.78 4.16
C LYS A 99 7.12 3.54 5.01
N LEU A 100 7.06 4.86 4.81
CA LEU A 100 6.13 5.70 5.56
C LEU A 100 4.70 5.48 5.09
N GLY A 101 4.55 5.04 3.85
CA GLY A 101 3.22 4.79 3.31
C GLY A 101 2.68 5.99 2.55
N LEU A 102 3.57 6.80 2.01
CA LEU A 102 3.17 7.99 1.26
C LEU A 102 3.14 7.71 -0.24
N LYS A 103 2.94 6.44 -0.58
CA LYS A 103 2.88 6.03 -1.99
C LYS A 103 4.11 6.52 -2.74
N LEU A 104 5.16 5.72 -2.74
CA LEU A 104 6.40 6.07 -3.43
C LEU A 104 6.77 5.01 -4.45
N GLU A 105 7.10 5.45 -5.67
CA GLU A 105 7.47 4.53 -6.74
C GLU A 105 7.99 5.30 -7.95
N MET A 1 -2.22 -6.53 26.60
CA MET A 1 -0.89 -6.03 26.29
C MET A 1 -0.14 -7.01 25.39
N PRO A 2 -0.55 -7.09 24.13
CA PRO A 2 0.08 -7.98 23.15
C PRO A 2 1.47 -7.53 22.76
N SER A 3 2.45 -8.40 22.96
CA SER A 3 3.84 -8.09 22.63
C SER A 3 4.19 -8.58 21.23
N VAL A 4 3.55 -9.67 20.81
CA VAL A 4 3.79 -10.24 19.50
C VAL A 4 3.25 -9.35 18.40
N ASN A 5 2.16 -8.64 18.69
CA ASN A 5 1.54 -7.74 17.73
C ASN A 5 2.51 -6.64 17.31
N ASP A 6 3.44 -6.30 18.22
CA ASP A 6 4.42 -5.26 17.95
C ASP A 6 5.32 -5.66 16.79
N SER A 7 5.69 -6.93 16.74
CA SER A 7 6.57 -7.44 15.68
C SER A 7 5.83 -7.45 14.34
N LEU A 8 4.54 -7.71 14.38
CA LEU A 8 3.72 -7.76 13.17
C LEU A 8 3.80 -6.43 12.42
N ASP A 9 3.83 -5.33 13.16
CA ASP A 9 3.91 -4.01 12.57
C ASP A 9 5.14 -3.88 11.68
N ILE A 10 6.21 -4.57 12.05
CA ILE A 10 7.44 -4.54 11.28
C ILE A 10 7.38 -5.50 10.10
N VAL A 11 7.00 -6.75 10.37
CA VAL A 11 6.90 -7.76 9.34
C VAL A 11 6.00 -7.29 8.19
N GLU A 12 4.86 -6.71 8.54
CA GLU A 12 3.92 -6.21 7.55
C GLU A 12 4.49 -5.01 6.80
N LYS A 13 5.27 -4.20 7.51
CA LYS A 13 5.89 -3.02 6.93
C LYS A 13 6.85 -3.40 5.81
N LEU A 14 7.53 -4.53 5.97
CA LEU A 14 8.48 -5.01 4.98
C LEU A 14 7.75 -5.50 3.73
N TYR A 15 6.80 -6.41 3.93
CA TYR A 15 6.03 -6.95 2.81
C TYR A 15 5.30 -5.85 2.05
N LYS A 16 4.54 -5.05 2.78
CA LYS A 16 3.78 -3.96 2.19
C LYS A 16 4.72 -2.96 1.50
N ASP A 17 5.98 -2.99 1.88
CA ASP A 17 6.98 -2.10 1.30
C ASP A 17 7.54 -2.68 0.00
N GLY A 18 7.55 -4.00 -0.09
CA GLY A 18 8.07 -4.67 -1.28
C GLY A 18 9.15 -5.68 -0.95
N VAL A 19 8.89 -6.53 0.03
CA VAL A 19 9.85 -7.55 0.44
C VAL A 19 9.26 -8.95 0.30
N PRO A 20 10.04 -9.86 -0.29
CA PRO A 20 9.62 -11.25 -0.50
C PRO A 20 9.54 -12.04 0.80
N VAL A 21 8.65 -13.02 0.84
CA VAL A 21 8.48 -13.85 2.03
C VAL A 21 9.81 -14.40 2.52
N LYS A 22 10.60 -14.93 1.59
CA LYS A 22 11.91 -15.48 1.93
C LYS A 22 12.75 -14.48 2.70
N GLU A 23 12.67 -13.21 2.30
CA GLU A 23 13.43 -12.15 2.97
C GLU A 23 12.77 -11.77 4.29
N ILE A 24 11.45 -11.57 4.26
CA ILE A 24 10.71 -11.19 5.44
C ILE A 24 10.95 -12.18 6.58
N ALA A 25 10.99 -13.46 6.24
CA ALA A 25 11.21 -14.51 7.24
C ALA A 25 12.53 -14.28 7.98
N LYS A 26 13.59 -13.97 7.23
CA LYS A 26 14.89 -13.72 7.83
C LYS A 26 14.90 -12.41 8.60
N ARG A 27 14.10 -11.45 8.14
CA ARG A 27 14.02 -10.15 8.79
C ARG A 27 13.32 -10.26 10.14
N SER A 28 12.15 -10.90 10.15
CA SER A 28 11.38 -11.07 11.37
C SER A 28 11.81 -12.33 12.12
N ASN A 29 12.82 -13.02 11.58
CA ASN A 29 13.32 -14.23 12.19
C ASN A 29 12.21 -15.28 12.34
N ASN A 30 11.22 -15.21 11.45
CA ASN A 30 10.11 -16.14 11.47
C ASN A 30 10.21 -17.15 10.33
N SER A 31 9.23 -18.05 10.27
CA SER A 31 9.21 -19.07 9.23
C SER A 31 8.26 -18.68 8.10
N MET A 32 8.45 -19.28 6.93
CA MET A 32 7.60 -19.00 5.78
C MET A 32 6.13 -19.21 6.12
N SER A 33 5.86 -20.15 7.03
CA SER A 33 4.49 -20.44 7.44
C SER A 33 3.99 -19.40 8.43
N THR A 34 4.92 -18.76 9.14
CA THR A 34 4.57 -17.74 10.12
C THR A 34 4.38 -16.38 9.46
N VAL A 35 5.35 -15.98 8.65
CA VAL A 35 5.28 -14.69 7.96
C VAL A 35 4.11 -14.66 6.98
N TYR A 36 4.08 -15.62 6.06
CA TYR A 36 3.00 -15.69 5.08
C TYR A 36 1.64 -15.65 5.75
N LYS A 37 1.52 -16.37 6.87
CA LYS A 37 0.26 -16.41 7.61
C LYS A 37 -0.14 -15.03 8.08
N ALA A 38 0.85 -14.18 8.32
CA ALA A 38 0.58 -12.81 8.78
C ALA A 38 0.14 -11.92 7.62
N LEU A 39 0.79 -12.08 6.47
CA LEU A 39 0.47 -11.30 5.29
C LEU A 39 -0.99 -11.48 4.90
N GLU A 40 -1.41 -12.73 4.80
CA GLU A 40 -2.79 -13.05 4.43
C GLU A 40 -3.77 -12.42 5.42
N LYS A 41 -3.36 -12.30 6.67
CA LYS A 41 -4.20 -11.73 7.71
C LYS A 41 -4.19 -10.20 7.62
N LEU A 42 -3.04 -9.64 7.27
CA LEU A 42 -2.90 -8.19 7.16
C LEU A 42 -3.66 -7.67 5.94
N GLU A 43 -3.41 -8.28 4.78
CA GLU A 43 -4.08 -7.88 3.55
C GLU A 43 -5.59 -7.92 3.72
N ALA A 44 -6.08 -8.91 4.45
CA ALA A 44 -7.51 -9.06 4.68
C ALA A 44 -8.08 -7.87 5.46
N MET A 45 -7.19 -7.18 6.18
CA MET A 45 -7.60 -6.02 6.97
C MET A 45 -7.25 -4.72 6.24
N GLY A 46 -6.26 -4.79 5.37
CA GLY A 46 -5.85 -3.61 4.62
C GLY A 46 -4.66 -2.91 5.24
N ARG A 47 -3.85 -3.66 5.98
CA ARG A 47 -2.68 -3.11 6.64
C ARG A 47 -1.51 -3.01 5.66
N ILE A 48 -1.30 -4.05 4.88
CA ILE A 48 -0.22 -4.08 3.91
C ILE A 48 -0.69 -3.55 2.55
N LYS A 49 -1.98 -3.72 2.27
CA LYS A 49 -2.56 -3.25 1.02
C LYS A 49 -3.52 -2.10 1.26
N ARG A 50 -3.06 -0.89 0.96
CA ARG A 50 -3.89 0.30 1.15
C ARG A 50 -3.14 1.56 0.70
N ARG A 51 -3.32 1.93 -0.56
CA ARG A 51 -2.67 3.11 -1.11
C ARG A 51 -3.62 3.90 -1.99
N LYS A 52 -4.90 3.88 -1.64
CA LYS A 52 -5.92 4.60 -2.39
C LYS A 52 -6.87 5.35 -1.45
N GLY A 53 -6.80 6.67 -1.48
CA GLY A 53 -7.66 7.48 -0.64
C GLY A 53 -6.99 8.77 -0.20
N ARG A 54 -6.27 9.41 -1.12
CA ARG A 54 -5.58 10.65 -0.82
C ARG A 54 -5.05 11.30 -2.10
N TYR A 55 -5.93 11.51 -3.07
CA TYR A 55 -5.55 12.11 -4.34
C TYR A 55 -6.69 12.96 -4.90
N ARG A 56 -6.76 14.22 -4.47
CA ARG A 56 -7.80 15.12 -4.92
C ARG A 56 -7.19 16.41 -5.47
N GLN A 57 -6.19 16.94 -4.76
CA GLN A 57 -5.53 18.16 -5.17
C GLN A 57 -4.23 17.86 -5.91
N HIS A 58 -3.63 18.89 -6.49
CA HIS A 58 -2.38 18.73 -7.22
C HIS A 58 -1.52 20.00 -7.13
N ARG A 59 -0.47 20.06 -7.93
CA ARG A 59 0.43 21.20 -7.94
C ARG A 59 -0.35 22.50 -8.11
N ARG A 60 0.12 23.56 -7.46
CA ARG A 60 -0.53 24.87 -7.54
C ARG A 60 0.30 25.94 -6.85
N LEU A 61 0.53 27.04 -7.55
CA LEU A 61 1.32 28.14 -7.01
C LEU A 61 0.67 29.48 -7.33
N THR A 62 0.78 29.90 -8.58
CA THR A 62 0.20 31.17 -9.02
C THR A 62 -1.14 30.95 -9.70
N GLU A 63 -1.87 32.04 -9.92
CA GLU A 63 -3.18 31.97 -10.57
C GLU A 63 -3.06 31.42 -11.97
N GLU A 64 -2.17 32.01 -12.76
CA GLU A 64 -1.95 31.57 -14.14
C GLU A 64 -1.14 30.28 -14.18
N GLU A 65 -0.25 30.11 -13.21
CA GLU A 65 0.59 28.92 -13.14
C GLU A 65 -0.25 27.69 -12.82
N LEU A 66 -1.15 27.82 -11.86
CA LEU A 66 -2.02 26.71 -11.46
C LEU A 66 -3.00 26.37 -12.56
N ALA A 67 -3.39 27.37 -13.35
CA ALA A 67 -4.32 27.17 -14.44
C ALA A 67 -3.61 26.62 -15.68
N THR A 68 -2.33 26.95 -15.81
CA THR A 68 -1.54 26.49 -16.95
C THR A 68 -0.99 25.10 -16.70
N ILE A 69 -0.48 24.87 -15.50
CA ILE A 69 0.08 23.57 -15.13
C ILE A 69 -0.93 22.46 -15.35
N ARG A 70 -2.20 22.74 -15.06
CA ARG A 70 -3.26 21.76 -15.23
C ARG A 70 -3.30 21.23 -16.66
N GLU A 71 -2.78 22.04 -17.59
CA GLU A 71 -2.75 21.65 -19.00
C GLU A 71 -2.09 20.28 -19.17
N LEU A 72 -1.14 19.97 -18.30
CA LEU A 72 -0.43 18.70 -18.36
C LEU A 72 -1.41 17.53 -18.38
N TYR A 73 -2.62 17.78 -17.90
CA TYR A 73 -3.65 16.74 -17.87
C TYR A 73 -4.27 16.55 -19.24
N LEU A 74 -4.55 17.65 -19.92
CA LEU A 74 -5.14 17.60 -21.26
C LEU A 74 -4.12 17.16 -22.30
N LYS A 75 -2.93 17.72 -22.23
CA LYS A 75 -1.85 17.39 -23.15
C LYS A 75 -1.16 16.09 -22.74
N GLY A 76 -1.31 15.73 -21.47
CA GLY A 76 -0.69 14.52 -20.96
C GLY A 76 0.78 14.71 -20.64
N ALA A 77 1.21 15.96 -20.56
CA ALA A 77 2.60 16.27 -20.25
C ALA A 77 3.00 15.71 -18.90
N THR A 78 4.30 15.79 -18.59
CA THR A 78 4.81 15.29 -17.32
C THR A 78 5.44 16.42 -16.50
N VAL A 79 5.90 16.07 -15.30
CA VAL A 79 6.53 17.05 -14.42
C VAL A 79 7.65 17.80 -15.13
N TYR A 80 8.32 17.11 -16.03
CA TYR A 80 9.43 17.70 -16.78
C TYR A 80 8.91 18.70 -17.82
N GLU A 81 7.72 18.41 -18.36
CA GLU A 81 7.12 19.27 -19.37
C GLU A 81 6.71 20.60 -18.75
N ILE A 82 5.91 20.54 -17.70
CA ILE A 82 5.44 21.75 -17.01
C ILE A 82 6.61 22.64 -16.62
N ALA A 83 7.73 22.02 -16.28
CA ALA A 83 8.92 22.75 -15.88
C ALA A 83 9.41 23.66 -17.00
N ARG A 84 9.56 23.09 -18.20
CA ARG A 84 10.02 23.85 -19.36
C ARG A 84 8.93 24.80 -19.86
N GLN A 85 7.70 24.28 -19.93
CA GLN A 85 6.57 25.08 -20.40
C GLN A 85 6.45 26.37 -19.59
N LEU A 86 6.40 26.24 -18.28
CA LEU A 86 6.29 27.40 -17.39
C LEU A 86 7.66 28.00 -17.11
N GLY A 87 8.71 27.32 -17.55
CA GLY A 87 10.06 27.81 -17.34
C GLY A 87 10.45 27.82 -15.88
N ARG A 88 9.77 27.00 -15.08
CA ARG A 88 10.05 26.92 -13.65
C ARG A 88 11.45 26.36 -13.40
N PRO A 89 11.99 26.65 -12.21
CA PRO A 89 13.33 26.18 -11.82
C PRO A 89 13.37 24.68 -11.57
N GLU A 90 12.23 24.02 -11.79
CA GLU A 90 12.13 22.58 -11.59
C GLU A 90 12.04 22.24 -10.11
N SER A 91 13.04 22.66 -9.34
CA SER A 91 13.08 22.39 -7.92
C SER A 91 11.77 22.79 -7.25
N THR A 92 11.12 23.82 -7.81
CA THR A 92 9.86 24.31 -7.28
C THR A 92 8.73 23.32 -7.54
N ILE A 93 8.67 22.82 -8.77
CA ILE A 93 7.64 21.86 -9.16
C ILE A 93 7.56 20.70 -8.17
N TYR A 94 8.72 20.16 -7.80
CA TYR A 94 8.78 19.06 -6.86
C TYR A 94 8.07 19.41 -5.55
N TYR A 95 8.12 20.68 -5.19
CA TYR A 95 7.48 21.16 -3.97
C TYR A 95 5.96 21.13 -4.10
N ALA A 96 5.48 21.53 -5.27
CA ALA A 96 4.04 21.56 -5.53
C ALA A 96 3.43 20.16 -5.40
N LEU A 97 4.00 19.21 -6.13
CA LEU A 97 3.52 17.84 -6.10
C LEU A 97 3.71 17.22 -4.72
N LYS A 98 4.94 17.30 -4.22
CA LYS A 98 5.26 16.75 -2.90
C LYS A 98 4.36 17.34 -1.82
N LYS A 99 4.03 18.62 -1.97
CA LYS A 99 3.18 19.31 -1.01
C LYS A 99 1.84 18.60 -0.89
N LEU A 100 1.40 17.95 -1.96
CA LEU A 100 0.14 17.23 -1.97
C LEU A 100 0.23 15.97 -1.12
N GLY A 101 1.44 15.62 -0.71
CA GLY A 101 1.64 14.44 0.10
C GLY A 101 2.61 13.46 -0.53
N LEU A 102 3.18 13.84 -1.67
CA LEU A 102 4.13 13.00 -2.38
C LEU A 102 3.44 11.76 -2.95
N LYS A 103 2.55 11.97 -3.92
CA LYS A 103 1.83 10.89 -4.55
C LYS A 103 1.58 11.18 -6.03
N LEU A 104 2.31 12.14 -6.57
CA LEU A 104 2.17 12.52 -7.96
C LEU A 104 2.99 11.60 -8.87
N GLU A 105 4.17 11.20 -8.39
CA GLU A 105 5.04 10.32 -9.15
C GLU A 105 5.41 10.94 -10.50
N MET A 1 0.64 -5.65 27.54
CA MET A 1 0.56 -5.38 26.11
C MET A 1 1.04 -6.59 25.30
N PRO A 2 0.60 -6.67 24.04
CA PRO A 2 0.98 -7.76 23.14
C PRO A 2 2.45 -7.69 22.74
N SER A 3 3.06 -8.86 22.55
CA SER A 3 4.47 -8.92 22.15
C SER A 3 4.60 -9.24 20.67
N VAL A 4 3.80 -10.19 20.20
CA VAL A 4 3.83 -10.59 18.79
C VAL A 4 3.44 -9.43 17.90
N ASN A 5 2.63 -8.52 18.42
CA ASN A 5 2.17 -7.36 17.66
C ASN A 5 3.35 -6.49 17.24
N ASP A 6 4.38 -6.45 18.08
CA ASP A 6 5.58 -5.66 17.80
C ASP A 6 6.23 -6.12 16.51
N SER A 7 6.56 -7.41 16.45
CA SER A 7 7.20 -7.98 15.27
C SER A 7 6.31 -7.86 14.03
N LEU A 8 5.00 -7.96 14.27
CA LEU A 8 4.03 -7.87 13.18
C LEU A 8 4.15 -6.54 12.45
N ASP A 9 4.41 -5.48 13.21
CA ASP A 9 4.57 -4.15 12.64
C ASP A 9 5.65 -4.13 11.56
N ILE A 10 6.69 -4.94 11.77
CA ILE A 10 7.79 -5.02 10.81
C ILE A 10 7.44 -5.95 9.66
N VAL A 11 6.81 -7.07 9.97
CA VAL A 11 6.42 -8.05 8.96
C VAL A 11 5.49 -7.43 7.93
N GLU A 12 4.44 -6.77 8.40
CA GLU A 12 3.47 -6.13 7.53
C GLU A 12 4.09 -4.94 6.82
N LYS A 13 5.00 -4.25 7.50
CA LYS A 13 5.67 -3.09 6.93
C LYS A 13 6.66 -3.51 5.84
N LEU A 14 7.23 -4.70 6.00
CA LEU A 14 8.19 -5.21 5.03
C LEU A 14 7.49 -5.62 3.73
N TYR A 15 6.49 -6.49 3.86
CA TYR A 15 5.74 -6.97 2.69
C TYR A 15 5.08 -5.80 1.97
N LYS A 16 4.36 -4.98 2.71
CA LYS A 16 3.67 -3.82 2.14
C LYS A 16 4.66 -2.86 1.51
N ASP A 17 5.93 -2.99 1.88
CA ASP A 17 6.98 -2.13 1.35
C ASP A 17 7.57 -2.72 0.08
N GLY A 18 7.46 -4.04 -0.06
CA GLY A 18 7.99 -4.72 -1.24
C GLY A 18 9.01 -5.78 -0.89
N VAL A 19 9.04 -6.17 0.39
CA VAL A 19 9.98 -7.18 0.85
C VAL A 19 9.45 -8.58 0.60
N PRO A 20 10.31 -9.46 0.05
CA PRO A 20 9.95 -10.85 -0.25
C PRO A 20 9.74 -11.68 1.00
N VAL A 21 8.84 -12.66 0.92
CA VAL A 21 8.55 -13.52 2.05
C VAL A 21 9.83 -14.10 2.65
N LYS A 22 10.75 -14.51 1.77
CA LYS A 22 12.02 -15.08 2.21
C LYS A 22 12.77 -14.10 3.11
N GLU A 23 12.71 -12.82 2.76
CA GLU A 23 13.38 -11.78 3.54
C GLU A 23 12.59 -11.44 4.80
N ILE A 24 11.27 -11.33 4.65
CA ILE A 24 10.40 -11.00 5.77
C ILE A 24 10.60 -11.99 6.92
N ALA A 25 10.75 -13.26 6.58
CA ALA A 25 10.94 -14.30 7.58
C ALA A 25 12.26 -14.10 8.33
N LYS A 26 13.31 -13.78 7.59
CA LYS A 26 14.63 -13.56 8.18
C LYS A 26 14.64 -12.28 9.00
N ARG A 27 13.95 -11.26 8.51
CA ARG A 27 13.88 -9.97 9.20
C ARG A 27 13.06 -10.09 10.48
N SER A 28 11.86 -10.65 10.36
CA SER A 28 10.97 -10.82 11.50
C SER A 28 11.37 -12.04 12.33
N ASN A 29 12.39 -12.75 11.86
CA ASN A 29 12.87 -13.94 12.56
C ASN A 29 11.74 -14.95 12.73
N ASN A 30 10.88 -15.05 11.73
CA ASN A 30 9.76 -15.98 11.77
C ASN A 30 9.88 -17.03 10.67
N SER A 31 8.97 -18.00 10.67
CA SER A 31 8.97 -19.06 9.68
C SER A 31 8.10 -18.69 8.48
N MET A 32 8.37 -19.31 7.34
CA MET A 32 7.61 -19.05 6.12
C MET A 32 6.12 -19.24 6.37
N SER A 33 5.78 -20.16 7.26
CA SER A 33 4.38 -20.44 7.57
C SER A 33 3.81 -19.39 8.53
N THR A 34 4.70 -18.74 9.26
CA THR A 34 4.30 -17.70 10.21
C THR A 34 4.12 -16.36 9.52
N VAL A 35 5.12 -15.95 8.75
CA VAL A 35 5.07 -14.69 8.02
C VAL A 35 3.94 -14.68 7.01
N TYR A 36 3.98 -15.65 6.10
CA TYR A 36 2.95 -15.76 5.06
C TYR A 36 1.56 -15.73 5.67
N LYS A 37 1.39 -16.45 6.78
CA LYS A 37 0.10 -16.51 7.46
C LYS A 37 -0.34 -15.12 7.92
N ALA A 38 0.63 -14.27 8.22
CA ALA A 38 0.34 -12.91 8.66
C ALA A 38 -0.04 -12.01 7.49
N LEU A 39 0.71 -12.11 6.40
CA LEU A 39 0.45 -11.31 5.21
C LEU A 39 -1.00 -11.49 4.74
N GLU A 40 -1.42 -12.75 4.61
CA GLU A 40 -2.78 -13.05 4.17
C GLU A 40 -3.80 -12.45 5.12
N LYS A 41 -3.42 -12.33 6.39
CA LYS A 41 -4.32 -11.76 7.40
C LYS A 41 -4.35 -10.24 7.32
N LEU A 42 -3.17 -9.64 7.09
CA LEU A 42 -3.07 -8.19 6.98
C LEU A 42 -3.72 -7.69 5.70
N GLU A 43 -3.34 -8.29 4.58
CA GLU A 43 -3.89 -7.91 3.28
C GLU A 43 -5.41 -7.99 3.29
N ALA A 44 -5.94 -8.86 4.15
CA ALA A 44 -7.39 -9.04 4.25
C ALA A 44 -8.02 -7.89 5.03
N MET A 45 -7.23 -7.26 5.89
CA MET A 45 -7.73 -6.15 6.70
C MET A 45 -7.41 -4.81 6.03
N GLY A 46 -6.37 -4.80 5.20
CA GLY A 46 -5.98 -3.58 4.53
C GLY A 46 -4.83 -2.87 5.21
N ARG A 47 -3.99 -3.64 5.90
CA ARG A 47 -2.83 -3.08 6.59
C ARG A 47 -1.63 -2.97 5.66
N ILE A 48 -1.39 -4.04 4.89
CA ILE A 48 -0.26 -4.06 3.96
C ILE A 48 -0.70 -3.60 2.57
N LYS A 49 -1.99 -3.74 2.28
CA LYS A 49 -2.53 -3.34 0.99
C LYS A 49 -4.01 -2.96 1.12
N ARG A 50 -4.29 -1.68 0.95
CA ARG A 50 -5.67 -1.19 1.04
C ARG A 50 -6.39 -1.33 -0.29
N ARG A 51 -7.20 -2.38 -0.41
CA ARG A 51 -7.95 -2.64 -1.64
C ARG A 51 -9.32 -1.98 -1.58
N LYS A 52 -9.50 -0.90 -2.34
CA LYS A 52 -10.76 -0.18 -2.38
C LYS A 52 -11.31 -0.11 -3.80
N GLY A 53 -10.56 0.55 -4.68
CA GLY A 53 -10.99 0.67 -6.06
C GLY A 53 -10.46 1.92 -6.72
N ARG A 54 -9.81 1.76 -7.88
CA ARG A 54 -9.24 2.89 -8.60
C ARG A 54 -9.25 2.62 -10.11
N TYR A 55 -9.67 3.62 -10.88
CA TYR A 55 -9.73 3.49 -12.33
C TYR A 55 -9.02 4.67 -13.01
N ARG A 56 -8.53 4.42 -14.22
CA ARG A 56 -7.83 5.45 -14.98
C ARG A 56 -8.73 6.03 -16.07
N GLN A 57 -8.15 6.86 -16.93
CA GLN A 57 -8.89 7.48 -18.01
C GLN A 57 -8.82 6.62 -19.28
N HIS A 58 -9.48 7.08 -20.34
CA HIS A 58 -9.49 6.36 -21.60
C HIS A 58 -9.97 7.26 -22.74
N ARG A 59 -10.23 6.65 -23.89
CA ARG A 59 -10.69 7.40 -25.05
C ARG A 59 -9.65 8.42 -25.51
N ARG A 60 -8.92 8.07 -26.56
CA ARG A 60 -7.88 8.95 -27.09
C ARG A 60 -8.32 9.58 -28.41
N LEU A 61 -8.44 8.76 -29.45
CA LEU A 61 -8.86 9.23 -30.76
C LEU A 61 -9.95 8.35 -31.34
N THR A 62 -9.57 7.15 -31.79
CA THR A 62 -10.53 6.21 -32.37
C THR A 62 -10.85 5.08 -31.39
N GLU A 63 -12.00 4.45 -31.57
CA GLU A 63 -12.42 3.36 -30.71
C GLU A 63 -11.39 2.24 -30.71
N GLU A 64 -10.91 1.88 -31.89
CA GLU A 64 -9.93 0.81 -32.03
C GLU A 64 -8.54 1.30 -31.62
N GLU A 65 -8.28 2.59 -31.85
CA GLU A 65 -7.00 3.18 -31.49
C GLU A 65 -6.80 3.21 -29.98
N LEU A 66 -7.78 3.80 -29.28
CA LEU A 66 -7.72 3.90 -27.82
C LEU A 66 -7.50 2.53 -27.19
N ALA A 67 -8.01 1.49 -27.86
CA ALA A 67 -7.86 0.13 -27.36
C ALA A 67 -6.48 -0.44 -27.69
N THR A 68 -5.88 0.08 -28.76
CA THR A 68 -4.56 -0.38 -29.18
C THR A 68 -3.46 0.33 -28.41
N ILE A 69 -3.66 1.62 -28.16
CA ILE A 69 -2.68 2.42 -27.42
C ILE A 69 -2.51 1.90 -26.00
N ARG A 70 -3.62 1.47 -25.39
CA ARG A 70 -3.59 0.96 -24.03
C ARG A 70 -2.60 -0.20 -23.91
N GLU A 71 -2.32 -0.86 -25.03
CA GLU A 71 -1.39 -1.98 -25.05
C GLU A 71 -0.06 -1.59 -24.42
N LEU A 72 0.31 -0.32 -24.57
CA LEU A 72 1.57 0.18 -24.01
C LEU A 72 1.68 -0.14 -22.53
N TYR A 73 0.53 -0.37 -21.89
CA TYR A 73 0.50 -0.68 -20.47
C TYR A 73 0.86 -2.15 -20.23
N LEU A 74 0.45 -3.01 -21.14
CA LEU A 74 0.73 -4.44 -21.04
C LEU A 74 2.21 -4.73 -21.33
N LYS A 75 2.73 -4.11 -22.37
CA LYS A 75 4.12 -4.30 -22.75
C LYS A 75 5.03 -3.35 -21.97
N GLY A 76 4.44 -2.28 -21.44
CA GLY A 76 5.20 -1.31 -20.68
C GLY A 76 5.88 -0.28 -21.56
N ALA A 77 5.45 -0.21 -22.82
CA ALA A 77 6.02 0.74 -23.77
C ALA A 77 5.87 2.17 -23.28
N THR A 78 6.49 3.10 -23.98
CA THR A 78 6.43 4.51 -23.61
C THR A 78 5.72 5.34 -24.67
N VAL A 79 5.56 6.63 -24.41
CA VAL A 79 4.90 7.52 -25.36
C VAL A 79 5.55 7.46 -26.74
N TYR A 80 6.85 7.19 -26.76
CA TYR A 80 7.59 7.10 -28.01
C TYR A 80 7.24 5.81 -28.75
N GLU A 81 6.81 4.81 -28.00
CA GLU A 81 6.44 3.52 -28.59
C GLU A 81 5.07 3.59 -29.26
N ILE A 82 4.08 4.06 -28.51
CA ILE A 82 2.73 4.18 -29.02
C ILE A 82 2.70 4.99 -30.32
N ALA A 83 3.62 5.92 -30.45
CA ALA A 83 3.72 6.76 -31.64
C ALA A 83 4.03 5.93 -32.87
N ARG A 84 5.07 5.11 -32.77
CA ARG A 84 5.48 4.25 -33.88
C ARG A 84 4.49 3.10 -34.07
N GLN A 85 4.09 2.49 -32.96
CA GLN A 85 3.16 1.36 -33.00
C GLN A 85 1.90 1.74 -33.77
N LEU A 86 1.24 2.81 -33.33
CA LEU A 86 0.02 3.27 -33.98
C LEU A 86 0.33 4.12 -35.21
N GLY A 87 1.62 4.44 -35.38
CA GLY A 87 2.02 5.23 -36.52
C GLY A 87 1.52 6.66 -36.46
N ARG A 88 1.17 7.10 -35.25
CA ARG A 88 0.65 8.45 -35.05
C ARG A 88 1.74 9.49 -35.34
N PRO A 89 1.31 10.72 -35.64
CA PRO A 89 2.23 11.82 -35.94
C PRO A 89 3.01 12.29 -34.72
N GLU A 90 2.79 11.60 -33.59
CA GLU A 90 3.47 11.95 -32.35
C GLU A 90 2.85 13.18 -31.71
N SER A 91 2.84 14.30 -32.44
CA SER A 91 2.28 15.54 -31.95
C SER A 91 0.87 15.32 -31.40
N THR A 92 0.15 14.37 -31.99
CA THR A 92 -1.21 14.06 -31.57
C THR A 92 -1.22 13.36 -30.22
N ILE A 93 -0.27 12.45 -30.03
CA ILE A 93 -0.16 11.71 -28.77
C ILE A 93 -0.17 12.64 -27.57
N TYR A 94 0.62 13.71 -27.66
CA TYR A 94 0.70 14.69 -26.59
C TYR A 94 -0.69 15.21 -26.21
N TYR A 95 -1.50 15.47 -27.22
CA TYR A 95 -2.85 15.97 -27.00
C TYR A 95 -3.75 14.88 -26.41
N ALA A 96 -3.62 13.66 -26.93
CA ALA A 96 -4.41 12.54 -26.45
C ALA A 96 -4.19 12.30 -24.97
N LEU A 97 -2.92 12.22 -24.57
CA LEU A 97 -2.58 11.98 -23.17
C LEU A 97 -2.92 13.20 -22.32
N LYS A 98 -2.43 14.36 -22.73
CA LYS A 98 -2.69 15.60 -22.01
C LYS A 98 -4.19 15.80 -21.79
N LYS A 99 -4.95 15.82 -22.88
CA LYS A 99 -6.40 16.00 -22.81
C LYS A 99 -7.03 14.94 -21.90
N LEU A 100 -6.36 13.80 -21.78
CA LEU A 100 -6.86 12.72 -20.94
C LEU A 100 -6.54 12.97 -19.48
N GLY A 101 -5.49 13.75 -19.22
CA GLY A 101 -5.11 14.06 -17.86
C GLY A 101 -4.24 12.99 -17.24
N LEU A 102 -3.41 12.35 -18.06
CA LEU A 102 -2.52 11.29 -17.59
C LEU A 102 -1.19 11.89 -17.13
N LYS A 103 -1.25 12.88 -16.26
CA LYS A 103 -0.07 13.52 -15.73
C LYS A 103 0.81 14.07 -16.86
N LEU A 104 0.26 15.00 -17.61
CA LEU A 104 0.98 15.61 -18.73
C LEU A 104 1.04 17.13 -18.59
N GLU A 105 -0.12 17.75 -18.40
CA GLU A 105 -0.21 19.20 -18.24
C GLU A 105 0.26 19.62 -16.85
N MET A 1 -1.18 -4.22 27.04
CA MET A 1 0.16 -3.81 26.65
C MET A 1 0.98 -5.00 26.18
N PRO A 2 0.62 -5.56 25.01
CA PRO A 2 1.31 -6.71 24.43
C PRO A 2 2.71 -6.34 23.93
N SER A 3 3.44 -7.35 23.47
CA SER A 3 4.79 -7.15 22.96
C SER A 3 4.94 -7.72 21.56
N VAL A 4 4.33 -8.88 21.32
CA VAL A 4 4.39 -9.52 20.02
C VAL A 4 3.55 -8.78 18.99
N ASN A 5 2.46 -8.19 19.46
CA ASN A 5 1.56 -7.44 18.58
C ASN A 5 2.29 -6.29 17.90
N ASP A 6 3.20 -5.66 18.65
CA ASP A 6 3.98 -4.54 18.13
C ASP A 6 4.86 -4.99 16.96
N SER A 7 5.61 -6.07 17.18
CA SER A 7 6.50 -6.59 16.14
C SER A 7 5.73 -6.93 14.88
N LEU A 8 4.49 -7.38 15.06
CA LEU A 8 3.64 -7.75 13.92
C LEU A 8 3.53 -6.59 12.94
N ASP A 9 3.58 -5.37 13.45
CA ASP A 9 3.49 -4.18 12.61
C ASP A 9 4.77 -3.98 11.81
N ILE A 10 5.89 -4.41 12.37
CA ILE A 10 7.18 -4.28 11.70
C ILE A 10 7.35 -5.34 10.63
N VAL A 11 7.13 -6.60 11.00
CA VAL A 11 7.25 -7.71 10.05
C VAL A 11 6.39 -7.48 8.82
N GLU A 12 5.15 -7.05 9.03
CA GLU A 12 4.23 -6.79 7.93
C GLU A 12 4.63 -5.54 7.17
N LYS A 13 5.13 -4.54 7.90
CA LYS A 13 5.56 -3.28 7.30
C LYS A 13 6.55 -3.54 6.16
N LEU A 14 7.32 -4.61 6.28
CA LEU A 14 8.31 -4.96 5.27
C LEU A 14 7.62 -5.44 3.99
N TYR A 15 6.69 -6.37 4.13
CA TYR A 15 5.97 -6.91 2.99
C TYR A 15 5.31 -5.79 2.18
N LYS A 16 4.49 -4.99 2.84
CA LYS A 16 3.81 -3.88 2.18
C LYS A 16 4.81 -2.87 1.63
N ASP A 17 6.00 -2.83 2.23
CA ASP A 17 7.05 -1.92 1.80
C ASP A 17 7.69 -2.41 0.50
N GLY A 18 7.56 -3.70 0.23
CA GLY A 18 8.13 -4.27 -0.98
C GLY A 18 9.17 -5.33 -0.68
N VAL A 19 8.84 -6.24 0.23
CA VAL A 19 9.75 -7.32 0.61
C VAL A 19 9.10 -8.69 0.39
N PRO A 20 9.86 -9.59 -0.25
CA PRO A 20 9.37 -10.95 -0.54
C PRO A 20 9.24 -11.80 0.72
N VAL A 21 8.34 -12.77 0.68
CA VAL A 21 8.12 -13.65 1.82
C VAL A 21 9.41 -14.29 2.28
N LYS A 22 10.24 -14.70 1.32
CA LYS A 22 11.52 -15.32 1.63
C LYS A 22 12.40 -14.40 2.47
N GLU A 23 12.36 -13.11 2.14
CA GLU A 23 13.16 -12.12 2.86
C GLU A 23 12.52 -11.78 4.20
N ILE A 24 11.20 -11.55 4.18
CA ILE A 24 10.47 -11.22 5.39
C ILE A 24 10.69 -12.26 6.48
N ALA A 25 10.80 -13.52 6.08
CA ALA A 25 11.02 -14.61 7.02
C ALA A 25 12.28 -14.39 7.83
N LYS A 26 13.33 -13.91 7.18
CA LYS A 26 14.61 -13.64 7.84
C LYS A 26 14.48 -12.43 8.77
N ARG A 27 14.00 -11.32 8.23
CA ARG A 27 13.84 -10.10 9.01
C ARG A 27 12.93 -10.33 10.20
N SER A 28 11.96 -11.23 10.04
CA SER A 28 11.01 -11.55 11.10
C SER A 28 11.47 -12.76 11.90
N ASN A 29 12.56 -13.37 11.45
CA ASN A 29 13.11 -14.55 12.12
C ASN A 29 12.07 -15.66 12.21
N ASN A 30 11.10 -15.62 11.30
CA ASN A 30 10.04 -16.64 11.28
C ASN A 30 10.18 -17.54 10.05
N SER A 31 9.25 -18.48 9.92
CA SER A 31 9.27 -19.41 8.80
C SER A 31 8.33 -18.94 7.69
N MET A 32 8.51 -19.50 6.49
CA MET A 32 7.67 -19.15 5.35
C MET A 32 6.20 -19.40 5.66
N SER A 33 5.93 -20.40 6.49
CA SER A 33 4.56 -20.74 6.86
C SER A 33 4.03 -19.79 7.93
N THR A 34 4.95 -19.19 8.68
CA THR A 34 4.57 -18.26 9.73
C THR A 34 4.35 -16.86 9.17
N VAL A 35 5.32 -16.37 8.41
CA VAL A 35 5.23 -15.04 7.80
C VAL A 35 4.09 -14.97 6.80
N TYR A 36 4.13 -15.84 5.80
CA TYR A 36 3.10 -15.87 4.77
C TYR A 36 1.70 -15.95 5.39
N LYS A 37 1.58 -16.75 6.45
CA LYS A 37 0.31 -16.91 7.14
C LYS A 37 -0.18 -15.58 7.71
N ALA A 38 0.76 -14.72 8.08
CA ALA A 38 0.42 -13.41 8.62
C ALA A 38 0.03 -12.44 7.51
N LEU A 39 0.80 -12.43 6.43
CA LEU A 39 0.55 -11.55 5.31
C LEU A 39 -0.90 -11.69 4.83
N GLU A 40 -1.34 -12.93 4.62
CA GLU A 40 -2.69 -13.20 4.17
C GLU A 40 -3.71 -12.65 5.15
N LYS A 41 -3.28 -12.47 6.40
CA LYS A 41 -4.16 -11.95 7.44
C LYS A 41 -4.30 -10.43 7.32
N LEU A 42 -3.18 -9.75 7.21
CA LEU A 42 -3.17 -8.29 7.09
C LEU A 42 -3.73 -7.85 5.74
N GLU A 43 -3.25 -8.49 4.67
CA GLU A 43 -3.70 -8.17 3.33
C GLU A 43 -5.22 -8.25 3.23
N ALA A 44 -5.79 -9.30 3.80
CA ALA A 44 -7.23 -9.50 3.79
C ALA A 44 -7.96 -8.33 4.45
N MET A 45 -7.24 -7.60 5.29
CA MET A 45 -7.81 -6.45 5.98
C MET A 45 -7.42 -5.14 5.30
N GLY A 46 -6.32 -5.18 4.55
CA GLY A 46 -5.86 -4.00 3.85
C GLY A 46 -4.86 -3.20 4.67
N ARG A 47 -4.08 -3.89 5.48
CA ARG A 47 -3.08 -3.25 6.32
C ARG A 47 -1.73 -3.17 5.60
N ILE A 48 -1.42 -4.21 4.83
CA ILE A 48 -0.17 -4.26 4.09
C ILE A 48 -0.35 -3.75 2.66
N LYS A 49 -1.37 -2.91 2.46
CA LYS A 49 -1.64 -2.36 1.15
C LYS A 49 -2.25 -0.95 1.27
N ARG A 50 -2.10 -0.17 0.21
CA ARG A 50 -2.63 1.19 0.19
C ARG A 50 -4.15 1.18 0.08
N ARG A 51 -4.64 0.86 -1.11
CA ARG A 51 -6.08 0.82 -1.36
C ARG A 51 -6.37 0.40 -2.80
N LYS A 52 -6.11 1.30 -3.74
CA LYS A 52 -6.34 1.02 -5.15
C LYS A 52 -5.50 1.93 -6.03
N GLY A 53 -5.61 1.75 -7.35
CA GLY A 53 -4.86 2.57 -8.28
C GLY A 53 -5.01 2.10 -9.71
N ARG A 54 -5.79 2.84 -10.50
CA ARG A 54 -6.03 2.50 -11.89
C ARG A 54 -6.88 3.56 -12.58
N TYR A 55 -6.41 4.04 -13.73
CA TYR A 55 -7.13 5.06 -14.49
C TYR A 55 -6.98 4.82 -15.98
N ARG A 56 -7.80 5.51 -16.77
CA ARG A 56 -7.77 5.39 -18.22
C ARG A 56 -7.76 6.75 -18.89
N GLN A 57 -6.97 7.68 -18.34
CA GLN A 57 -6.89 9.03 -18.89
C GLN A 57 -5.89 9.86 -18.09
N HIS A 58 -5.08 10.64 -18.81
CA HIS A 58 -4.08 11.50 -18.17
C HIS A 58 -3.85 12.76 -18.98
N ARG A 59 -4.89 13.22 -19.67
CA ARG A 59 -4.81 14.43 -20.49
C ARG A 59 -3.65 14.32 -21.47
N ARG A 60 -3.36 15.43 -22.16
CA ARG A 60 -2.27 15.47 -23.13
C ARG A 60 -2.08 16.88 -23.67
N LEU A 61 -1.27 17.00 -24.71
CA LEU A 61 -0.99 18.29 -25.32
C LEU A 61 -1.35 18.28 -26.81
N THR A 62 -0.51 17.65 -27.61
CA THR A 62 -0.74 17.56 -29.05
C THR A 62 -1.22 16.18 -29.45
N GLU A 63 -1.90 16.10 -30.59
CA GLU A 63 -2.43 14.82 -31.08
C GLU A 63 -1.31 13.80 -31.23
N GLU A 64 -0.19 14.23 -31.81
CA GLU A 64 0.95 13.34 -32.01
C GLU A 64 1.70 13.11 -30.69
N GLU A 65 1.69 14.12 -29.83
CA GLU A 65 2.37 14.03 -28.54
C GLU A 65 1.69 13.01 -27.64
N LEU A 66 0.36 13.08 -27.57
CA LEU A 66 -0.42 12.16 -26.74
C LEU A 66 -0.28 10.74 -27.25
N ALA A 67 -0.08 10.58 -28.55
CA ALA A 67 0.07 9.26 -29.16
C ALA A 67 1.48 8.73 -28.97
N THR A 68 2.45 9.63 -28.85
CA THR A 68 3.84 9.25 -28.66
C THR A 68 4.15 8.98 -27.20
N ILE A 69 3.70 9.88 -26.33
CA ILE A 69 3.91 9.73 -24.89
C ILE A 69 3.26 8.46 -24.36
N ARG A 70 2.09 8.14 -24.90
CA ARG A 70 1.37 6.94 -24.48
C ARG A 70 2.24 5.70 -24.62
N GLU A 71 3.23 5.78 -25.50
CA GLU A 71 4.14 4.66 -25.73
C GLU A 71 4.76 4.17 -24.42
N LEU A 72 4.95 5.10 -23.48
CA LEU A 72 5.53 4.78 -22.19
C LEU A 72 4.76 3.64 -21.52
N TYR A 73 3.51 3.45 -21.94
CA TYR A 73 2.68 2.40 -21.37
C TYR A 73 3.03 1.05 -21.98
N LEU A 74 3.28 1.03 -23.27
CA LEU A 74 3.63 -0.20 -23.97
C LEU A 74 5.06 -0.63 -23.64
N LYS A 75 5.98 0.32 -23.66
CA LYS A 75 7.38 0.05 -23.36
C LYS A 75 7.61 0.04 -21.85
N GLY A 76 6.71 0.66 -21.11
CA GLY A 76 6.84 0.71 -19.66
C GLY A 76 7.81 1.78 -19.21
N ALA A 77 8.15 2.70 -20.11
CA ALA A 77 9.07 3.77 -19.79
C ALA A 77 8.55 4.63 -18.64
N THR A 78 9.38 5.55 -18.16
CA THR A 78 8.99 6.43 -17.06
C THR A 78 8.97 7.88 -17.52
N VAL A 79 8.60 8.77 -16.60
CA VAL A 79 8.52 10.20 -16.91
C VAL A 79 9.85 10.70 -17.46
N TYR A 80 10.94 10.13 -16.99
CA TYR A 80 12.28 10.52 -17.43
C TYR A 80 12.55 10.01 -18.85
N GLU A 81 11.86 8.94 -19.22
CA GLU A 81 12.02 8.34 -20.55
C GLU A 81 11.27 9.16 -21.61
N ILE A 82 10.00 9.42 -21.34
CA ILE A 82 9.17 10.18 -22.27
C ILE A 82 9.80 11.51 -22.60
N ALA A 83 10.55 12.06 -21.64
CA ALA A 83 11.23 13.34 -21.84
C ALA A 83 12.07 13.33 -23.11
N ARG A 84 12.84 12.26 -23.30
CA ARG A 84 13.70 12.13 -24.46
C ARG A 84 12.87 11.84 -25.71
N GLN A 85 11.73 11.17 -25.52
CA GLN A 85 10.85 10.84 -26.63
C GLN A 85 10.19 12.08 -27.21
N LEU A 86 9.50 12.83 -26.35
CA LEU A 86 8.82 14.05 -26.77
C LEU A 86 9.82 15.12 -27.17
N GLY A 87 11.06 14.95 -26.73
CA GLY A 87 12.10 15.92 -27.05
C GLY A 87 11.99 17.18 -26.23
N ARG A 88 11.22 17.12 -25.14
CA ARG A 88 11.04 18.26 -24.27
C ARG A 88 12.09 18.27 -23.15
N PRO A 89 12.40 19.47 -22.64
CA PRO A 89 13.38 19.65 -21.57
C PRO A 89 12.89 19.11 -20.23
N GLU A 90 11.69 19.52 -19.84
CA GLU A 90 11.10 19.07 -18.58
C GLU A 90 9.77 19.77 -18.32
N SER A 91 9.73 21.08 -18.57
CA SER A 91 8.52 21.86 -18.36
C SER A 91 7.33 21.21 -19.06
N THR A 92 7.47 20.95 -20.35
CA THR A 92 6.41 20.34 -21.14
C THR A 92 5.89 19.07 -20.46
N ILE A 93 6.81 18.18 -20.11
CA ILE A 93 6.46 16.93 -19.45
C ILE A 93 5.79 17.19 -18.11
N TYR A 94 6.28 18.19 -17.39
CA TYR A 94 5.73 18.54 -16.08
C TYR A 94 4.32 19.10 -16.22
N TYR A 95 4.07 19.78 -17.34
CA TYR A 95 2.76 20.38 -17.58
C TYR A 95 1.70 19.30 -17.74
N ALA A 96 2.04 18.23 -18.46
CA ALA A 96 1.11 17.13 -18.69
C ALA A 96 0.66 16.51 -17.37
N LEU A 97 1.63 16.17 -16.53
CA LEU A 97 1.34 15.56 -15.22
C LEU A 97 0.68 16.58 -14.29
N LYS A 98 1.34 17.73 -14.12
CA LYS A 98 0.82 18.77 -13.26
C LYS A 98 -0.63 19.13 -13.63
N LYS A 99 -0.90 19.17 -14.93
CA LYS A 99 -2.23 19.48 -15.42
C LYS A 99 -3.27 18.57 -14.79
N LEU A 100 -2.89 17.33 -14.52
CA LEU A 100 -3.79 16.36 -13.92
C LEU A 100 -4.04 16.69 -12.45
N GLY A 101 -3.09 17.37 -11.83
CA GLY A 101 -3.22 17.74 -10.43
C GLY A 101 -2.56 16.74 -9.50
N LEU A 102 -1.49 16.12 -9.97
CA LEU A 102 -0.77 15.12 -9.17
C LEU A 102 0.39 15.77 -8.41
N LYS A 103 0.33 17.09 -8.28
CA LYS A 103 1.37 17.83 -7.58
C LYS A 103 2.66 17.86 -8.38
N LEU A 104 3.30 16.71 -8.50
CA LEU A 104 4.56 16.60 -9.25
C LEU A 104 5.56 17.66 -8.78
N GLU A 105 6.32 17.32 -7.75
CA GLU A 105 7.32 18.24 -7.21
C GLU A 105 6.71 19.60 -6.92
N MET A 1 -3.52 -5.01 24.79
CA MET A 1 -2.18 -4.44 24.64
C MET A 1 -1.13 -5.53 24.57
N PRO A 2 -1.14 -6.29 23.46
CA PRO A 2 -0.19 -7.39 23.25
C PRO A 2 1.24 -6.88 23.00
N SER A 3 2.22 -7.76 23.18
CA SER A 3 3.61 -7.40 22.98
C SER A 3 4.13 -7.98 21.67
N VAL A 4 3.70 -9.19 21.34
CA VAL A 4 4.12 -9.85 20.12
C VAL A 4 3.52 -9.17 18.89
N ASN A 5 2.32 -8.62 19.06
CA ASN A 5 1.63 -7.95 17.96
C ASN A 5 2.44 -6.74 17.47
N ASP A 6 3.20 -6.15 18.37
CA ASP A 6 4.02 -4.99 18.04
C ASP A 6 4.92 -5.28 16.84
N SER A 7 5.71 -6.35 16.97
CA SER A 7 6.63 -6.75 15.90
C SER A 7 5.86 -7.01 14.59
N LEU A 8 4.64 -7.50 14.71
CA LEU A 8 3.80 -7.78 13.56
C LEU A 8 3.66 -6.55 12.67
N ASP A 9 3.68 -5.38 13.30
CA ASP A 9 3.56 -4.12 12.57
C ASP A 9 4.84 -3.82 11.78
N ILE A 10 5.97 -4.29 12.31
CA ILE A 10 7.26 -4.06 11.66
C ILE A 10 7.49 -5.08 10.54
N VAL A 11 7.41 -6.35 10.89
CA VAL A 11 7.62 -7.42 9.91
C VAL A 11 6.68 -7.25 8.71
N GLU A 12 5.44 -6.87 8.98
CA GLU A 12 4.45 -6.67 7.94
C GLU A 12 4.79 -5.45 7.08
N LYS A 13 5.40 -4.44 7.71
CA LYS A 13 5.79 -3.23 7.02
C LYS A 13 6.74 -3.54 5.85
N LEU A 14 7.52 -4.60 6.01
CA LEU A 14 8.47 -5.00 4.98
C LEU A 14 7.73 -5.51 3.73
N TYR A 15 6.76 -6.40 3.95
CA TYR A 15 5.98 -6.95 2.84
C TYR A 15 5.28 -5.85 2.07
N LYS A 16 4.47 -5.05 2.77
CA LYS A 16 3.73 -3.96 2.15
C LYS A 16 4.69 -2.95 1.53
N ASP A 17 5.95 -2.99 1.94
CA ASP A 17 6.96 -2.08 1.42
C ASP A 17 7.55 -2.60 0.11
N GLY A 18 7.47 -3.92 -0.08
CA GLY A 18 8.00 -4.53 -1.29
C GLY A 18 9.07 -5.56 -0.99
N VAL A 19 8.79 -6.44 -0.02
CA VAL A 19 9.73 -7.49 0.35
C VAL A 19 9.10 -8.87 0.21
N PRO A 20 9.84 -9.80 -0.42
CA PRO A 20 9.38 -11.18 -0.62
C PRO A 20 9.30 -11.96 0.68
N VAL A 21 8.39 -12.92 0.74
CA VAL A 21 8.21 -13.75 1.92
C VAL A 21 9.54 -14.36 2.36
N LYS A 22 10.28 -14.90 1.41
CA LYS A 22 11.57 -15.52 1.69
C LYS A 22 12.48 -14.56 2.47
N GLU A 23 12.43 -13.29 2.08
CA GLU A 23 13.25 -12.26 2.73
C GLU A 23 12.64 -11.86 4.08
N ILE A 24 11.33 -11.62 4.08
CA ILE A 24 10.64 -11.23 5.29
C ILE A 24 10.88 -12.24 6.42
N ALA A 25 10.93 -13.51 6.07
CA ALA A 25 11.16 -14.57 7.04
C ALA A 25 12.47 -14.35 7.79
N LYS A 26 13.52 -13.99 7.05
CA LYS A 26 14.82 -13.75 7.65
C LYS A 26 14.82 -12.46 8.47
N ARG A 27 14.00 -11.51 8.05
CA ARG A 27 13.89 -10.23 8.75
C ARG A 27 13.25 -10.42 10.12
N SER A 28 12.12 -11.10 10.15
CA SER A 28 11.41 -11.34 11.40
C SER A 28 11.89 -12.63 12.06
N ASN A 29 12.87 -13.27 11.45
CA ASN A 29 13.42 -14.52 11.97
C ASN A 29 12.33 -15.58 12.10
N ASN A 30 11.30 -15.47 11.27
CA ASN A 30 10.21 -16.43 11.29
C ASN A 30 10.28 -17.39 10.11
N SER A 31 9.33 -18.30 10.02
CA SER A 31 9.30 -19.28 8.95
C SER A 31 8.35 -18.83 7.83
N MET A 32 8.55 -19.38 6.64
CA MET A 32 7.72 -19.04 5.49
C MET A 32 6.24 -19.25 5.81
N SER A 33 5.96 -20.26 6.63
CA SER A 33 4.58 -20.58 7.01
C SER A 33 4.09 -19.61 8.08
N THR A 34 5.02 -19.01 8.82
CA THR A 34 4.67 -18.08 9.87
C THR A 34 4.44 -16.67 9.32
N VAL A 35 5.41 -16.19 8.52
CA VAL A 35 5.31 -14.87 7.92
C VAL A 35 4.13 -14.78 6.97
N TYR A 36 4.11 -15.67 5.98
CA TYR A 36 3.02 -15.69 5.00
C TYR A 36 1.67 -15.71 5.69
N LYS A 37 1.56 -16.51 6.74
CA LYS A 37 0.31 -16.63 7.50
C LYS A 37 -0.09 -15.27 8.08
N ALA A 38 0.90 -14.45 8.41
CA ALA A 38 0.64 -13.13 8.97
C ALA A 38 0.21 -12.14 7.90
N LEU A 39 0.86 -12.23 6.74
CA LEU A 39 0.55 -11.33 5.63
C LEU A 39 -0.89 -11.52 5.17
N GLU A 40 -1.27 -12.78 4.94
CA GLU A 40 -2.63 -13.09 4.50
C GLU A 40 -3.66 -12.53 5.46
N LYS A 41 -3.27 -12.37 6.71
CA LYS A 41 -4.16 -11.84 7.74
C LYS A 41 -4.26 -10.32 7.64
N LEU A 42 -3.13 -9.66 7.43
CA LEU A 42 -3.09 -8.21 7.31
C LEU A 42 -3.73 -7.76 6.00
N GLU A 43 -3.33 -8.38 4.90
CA GLU A 43 -3.87 -8.04 3.59
C GLU A 43 -5.40 -8.12 3.59
N ALA A 44 -5.92 -9.15 4.23
CA ALA A 44 -7.37 -9.33 4.32
C ALA A 44 -8.04 -8.15 5.00
N MET A 45 -7.26 -7.40 5.77
CA MET A 45 -7.78 -6.24 6.49
C MET A 45 -7.41 -4.95 5.77
N GLY A 46 -6.32 -5.00 5.01
CA GLY A 46 -5.87 -3.83 4.27
C GLY A 46 -4.78 -3.06 5.00
N ARG A 47 -4.02 -3.78 5.82
CA ARG A 47 -2.93 -3.17 6.57
C ARG A 47 -1.65 -3.09 5.74
N ILE A 48 -1.41 -4.15 4.96
CA ILE A 48 -0.22 -4.20 4.11
C ILE A 48 -0.53 -3.73 2.70
N LYS A 49 -1.57 -2.90 2.57
CA LYS A 49 -1.97 -2.37 1.28
C LYS A 49 -2.36 -0.90 1.38
N ARG A 50 -2.00 -0.13 0.35
CA ARG A 50 -2.31 1.30 0.33
C ARG A 50 -3.22 1.64 -0.84
N ARG A 51 -4.10 2.62 -0.63
CA ARG A 51 -5.03 3.04 -1.67
C ARG A 51 -4.33 3.91 -2.71
N LYS A 52 -4.64 3.68 -3.98
CA LYS A 52 -4.03 4.43 -5.07
C LYS A 52 -4.74 5.77 -5.25
N GLY A 53 -4.01 6.74 -5.80
CA GLY A 53 -4.59 8.06 -6.02
C GLY A 53 -3.59 9.18 -5.81
N ARG A 54 -2.50 9.15 -6.58
CA ARG A 54 -1.46 10.16 -6.47
C ARG A 54 -2.02 11.55 -6.77
N TYR A 55 -3.05 11.60 -7.60
CA TYR A 55 -3.67 12.87 -7.97
C TYR A 55 -4.87 13.16 -7.08
N ARG A 56 -4.69 14.05 -6.12
CA ARG A 56 -5.77 14.43 -5.20
C ARG A 56 -5.94 15.94 -5.16
N GLN A 57 -7.15 16.40 -5.45
CA GLN A 57 -7.46 17.83 -5.45
C GLN A 57 -8.96 18.07 -5.45
N HIS A 58 -9.37 19.21 -4.92
CA HIS A 58 -10.78 19.56 -4.86
C HIS A 58 -10.99 21.06 -5.08
N ARG A 59 -12.25 21.49 -5.11
CA ARG A 59 -12.57 22.90 -5.31
C ARG A 59 -11.96 23.40 -6.62
N ARG A 60 -12.15 24.69 -6.89
CA ARG A 60 -11.62 25.31 -8.10
C ARG A 60 -10.62 26.41 -7.76
N LEU A 61 -9.64 26.59 -8.64
CA LEU A 61 -8.62 27.61 -8.44
C LEU A 61 -7.88 27.39 -7.12
N THR A 62 -7.92 26.16 -6.63
CA THR A 62 -7.26 25.82 -5.37
C THR A 62 -5.74 25.72 -5.55
N GLU A 63 -5.01 25.76 -4.44
CA GLU A 63 -3.55 25.67 -4.48
C GLU A 63 -3.10 24.46 -5.30
N GLU A 64 -3.91 23.40 -5.28
CA GLU A 64 -3.60 22.19 -6.02
C GLU A 64 -3.83 22.39 -7.52
N GLU A 65 -4.93 23.04 -7.85
CA GLU A 65 -5.27 23.29 -9.25
C GLU A 65 -4.28 24.25 -9.89
N LEU A 66 -3.97 25.33 -9.17
CA LEU A 66 -3.03 26.34 -9.66
C LEU A 66 -1.70 25.70 -10.07
N ALA A 67 -1.29 24.68 -9.31
CA ALA A 67 -0.05 23.97 -9.59
C ALA A 67 -0.22 22.99 -10.74
N THR A 68 -1.45 22.59 -11.00
CA THR A 68 -1.75 21.65 -12.08
C THR A 68 -1.87 22.37 -13.42
N ILE A 69 -2.55 23.52 -13.41
CA ILE A 69 -2.73 24.30 -14.63
C ILE A 69 -1.39 24.78 -15.18
N ARG A 70 -0.49 25.14 -14.27
CA ARG A 70 0.83 25.63 -14.66
C ARG A 70 1.55 24.59 -15.53
N GLU A 71 1.16 23.34 -15.38
CA GLU A 71 1.77 22.25 -16.15
C GLU A 71 1.74 22.57 -17.64
N LEU A 72 0.72 23.29 -18.07
CA LEU A 72 0.58 23.65 -19.48
C LEU A 72 1.85 24.33 -20.00
N TYR A 73 2.63 24.87 -19.08
CA TYR A 73 3.87 25.55 -19.45
C TYR A 73 4.98 24.55 -19.72
N LEU A 74 5.00 23.47 -18.94
CA LEU A 74 6.01 22.43 -19.09
C LEU A 74 5.75 21.61 -20.36
N LYS A 75 4.50 21.23 -20.57
CA LYS A 75 4.12 20.45 -21.74
C LYS A 75 3.89 21.35 -22.94
N GLY A 76 3.65 22.64 -22.68
CA GLY A 76 3.42 23.58 -23.75
C GLY A 76 1.99 23.53 -24.26
N ALA A 77 1.11 22.90 -23.50
CA ALA A 77 -0.29 22.78 -23.89
C ALA A 77 -0.96 24.15 -23.96
N THR A 78 -2.19 24.18 -24.46
CA THR A 78 -2.93 25.43 -24.59
C THR A 78 -4.07 25.50 -23.57
N VAL A 79 -4.78 26.62 -23.56
CA VAL A 79 -5.89 26.81 -22.63
C VAL A 79 -6.95 25.73 -22.82
N TYR A 80 -7.01 25.17 -24.02
CA TYR A 80 -7.97 24.11 -24.32
C TYR A 80 -7.59 22.81 -23.64
N GLU A 81 -6.30 22.48 -23.68
CA GLU A 81 -5.80 21.25 -23.07
C GLU A 81 -6.14 21.21 -21.58
N ILE A 82 -5.67 22.21 -20.85
CA ILE A 82 -5.93 22.29 -19.42
C ILE A 82 -7.42 22.20 -19.11
N ALA A 83 -8.23 22.70 -20.04
CA ALA A 83 -9.68 22.67 -19.89
C ALA A 83 -10.19 21.24 -19.82
N ARG A 84 -9.80 20.42 -20.78
CA ARG A 84 -10.23 19.02 -20.83
C ARG A 84 -9.52 18.20 -19.76
N GLN A 85 -8.31 18.62 -19.40
CA GLN A 85 -7.53 17.92 -18.39
C GLN A 85 -8.12 18.14 -17.01
N LEU A 86 -8.26 19.40 -16.62
CA LEU A 86 -8.82 19.74 -15.31
C LEU A 86 -10.31 19.43 -15.25
N GLY A 87 -10.92 19.27 -16.43
CA GLY A 87 -12.34 18.97 -16.48
C GLY A 87 -13.20 20.22 -16.57
N ARG A 88 -12.57 21.38 -16.40
CA ARG A 88 -13.29 22.65 -16.46
C ARG A 88 -13.53 23.07 -17.90
N PRO A 89 -14.60 23.85 -18.11
CA PRO A 89 -14.97 24.34 -19.45
C PRO A 89 -13.97 25.36 -19.99
N GLU A 90 -13.78 26.44 -19.25
CA GLU A 90 -12.86 27.50 -19.65
C GLU A 90 -12.96 28.70 -18.72
N SER A 91 -14.19 29.04 -18.34
CA SER A 91 -14.42 30.18 -17.45
C SER A 91 -13.53 30.09 -16.21
N THR A 92 -13.60 28.97 -15.51
CA THR A 92 -12.80 28.76 -14.31
C THR A 92 -11.32 28.89 -14.61
N ILE A 93 -10.90 28.37 -15.76
CA ILE A 93 -9.50 28.43 -16.16
C ILE A 93 -9.02 29.87 -16.30
N TYR A 94 -9.88 30.72 -16.86
CA TYR A 94 -9.55 32.13 -17.04
C TYR A 94 -9.32 32.82 -15.70
N TYR A 95 -10.10 32.42 -14.70
CA TYR A 95 -9.98 33.01 -13.37
C TYR A 95 -8.59 32.75 -12.79
N ALA A 96 -8.03 31.58 -13.09
CA ALA A 96 -6.72 31.22 -12.60
C ALA A 96 -5.66 32.21 -13.08
N LEU A 97 -5.52 32.32 -14.40
CA LEU A 97 -4.54 33.23 -14.99
C LEU A 97 -4.89 34.69 -14.68
N LYS A 98 -6.16 35.03 -14.85
CA LYS A 98 -6.64 36.38 -14.58
C LYS A 98 -6.29 36.81 -13.16
N LYS A 99 -6.81 36.07 -12.19
CA LYS A 99 -6.56 36.36 -10.78
C LYS A 99 -5.06 36.40 -10.49
N LEU A 100 -4.29 35.68 -11.30
CA LEU A 100 -2.84 35.63 -11.13
C LEU A 100 -2.20 36.95 -11.55
N GLY A 101 -2.87 37.67 -12.44
CA GLY A 101 -2.35 38.95 -12.91
C GLY A 101 -1.72 38.85 -14.29
N LEU A 102 -2.10 37.82 -15.04
CA LEU A 102 -1.56 37.62 -16.37
C LEU A 102 -2.52 38.15 -17.44
N LYS A 103 -2.01 39.03 -18.29
CA LYS A 103 -2.82 39.62 -19.35
C LYS A 103 -3.50 38.54 -20.18
N LEU A 104 -4.79 38.34 -19.94
CA LEU A 104 -5.56 37.33 -20.67
C LEU A 104 -6.70 37.98 -21.46
N GLU A 105 -7.44 38.86 -20.79
CA GLU A 105 -8.55 39.55 -21.43
C GLU A 105 -8.39 41.06 -21.33
N MET A 1 -3.53 -1.23 23.55
CA MET A 1 -2.08 -1.27 23.57
C MET A 1 -1.58 -2.71 23.46
N PRO A 2 -1.71 -3.29 22.26
CA PRO A 2 -1.28 -4.67 22.00
C PRO A 2 0.25 -4.81 22.01
N SER A 3 0.72 -6.00 22.39
CA SER A 3 2.15 -6.26 22.43
C SER A 3 2.57 -7.25 21.36
N VAL A 4 1.68 -8.20 21.07
CA VAL A 4 1.95 -9.21 20.05
C VAL A 4 1.93 -8.61 18.65
N ASN A 5 1.05 -7.62 18.46
CA ASN A 5 0.93 -6.96 17.17
C ASN A 5 2.13 -6.04 16.91
N ASP A 6 2.75 -5.58 17.97
CA ASP A 6 3.92 -4.70 17.86
C ASP A 6 4.97 -5.30 16.93
N SER A 7 5.34 -6.55 17.21
CA SER A 7 6.34 -7.24 16.40
C SER A 7 5.81 -7.49 14.99
N LEU A 8 4.51 -7.73 14.89
CA LEU A 8 3.89 -8.00 13.59
C LEU A 8 3.93 -6.76 12.70
N ASP A 9 3.87 -5.58 13.33
CA ASP A 9 3.90 -4.33 12.59
C ASP A 9 5.22 -4.19 11.82
N ILE A 10 6.28 -4.77 12.36
CA ILE A 10 7.59 -4.72 11.71
C ILE A 10 7.65 -5.66 10.52
N VAL A 11 7.42 -6.95 10.77
CA VAL A 11 7.46 -7.96 9.72
C VAL A 11 6.52 -7.59 8.57
N GLU A 12 5.31 -7.14 8.93
CA GLU A 12 4.32 -6.75 7.93
C GLU A 12 4.76 -5.47 7.20
N LYS A 13 5.44 -4.60 7.92
CA LYS A 13 5.91 -3.34 7.34
C LYS A 13 6.83 -3.60 6.16
N LEU A 14 7.55 -4.72 6.20
CA LEU A 14 8.48 -5.07 5.13
C LEU A 14 7.72 -5.53 3.90
N TYR A 15 6.81 -6.48 4.07
CA TYR A 15 6.02 -7.00 2.96
C TYR A 15 5.31 -5.86 2.22
N LYS A 16 4.54 -5.08 2.95
CA LYS A 16 3.80 -3.96 2.38
C LYS A 16 4.76 -2.95 1.75
N ASP A 17 5.98 -2.89 2.28
CA ASP A 17 6.99 -1.97 1.78
C ASP A 17 7.55 -2.45 0.44
N GLY A 18 7.42 -3.77 0.19
CA GLY A 18 7.92 -4.33 -1.04
C GLY A 18 9.01 -5.36 -0.81
N VAL A 19 8.75 -6.29 0.10
CA VAL A 19 9.73 -7.33 0.41
C VAL A 19 9.13 -8.72 0.19
N PRO A 20 9.91 -9.58 -0.49
CA PRO A 20 9.48 -10.95 -0.79
C PRO A 20 9.42 -11.83 0.45
N VAL A 21 8.53 -12.82 0.44
CA VAL A 21 8.37 -13.73 1.57
C VAL A 21 9.72 -14.31 1.99
N LYS A 22 10.49 -14.77 1.01
CA LYS A 22 11.81 -15.35 1.28
C LYS A 22 12.66 -14.40 2.12
N GLU A 23 12.57 -13.11 1.81
CA GLU A 23 13.34 -12.10 2.53
C GLU A 23 12.70 -11.81 3.88
N ILE A 24 11.38 -11.61 3.89
CA ILE A 24 10.67 -11.31 5.11
C ILE A 24 10.94 -12.38 6.18
N ALA A 25 11.04 -13.63 5.74
CA ALA A 25 11.30 -14.74 6.66
C ALA A 25 12.57 -14.51 7.45
N LYS A 26 13.61 -14.03 6.76
CA LYS A 26 14.90 -13.77 7.40
C LYS A 26 14.80 -12.56 8.34
N ARG A 27 14.25 -11.46 7.82
CA ARG A 27 14.11 -10.24 8.62
C ARG A 27 13.30 -10.52 9.88
N SER A 28 12.15 -11.16 9.73
CA SER A 28 11.30 -11.48 10.85
C SER A 28 11.81 -12.69 11.61
N ASN A 29 12.79 -13.38 11.03
CA ASN A 29 13.37 -14.56 11.65
C ASN A 29 12.33 -15.66 11.81
N ASN A 30 11.37 -15.70 10.90
CA ASN A 30 10.31 -16.70 10.94
C ASN A 30 10.42 -17.65 9.76
N SER A 31 9.49 -18.61 9.68
CA SER A 31 9.48 -19.58 8.60
C SER A 31 8.56 -19.14 7.48
N MET A 32 8.76 -19.69 6.29
CA MET A 32 7.94 -19.35 5.14
C MET A 32 6.45 -19.55 5.44
N SER A 33 6.15 -20.57 6.24
CA SER A 33 4.77 -20.88 6.60
C SER A 33 4.29 -19.93 7.69
N THR A 34 5.23 -19.35 8.43
CA THR A 34 4.90 -18.42 9.50
C THR A 34 4.67 -17.01 8.96
N VAL A 35 5.61 -16.52 8.17
CA VAL A 35 5.50 -15.19 7.58
C VAL A 35 4.29 -15.08 6.67
N TYR A 36 4.23 -15.96 5.67
CA TYR A 36 3.13 -15.96 4.72
C TYR A 36 1.79 -15.99 5.44
N LYS A 37 1.71 -16.80 6.50
CA LYS A 37 0.49 -16.92 7.29
C LYS A 37 0.09 -15.58 7.89
N ALA A 38 1.09 -14.74 8.18
CA ALA A 38 0.83 -13.43 8.75
C ALA A 38 0.36 -12.44 7.69
N LEU A 39 0.98 -12.50 6.51
CA LEU A 39 0.63 -11.61 5.41
C LEU A 39 -0.86 -11.77 5.05
N GLU A 40 -1.28 -13.00 4.86
CA GLU A 40 -2.67 -13.29 4.51
C GLU A 40 -3.62 -12.74 5.57
N LYS A 41 -3.16 -12.72 6.82
CA LYS A 41 -3.97 -12.21 7.92
C LYS A 41 -3.96 -10.70 7.96
N LEU A 42 -2.81 -10.11 7.64
CA LEU A 42 -2.66 -8.65 7.64
C LEU A 42 -3.44 -8.04 6.48
N GLU A 43 -3.22 -8.57 5.27
CA GLU A 43 -3.90 -8.07 4.09
C GLU A 43 -5.41 -8.09 4.28
N ALA A 44 -5.91 -9.07 5.03
CA ALA A 44 -7.34 -9.20 5.29
C ALA A 44 -7.84 -8.07 6.17
N MET A 45 -6.92 -7.48 6.94
CA MET A 45 -7.27 -6.37 7.83
C MET A 45 -6.94 -5.03 7.18
N GLY A 46 -5.98 -5.03 6.27
CA GLY A 46 -5.59 -3.82 5.60
C GLY A 46 -4.35 -3.18 6.22
N ARG A 47 -3.53 -4.00 6.86
CA ARG A 47 -2.31 -3.52 7.50
C ARG A 47 -1.18 -3.36 6.49
N ILE A 48 -1.09 -4.32 5.56
CA ILE A 48 -0.06 -4.29 4.54
C ILE A 48 -0.58 -3.66 3.25
N LYS A 49 -1.44 -2.65 3.40
CA LYS A 49 -2.00 -1.96 2.25
C LYS A 49 -1.53 -0.51 2.20
N ARG A 50 -1.40 0.02 0.99
CA ARG A 50 -0.96 1.40 0.80
C ARG A 50 -1.92 2.37 1.47
N ARG A 51 -1.51 3.64 1.56
CA ARG A 51 -2.33 4.67 2.19
C ARG A 51 -2.61 4.33 3.64
N LYS A 52 -3.26 5.25 4.35
CA LYS A 52 -3.59 5.05 5.76
C LYS A 52 -5.10 5.12 5.97
N GLY A 53 -5.66 4.03 6.49
CA GLY A 53 -7.09 3.99 6.74
C GLY A 53 -7.49 2.84 7.66
N ARG A 54 -7.10 2.95 8.93
CA ARG A 54 -7.41 1.92 9.91
C ARG A 54 -8.16 2.51 11.10
N TYR A 55 -7.69 3.65 11.59
CA TYR A 55 -8.31 4.31 12.72
C TYR A 55 -8.28 3.43 13.97
N ARG A 56 -7.10 3.33 14.56
CA ARG A 56 -6.93 2.51 15.77
C ARG A 56 -5.68 2.94 16.54
N GLN A 57 -5.41 2.26 17.64
CA GLN A 57 -4.24 2.56 18.46
C GLN A 57 -4.29 4.00 18.97
N HIS A 58 -4.82 4.18 20.17
CA HIS A 58 -4.93 5.51 20.77
C HIS A 58 -5.63 6.48 19.83
N ARG A 59 -6.90 6.19 19.53
CA ARG A 59 -7.69 7.03 18.64
C ARG A 59 -9.18 6.81 18.86
N ARG A 60 -9.60 6.79 20.12
CA ARG A 60 -11.00 6.58 20.45
C ARG A 60 -11.55 7.75 21.25
N LEU A 61 -12.17 8.71 20.56
CA LEU A 61 -12.74 9.88 21.22
C LEU A 61 -11.65 10.71 21.88
N THR A 62 -10.65 11.10 21.10
CA THR A 62 -9.55 11.91 21.62
C THR A 62 -9.66 13.36 21.16
N GLU A 63 -8.78 14.21 21.68
CA GLU A 63 -8.77 15.62 21.31
C GLU A 63 -8.65 15.79 19.80
N GLU A 64 -8.13 14.77 19.14
CA GLU A 64 -7.95 14.81 17.69
C GLU A 64 -9.30 14.91 16.98
N GLU A 65 -10.24 14.07 17.40
CA GLU A 65 -11.58 14.05 16.81
C GLU A 65 -12.37 15.29 17.21
N LEU A 66 -12.13 15.76 18.44
CA LEU A 66 -12.83 16.93 18.95
C LEU A 66 -12.66 18.12 18.01
N ALA A 67 -11.53 18.16 17.31
CA ALA A 67 -11.24 19.24 16.37
C ALA A 67 -11.96 19.01 15.05
N THR A 68 -12.23 17.75 14.74
CA THR A 68 -12.91 17.41 13.49
C THR A 68 -14.43 17.53 13.64
N ILE A 69 -14.94 17.15 14.81
CA ILE A 69 -16.37 17.23 15.08
C ILE A 69 -16.85 18.68 15.08
N ARG A 70 -16.02 19.57 15.61
CA ARG A 70 -16.37 20.98 15.68
C ARG A 70 -16.68 21.53 14.28
N GLU A 71 -16.15 20.87 13.26
CA GLU A 71 -16.38 21.28 11.88
C GLU A 71 -17.87 21.43 11.59
N LEU A 72 -18.67 20.61 12.26
CA LEU A 72 -20.13 20.64 12.07
C LEU A 72 -20.67 22.05 12.26
N TYR A 73 -19.91 22.88 12.97
CA TYR A 73 -20.31 24.26 13.23
C TYR A 73 -20.07 25.12 12.00
N LEU A 74 -18.95 24.90 11.32
CA LEU A 74 -18.61 25.66 10.12
C LEU A 74 -19.47 25.24 8.95
N LYS A 75 -19.65 23.93 8.78
CA LYS A 75 -20.45 23.40 7.69
C LYS A 75 -21.93 23.44 8.03
N GLY A 76 -22.23 23.53 9.32
CA GLY A 76 -23.61 23.58 9.77
C GLY A 76 -24.25 22.20 9.83
N ALA A 77 -23.42 21.17 9.79
CA ALA A 77 -23.91 19.80 9.84
C ALA A 77 -24.63 19.51 11.16
N THR A 78 -25.26 18.35 11.25
CA THR A 78 -25.98 17.96 12.46
C THR A 78 -25.31 16.79 13.15
N VAL A 79 -25.84 16.41 14.30
CA VAL A 79 -25.28 15.30 15.07
C VAL A 79 -25.24 14.02 14.24
N TYR A 80 -26.18 13.89 13.31
CA TYR A 80 -26.26 12.72 12.44
C TYR A 80 -25.14 12.73 11.41
N GLU A 81 -24.67 13.93 11.08
CA GLU A 81 -23.60 14.08 10.10
C GLU A 81 -22.26 13.63 10.68
N ILE A 82 -21.90 14.21 11.82
CA ILE A 82 -20.63 13.86 12.48
C ILE A 82 -20.54 12.36 12.70
N ALA A 83 -21.68 11.71 12.94
CA ALA A 83 -21.70 10.28 13.17
C ALA A 83 -21.21 9.52 11.95
N ARG A 84 -21.75 9.86 10.79
CA ARG A 84 -21.36 9.21 9.54
C ARG A 84 -19.97 9.64 9.11
N GLN A 85 -19.70 10.94 9.20
CA GLN A 85 -18.40 11.49 8.82
C GLN A 85 -17.29 10.77 9.54
N LEU A 86 -17.34 10.76 10.87
CA LEU A 86 -16.33 10.11 11.69
C LEU A 86 -16.54 8.60 11.72
N GLY A 87 -17.75 8.17 11.36
CA GLY A 87 -18.06 6.75 11.36
C GLY A 87 -18.14 6.17 12.76
N ARG A 88 -18.70 6.94 13.69
CA ARG A 88 -18.83 6.49 15.06
C ARG A 88 -20.30 6.26 15.43
N PRO A 89 -20.52 5.41 16.44
CA PRO A 89 -21.88 5.09 16.90
C PRO A 89 -22.55 6.26 17.60
N GLU A 90 -23.70 6.00 18.21
CA GLU A 90 -24.44 7.04 18.91
C GLU A 90 -23.88 7.26 20.31
N SER A 91 -23.24 6.23 20.85
CA SER A 91 -22.67 6.30 22.19
C SER A 91 -21.39 7.14 22.18
N THR A 92 -20.54 6.91 21.18
CA THR A 92 -19.29 7.64 21.05
C THR A 92 -19.53 9.15 21.00
N ILE A 93 -20.44 9.56 20.13
CA ILE A 93 -20.76 10.98 19.98
C ILE A 93 -21.43 11.52 21.25
N TYR A 94 -22.34 10.73 21.81
CA TYR A 94 -23.04 11.13 23.02
C TYR A 94 -22.08 11.31 24.18
N TYR A 95 -21.05 10.48 24.21
CA TYR A 95 -20.05 10.54 25.27
C TYR A 95 -19.17 11.78 25.13
N ALA A 96 -18.86 12.14 23.89
CA ALA A 96 -18.05 13.31 23.62
C ALA A 96 -18.68 14.57 24.20
N LEU A 97 -19.93 14.83 23.84
CA LEU A 97 -20.65 16.00 24.33
C LEU A 97 -20.95 15.88 25.82
N LYS A 98 -21.51 14.74 26.21
CA LYS A 98 -21.84 14.49 27.61
C LYS A 98 -20.62 14.71 28.51
N LYS A 99 -19.56 13.98 28.24
CA LYS A 99 -18.33 14.08 29.02
C LYS A 99 -17.81 15.53 29.02
N LEU A 100 -18.17 16.26 27.97
CA LEU A 100 -17.74 17.66 27.83
C LEU A 100 -18.48 18.54 28.83
N GLY A 101 -19.67 18.12 29.23
CA GLY A 101 -20.46 18.88 30.16
C GLY A 101 -21.60 19.63 29.50
N LEU A 102 -21.98 19.19 28.31
CA LEU A 102 -23.06 19.81 27.56
C LEU A 102 -24.42 19.36 28.07
N LYS A 103 -25.48 19.95 27.53
CA LYS A 103 -26.84 19.59 27.93
C LYS A 103 -27.53 18.76 26.87
N LEU A 104 -26.89 17.66 26.46
CA LEU A 104 -27.44 16.78 25.45
C LEU A 104 -28.59 15.95 26.01
N GLU A 105 -29.81 16.35 25.72
CA GLU A 105 -30.99 15.64 26.20
C GLU A 105 -31.80 15.07 25.02
#